data_2HRD
#
_entry.id   2HRD
#
_cell.length_a   88.200
_cell.length_b   123.400
_cell.length_c   133.200
_cell.angle_alpha   90.00
_cell.angle_beta   90.00
_cell.angle_gamma   90.00
#
_symmetry.space_group_name_H-M   'P 21 21 21'
#
loop_
_entity.id
_entity.type
_entity.pdbx_description
1 polymer 'Uridine phosphorylase'
2 non-polymer 'PHOSPHATE ION'
3 non-polymer THYMINE
4 non-polymer GLYCEROL
5 non-polymer 'PENTAETHYLENE GLYCOL'
6 water water
#
_entity_poly.entity_id   1
_entity_poly.type   'polypeptide(L)'
_entity_poly.pdbx_seq_one_letter_code
;MSKSDVFHLGLTKNDLQGAQLAIVPGDPERVEKIAALMDKPVKLASHREFTSWRAELDGKAVIVCSTGIGGPSTSIAVEE
LAQLGIRTFLRIGTTGAIQPHINVGDVLVTTASVRLDGASLHFAPMEFPAVADFACTTALVEAAKSIGATTHVGVTASSD
TFYPGQERYDTYSGRVVRRFKGSMEEWQAMGVMNYEMESATLLTMCASQGLRAGMVAGVIVNRTQQEIPNAETMKQTESH
AVKIVVEAARRLL
;
_entity_poly.pdbx_strand_id   A,B,C,D,E,F
#
loop_
_chem_comp.id
_chem_comp.type
_chem_comp.name
_chem_comp.formula
1PE non-polymer 'PENTAETHYLENE GLYCOL' 'C10 H22 O6'
GOL non-polymer GLYCEROL 'C3 H8 O3'
PO4 non-polymer 'PHOSPHATE ION' 'O4 P -3'
TDR non-polymer THYMINE 'C5 H6 N2 O2'
#
# COMPACT_ATOMS: atom_id res chain seq x y z
N LYS A 3 -25.31 -25.78 25.77
CA LYS A 3 -25.77 -25.78 24.35
C LYS A 3 -25.42 -24.48 23.62
N SER A 4 -24.64 -24.60 22.55
CA SER A 4 -24.35 -23.48 21.66
C SER A 4 -24.00 -24.00 20.28
N ASP A 5 -24.61 -23.38 19.27
CA ASP A 5 -24.29 -23.69 17.86
C ASP A 5 -23.02 -22.98 17.42
N VAL A 6 -22.59 -22.00 18.23
CA VAL A 6 -21.49 -21.10 17.88
C VAL A 6 -20.48 -20.97 19.04
N PHE A 7 -19.24 -20.61 18.71
CA PHE A 7 -18.16 -20.70 19.68
C PHE A 7 -18.18 -19.64 20.79
N HIS A 8 -18.60 -18.42 20.47
CA HIS A 8 -18.51 -17.32 21.44
C HIS A 8 -19.82 -16.88 22.07
N LEU A 9 -20.90 -16.85 21.28
CA LEU A 9 -22.14 -16.22 21.72
C LEU A 9 -22.96 -17.04 22.71
N GLY A 10 -22.74 -18.35 22.73
CA GLY A 10 -23.52 -19.24 23.59
C GLY A 10 -24.99 -19.29 23.18
N LEU A 11 -25.23 -19.31 21.88
CA LEU A 11 -26.58 -19.32 21.33
C LEU A 11 -26.80 -20.47 20.36
N THR A 12 -28.06 -20.90 20.25
CA THR A 12 -28.48 -21.94 19.33
C THR A 12 -29.50 -21.35 18.36
N LYS A 13 -29.71 -22.03 17.23
CA LYS A 13 -30.76 -21.60 16.31
C LYS A 13 -32.12 -21.56 17.01
N ASN A 14 -32.35 -22.52 17.91
CA ASN A 14 -33.56 -22.55 18.74
C ASN A 14 -33.78 -21.24 19.50
N ASP A 15 -32.70 -20.67 20.04
CA ASP A 15 -32.73 -19.40 20.76
C ASP A 15 -33.26 -18.25 19.91
N LEU A 16 -33.02 -18.31 18.61
CA LEU A 16 -33.43 -17.24 17.71
C LEU A 16 -34.92 -17.26 17.41
N GLN A 17 -35.53 -18.44 17.55
CA GLN A 17 -36.96 -18.62 17.27
C GLN A 17 -37.34 -18.04 15.92
N GLY A 18 -36.47 -18.26 14.93
CA GLY A 18 -36.72 -17.83 13.56
C GLY A 18 -36.27 -16.42 13.24
N ALA A 19 -35.64 -15.76 14.21
CA ALA A 19 -35.11 -14.41 14.02
C ALA A 19 -34.20 -14.35 12.81
N GLN A 20 -34.38 -13.30 12.00
CA GLN A 20 -33.50 -13.07 10.86
C GLN A 20 -32.89 -11.68 10.92
N LEU A 21 -33.27 -10.91 11.93
CA LEU A 21 -32.71 -9.59 12.13
C LEU A 21 -32.13 -9.48 13.53
N ALA A 22 -30.94 -8.87 13.61
CA ALA A 22 -30.30 -8.59 14.89
C ALA A 22 -29.99 -7.10 15.02
N ILE A 23 -30.29 -6.56 16.20
CA ILE A 23 -29.85 -5.22 16.56
C ILE A 23 -28.58 -5.40 17.38
N VAL A 24 -27.52 -4.71 16.98
CA VAL A 24 -26.20 -4.98 17.53
C VAL A 24 -25.52 -3.74 18.11
N PRO A 25 -25.78 -3.45 19.40
CA PRO A 25 -25.08 -2.34 20.05
C PRO A 25 -23.66 -2.75 20.40
N GLY A 26 -22.78 -1.78 20.65
CA GLY A 26 -21.42 -2.11 21.09
C GLY A 26 -21.43 -2.51 22.56
N ASP A 27 -22.25 -1.81 23.34
CA ASP A 27 -22.24 -1.92 24.79
C ASP A 27 -23.20 -3.01 25.27
N PRO A 28 -22.69 -4.02 26.00
CA PRO A 28 -23.57 -5.07 26.55
C PRO A 28 -24.71 -4.51 27.41
N GLU A 29 -24.45 -3.42 28.12
CA GLU A 29 -25.44 -2.79 29.01
CA GLU A 29 -25.47 -2.83 29.01
C GLU A 29 -26.65 -2.25 28.26
N ARG A 30 -26.45 -1.91 26.98
CA ARG A 30 -27.51 -1.34 26.14
C ARG A 30 -28.48 -2.40 25.62
N VAL A 31 -28.08 -3.66 25.66
CA VAL A 31 -28.89 -4.74 25.08
C VAL A 31 -30.27 -4.82 25.72
N GLU A 32 -30.31 -4.84 27.05
CA GLU A 32 -31.57 -4.87 27.78
C GLU A 32 -32.44 -3.66 27.48
N LYS A 33 -31.80 -2.49 27.37
CA LYS A 33 -32.47 -1.22 27.08
CA LYS A 33 -32.49 -1.23 27.08
C LYS A 33 -33.17 -1.25 25.72
N ILE A 34 -32.45 -1.75 24.70
CA ILE A 34 -32.99 -1.90 23.36
C ILE A 34 -34.16 -2.89 23.38
N ALA A 35 -33.97 -4.02 24.07
CA ALA A 35 -34.97 -5.08 24.12
C ALA A 35 -36.25 -4.61 24.82
N ALA A 36 -36.08 -3.66 25.75
CA ALA A 36 -37.19 -3.09 26.52
C ALA A 36 -38.16 -2.27 25.65
N LEU A 37 -37.74 -1.90 24.45
CA LEU A 37 -38.62 -1.18 23.52
C LEU A 37 -39.40 -2.14 22.65
N MET A 38 -39.18 -3.42 22.86
CA MET A 38 -39.80 -4.45 22.02
CA MET A 38 -39.76 -4.47 22.02
C MET A 38 -40.71 -5.36 22.82
N ASP A 39 -41.31 -6.33 22.14
CA ASP A 39 -42.33 -7.20 22.73
C ASP A 39 -41.71 -8.40 23.46
N LYS A 40 -42.15 -8.63 24.69
CA LYS A 40 -41.75 -9.77 25.53
C LYS A 40 -40.26 -10.11 25.46
N PRO A 41 -39.38 -9.14 25.78
CA PRO A 41 -37.95 -9.43 25.76
C PRO A 41 -37.54 -10.46 26.81
N VAL A 42 -36.60 -11.31 26.44
CA VAL A 42 -36.03 -12.28 27.37
C VAL A 42 -34.53 -12.35 27.16
N LYS A 43 -33.78 -12.46 28.25
CA LYS A 43 -32.33 -12.61 28.14
C LYS A 43 -32.01 -14.02 27.64
N LEU A 44 -31.01 -14.10 26.76
CA LEU A 44 -30.60 -15.40 26.21
C LEU A 44 -29.28 -15.86 26.82
N ALA A 45 -28.27 -15.00 26.76
CA ALA A 45 -26.94 -15.37 27.17
C ALA A 45 -26.04 -14.16 27.38
N SER A 46 -24.98 -14.38 28.16
CA SER A 46 -23.94 -13.39 28.35
CA SER A 46 -23.93 -13.38 28.36
C SER A 46 -22.60 -14.11 28.46
N HIS A 47 -21.74 -13.88 27.47
CA HIS A 47 -20.41 -14.47 27.44
C HIS A 47 -19.47 -13.42 26.89
N ARG A 48 -18.37 -13.19 27.60
CA ARG A 48 -17.44 -12.12 27.27
C ARG A 48 -18.25 -10.84 27.04
N GLU A 49 -17.96 -10.12 25.96
CA GLU A 49 -18.67 -8.88 25.64
C GLU A 49 -19.97 -9.10 24.88
N PHE A 50 -20.41 -10.36 24.80
CA PHE A 50 -21.57 -10.72 24.00
C PHE A 50 -22.77 -11.06 24.87
N THR A 51 -23.60 -10.04 25.09
CA THR A 51 -24.84 -10.19 25.83
C THR A 51 -25.97 -10.18 24.82
N SER A 52 -26.85 -11.18 24.91
CA SER A 52 -27.91 -11.35 23.93
C SER A 52 -29.27 -11.50 24.56
N TRP A 53 -30.24 -10.86 23.93
CA TRP A 53 -31.64 -10.98 24.29
C TRP A 53 -32.43 -11.28 23.02
N ARG A 54 -33.59 -11.90 23.20
CA ARG A 54 -34.55 -12.05 22.12
C ARG A 54 -35.81 -11.28 22.52
N ALA A 55 -36.41 -10.61 21.54
CA ALA A 55 -37.74 -10.02 21.73
C ALA A 55 -38.48 -10.11 20.41
N GLU A 56 -39.71 -9.60 20.39
CA GLU A 56 -40.53 -9.64 19.18
CA GLU A 56 -40.49 -9.62 19.17
C GLU A 56 -40.90 -8.23 18.71
N LEU A 57 -40.98 -8.08 17.40
CA LEU A 57 -41.56 -6.89 16.80
CA LEU A 57 -41.55 -6.89 16.79
C LEU A 57 -42.62 -7.35 15.81
N ASP A 58 -43.87 -6.99 16.11
CA ASP A 58 -45.07 -7.48 15.42
C ASP A 58 -44.98 -8.93 14.94
N GLY A 59 -44.84 -9.83 15.92
CA GLY A 59 -44.91 -11.26 15.67
C GLY A 59 -43.63 -11.94 15.25
N LYS A 60 -42.63 -11.15 14.87
CA LYS A 60 -41.33 -11.69 14.44
CA LYS A 60 -41.33 -11.69 14.44
C LYS A 60 -40.29 -11.58 15.53
N ALA A 61 -39.54 -12.66 15.72
CA ALA A 61 -38.45 -12.69 16.68
C ALA A 61 -37.31 -11.83 16.17
N VAL A 62 -36.67 -11.10 17.09
CA VAL A 62 -35.52 -10.26 16.78
C VAL A 62 -34.50 -10.50 17.88
N ILE A 63 -33.23 -10.59 17.49
CA ILE A 63 -32.13 -10.71 18.44
C ILE A 63 -31.54 -9.34 18.71
N VAL A 64 -31.23 -9.07 19.97
CA VAL A 64 -30.38 -7.94 20.33
C VAL A 64 -29.12 -8.54 20.92
N CYS A 65 -27.97 -8.23 20.34
CA CYS A 65 -26.71 -8.82 20.78
C CYS A 65 -25.61 -7.80 20.71
N SER A 66 -24.91 -7.61 21.82
CA SER A 66 -23.77 -6.69 21.83
C SER A 66 -22.58 -7.23 21.06
N THR A 67 -21.79 -6.32 20.52
CA THR A 67 -20.61 -6.67 19.74
C THR A 67 -19.32 -6.46 20.53
N GLY A 68 -19.41 -5.68 21.59
CA GLY A 68 -18.21 -5.13 22.24
C GLY A 68 -17.66 -4.01 21.34
N ILE A 69 -16.61 -3.35 21.82
CA ILE A 69 -15.97 -2.30 21.05
C ILE A 69 -15.02 -2.87 19.99
N GLY A 70 -15.15 -2.39 18.78
CA GLY A 70 -14.19 -2.69 17.73
C GLY A 70 -14.60 -3.76 16.74
N GLY A 71 -14.02 -3.66 15.56
CA GLY A 71 -14.25 -4.63 14.48
C GLY A 71 -14.03 -6.09 14.84
N PRO A 72 -12.92 -6.42 15.53
CA PRO A 72 -12.69 -7.83 15.87
C PRO A 72 -13.85 -8.53 16.59
N SER A 73 -14.30 -7.97 17.70
CA SER A 73 -15.41 -8.58 18.43
C SER A 73 -16.73 -8.46 17.65
N THR A 74 -16.89 -7.36 16.93
CA THR A 74 -18.02 -7.19 16.01
C THR A 74 -18.04 -8.32 14.99
N SER A 75 -16.88 -8.61 14.39
CA SER A 75 -16.79 -9.64 13.35
C SER A 75 -17.18 -11.02 13.88
N ILE A 76 -16.87 -11.29 15.14
CA ILE A 76 -17.26 -12.53 15.79
C ILE A 76 -18.78 -12.58 15.96
N ALA A 77 -19.34 -11.54 16.57
CA ALA A 77 -20.79 -11.47 16.80
C ALA A 77 -21.57 -11.62 15.50
N VAL A 78 -21.20 -10.86 14.48
CA VAL A 78 -21.91 -10.89 13.20
C VAL A 78 -21.79 -12.25 12.52
N GLU A 79 -20.58 -12.80 12.51
CA GLU A 79 -20.36 -14.11 11.88
C GLU A 79 -21.20 -15.19 12.54
N GLU A 80 -21.16 -15.23 13.87
CA GLU A 80 -21.85 -16.28 14.61
C GLU A 80 -23.37 -16.10 14.56
N LEU A 81 -23.83 -14.85 14.58
CA LEU A 81 -25.25 -14.58 14.33
C LEU A 81 -25.66 -15.02 12.92
N ALA A 82 -24.80 -14.76 11.93
CA ALA A 82 -25.07 -15.21 10.57
C ALA A 82 -25.17 -16.74 10.52
N GLN A 83 -24.25 -17.43 11.18
CA GLN A 83 -24.31 -18.89 11.29
C GLN A 83 -25.65 -19.33 11.86
N LEU A 84 -26.16 -18.57 12.84
CA LEU A 84 -27.41 -18.88 13.52
C LEU A 84 -28.65 -18.54 12.69
N GLY A 85 -28.46 -17.77 11.63
CA GLY A 85 -29.56 -17.45 10.71
C GLY A 85 -29.89 -15.98 10.52
N ILE A 86 -29.17 -15.10 11.21
CA ILE A 86 -29.42 -13.67 11.06
C ILE A 86 -28.93 -13.19 9.68
N ARG A 87 -29.76 -12.42 9.00
CA ARG A 87 -29.43 -11.93 7.65
C ARG A 87 -29.40 -10.40 7.57
N THR A 88 -29.94 -9.75 8.60
CA THR A 88 -29.99 -8.29 8.67
C THR A 88 -29.47 -7.84 10.02
N PHE A 89 -28.54 -6.88 10.00
CA PHE A 89 -27.92 -6.36 11.20
C PHE A 89 -28.07 -4.85 11.24
N LEU A 90 -28.60 -4.35 12.35
CA LEU A 90 -28.66 -2.92 12.58
C LEU A 90 -27.79 -2.57 13.77
N ARG A 91 -26.72 -1.85 13.51
CA ARG A 91 -25.88 -1.38 14.61
C ARG A 91 -26.47 -0.10 15.18
N ILE A 92 -26.50 -0.05 16.51
CA ILE A 92 -26.89 1.14 17.24
C ILE A 92 -25.71 1.50 18.12
N GLY A 93 -25.07 2.63 17.80
CA GLY A 93 -23.86 3.02 18.51
C GLY A 93 -23.93 4.38 19.16
N THR A 94 -22.82 4.74 19.80
CA THR A 94 -22.58 6.11 20.23
C THR A 94 -21.48 6.66 19.35
N THR A 95 -21.42 7.97 19.23
CA THR A 95 -20.51 8.57 18.28
C THR A 95 -20.11 9.98 18.68
N GLY A 96 -18.91 10.37 18.23
CA GLY A 96 -18.45 11.74 18.37
C GLY A 96 -18.59 12.44 17.02
N ALA A 97 -19.39 13.50 17.00
CA ALA A 97 -19.55 14.29 15.77
C ALA A 97 -18.31 15.14 15.54
N ILE A 98 -17.94 15.30 14.27
CA ILE A 98 -16.78 16.14 13.93
C ILE A 98 -17.16 17.37 13.10
N GLN A 99 -18.43 17.48 12.76
CA GLN A 99 -18.94 18.67 12.05
C GLN A 99 -19.56 19.63 13.06
N PRO A 100 -19.26 20.94 12.92
CA PRO A 100 -19.61 21.94 13.92
C PRO A 100 -21.10 22.04 14.27
N HIS A 101 -21.97 21.78 13.30
CA HIS A 101 -23.41 21.97 13.53
C HIS A 101 -24.20 20.67 13.67
N ILE A 102 -23.48 19.57 13.91
CA ILE A 102 -24.09 18.32 14.35
C ILE A 102 -24.04 18.30 15.88
N ASN A 103 -25.19 18.52 16.50
CA ASN A 103 -25.26 18.70 17.95
C ASN A 103 -25.37 17.40 18.73
N VAL A 104 -24.95 17.45 20.00
CA VAL A 104 -25.12 16.34 20.92
C VAL A 104 -26.60 15.98 21.00
N GLY A 105 -26.91 14.69 20.88
CA GLY A 105 -28.29 14.24 20.87
C GLY A 105 -28.83 14.00 19.46
N ASP A 106 -28.17 14.58 18.46
CA ASP A 106 -28.50 14.30 17.06
C ASP A 106 -28.29 12.82 16.78
N VAL A 107 -29.00 12.32 15.78
CA VAL A 107 -28.91 10.93 15.35
C VAL A 107 -28.23 10.87 13.99
N LEU A 108 -27.21 10.04 13.87
CA LEU A 108 -26.46 9.94 12.63
C LEU A 108 -26.63 8.58 11.98
N VAL A 109 -27.12 8.60 10.74
CA VAL A 109 -27.31 7.39 9.94
C VAL A 109 -26.15 7.32 8.94
N THR A 110 -25.44 6.21 8.96
CA THR A 110 -24.24 6.04 8.15
C THR A 110 -24.59 5.36 6.83
N THR A 111 -24.27 6.04 5.73
CA THR A 111 -24.42 5.45 4.40
C THR A 111 -23.24 4.54 4.08
N ALA A 112 -22.05 4.97 4.50
CA ALA A 112 -20.83 4.19 4.32
C ALA A 112 -19.74 4.75 5.22
N SER A 113 -18.71 3.94 5.45
CA SER A 113 -17.69 4.31 6.40
C SER A 113 -16.28 4.39 5.81
N VAL A 114 -15.52 5.34 6.32
CA VAL A 114 -14.08 5.39 6.10
C VAL A 114 -13.50 4.24 6.90
N ARG A 115 -12.79 3.36 6.20
CA ARG A 115 -12.27 2.15 6.80
C ARG A 115 -10.95 2.38 7.52
N LEU A 116 -11.06 2.88 8.75
CA LEU A 116 -9.87 3.10 9.59
C LEU A 116 -9.71 1.95 10.59
N ASP A 117 -10.15 0.78 10.15
CA ASP A 117 -10.14 -0.45 10.94
C ASP A 117 -9.26 -1.48 10.24
N GLY A 118 -9.07 -2.62 10.88
CA GLY A 118 -8.33 -3.72 10.27
C GLY A 118 -9.21 -4.90 9.87
N ALA A 119 -10.30 -5.12 10.60
CA ALA A 119 -11.11 -6.32 10.38
C ALA A 119 -11.84 -6.31 9.04
N SER A 120 -12.21 -5.13 8.55
CA SER A 120 -12.86 -5.03 7.25
C SER A 120 -11.99 -5.66 6.16
N LEU A 121 -10.68 -5.48 6.30
CA LEU A 121 -9.71 -6.03 5.35
C LEU A 121 -9.66 -7.55 5.35
N HIS A 122 -10.22 -8.16 6.41
CA HIS A 122 -10.30 -9.62 6.49
C HIS A 122 -11.48 -10.17 5.69
N PHE A 123 -12.26 -9.27 5.10
CA PHE A 123 -13.43 -9.64 4.30
C PHE A 123 -13.36 -9.13 2.87
N ALA A 124 -12.72 -7.99 2.68
CA ALA A 124 -12.63 -7.36 1.36
C ALA A 124 -11.43 -6.41 1.33
N PRO A 125 -10.76 -6.30 0.17
CA PRO A 125 -9.63 -5.38 0.10
C PRO A 125 -10.11 -3.94 0.27
N MET A 126 -9.19 -3.03 0.58
CA MET A 126 -9.56 -1.66 0.94
C MET A 126 -10.43 -0.94 -0.10
N GLU A 127 -10.24 -1.29 -1.37
CA GLU A 127 -11.00 -0.63 -2.45
CA GLU A 127 -10.99 -0.71 -2.51
C GLU A 127 -12.50 -0.91 -2.38
N PHE A 128 -12.89 -1.99 -1.70
CA PHE A 128 -14.29 -2.32 -1.51
C PHE A 128 -14.94 -1.34 -0.53
N PRO A 129 -16.15 -0.85 -0.85
CA PRO A 129 -16.80 0.14 0.01
C PRO A 129 -17.44 -0.46 1.26
N ALA A 130 -17.17 0.14 2.42
CA ALA A 130 -17.87 -0.20 3.67
C ALA A 130 -19.25 0.46 3.63
N VAL A 131 -20.10 -0.03 2.74
CA VAL A 131 -21.39 0.60 2.46
C VAL A 131 -22.53 -0.12 3.15
N ALA A 132 -23.49 0.65 3.65
CA ALA A 132 -24.69 0.10 4.26
C ALA A 132 -25.65 -0.41 3.21
N ASP A 133 -26.54 -1.31 3.63
CA ASP A 133 -27.61 -1.83 2.78
C ASP A 133 -28.65 -0.73 2.56
N PHE A 134 -29.17 -0.65 1.34
CA PHE A 134 -30.12 0.40 0.98
C PHE A 134 -31.42 0.34 1.79
N ALA A 135 -31.97 -0.86 1.92
CA ALA A 135 -33.21 -1.05 2.68
C ALA A 135 -33.01 -0.69 4.15
N CYS A 136 -31.88 -1.08 4.71
CA CYS A 136 -31.58 -0.78 6.11
C CYS A 136 -31.43 0.71 6.34
N THR A 137 -30.70 1.36 5.45
CA THR A 137 -30.48 2.80 5.56
C THR A 137 -31.81 3.53 5.42
N THR A 138 -32.61 3.11 4.45
CA THR A 138 -33.95 3.66 4.24
C THR A 138 -34.80 3.53 5.51
N ALA A 139 -34.82 2.34 6.10
CA ALA A 139 -35.60 2.09 7.31
C ALA A 139 -35.16 2.98 8.47
N LEU A 140 -33.83 3.18 8.59
CA LEU A 140 -33.29 4.04 9.64
C LEU A 140 -33.68 5.50 9.44
N VAL A 141 -33.58 5.96 8.20
CA VAL A 141 -33.94 7.35 7.85
C VAL A 141 -35.42 7.58 8.14
N GLU A 142 -36.27 6.66 7.71
CA GLU A 142 -37.71 6.71 7.96
CA GLU A 142 -37.70 6.77 7.97
C GLU A 142 -38.03 6.65 9.45
N ALA A 143 -37.32 5.76 10.15
CA ALA A 143 -37.49 5.60 11.60
C ALA A 143 -37.13 6.88 12.33
N ALA A 144 -36.06 7.53 11.88
CA ALA A 144 -35.65 8.82 12.44
C ALA A 144 -36.76 9.86 12.33
N LYS A 145 -37.45 9.86 11.19
CA LYS A 145 -38.59 10.76 10.97
C LYS A 145 -39.79 10.38 11.84
N SER A 146 -39.98 9.08 12.05
CA SER A 146 -41.06 8.57 12.89
CA SER A 146 -41.06 8.57 12.89
C SER A 146 -40.90 9.02 14.35
N ILE A 147 -39.66 9.01 14.81
CA ILE A 147 -39.32 9.41 16.18
C ILE A 147 -39.21 10.94 16.31
N GLY A 148 -38.79 11.60 15.23
CA GLY A 148 -38.72 13.05 15.17
C GLY A 148 -37.39 13.67 15.57
N ALA A 149 -36.34 12.87 15.46
CA ALA A 149 -35.00 13.29 15.87
C ALA A 149 -34.34 14.16 14.82
N THR A 150 -33.45 15.06 15.26
CA THR A 150 -32.59 15.78 14.34
C THR A 150 -31.57 14.77 13.82
N THR A 151 -31.62 14.55 12.50
CA THR A 151 -30.90 13.43 11.90
C THR A 151 -30.02 13.91 10.77
N HIS A 152 -28.82 13.35 10.69
CA HIS A 152 -27.94 13.57 9.56
C HIS A 152 -27.55 12.24 8.97
N VAL A 153 -27.44 12.23 7.65
CA VAL A 153 -27.17 11.02 6.89
C VAL A 153 -25.91 11.24 6.07
N GLY A 154 -24.96 10.31 6.15
CA GLY A 154 -23.72 10.47 5.40
C GLY A 154 -22.61 9.54 5.85
N VAL A 155 -21.38 10.00 5.61
CA VAL A 155 -20.19 9.19 5.79
C VAL A 155 -19.68 9.29 7.22
N THR A 156 -19.21 8.16 7.74
CA THR A 156 -18.71 8.04 9.10
C THR A 156 -17.28 7.49 9.05
N ALA A 157 -16.41 8.02 9.90
CA ALA A 157 -15.05 7.49 10.02
C ALA A 157 -15.05 6.42 11.10
N SER A 158 -14.71 5.20 10.72
CA SER A 158 -14.80 4.07 11.63
C SER A 158 -13.41 3.59 12.01
N SER A 159 -13.05 3.83 13.26
CA SER A 159 -11.67 3.71 13.72
C SER A 159 -11.44 2.53 14.66
N ASP A 160 -10.31 1.85 14.46
CA ASP A 160 -9.89 0.78 15.37
C ASP A 160 -9.41 1.30 16.72
N THR A 161 -9.24 2.61 16.85
CA THR A 161 -8.94 3.18 18.16
C THR A 161 -9.88 4.31 18.54
N PHE A 162 -10.03 4.49 19.85
CA PHE A 162 -10.79 5.59 20.40
C PHE A 162 -9.92 6.84 20.40
N TYR A 163 -8.61 6.64 20.53
CA TYR A 163 -7.71 7.74 20.77
C TYR A 163 -6.94 8.25 19.53
N PRO A 164 -5.80 7.64 19.18
CA PRO A 164 -5.02 8.24 18.08
C PRO A 164 -5.72 8.22 16.71
N GLY A 165 -6.49 7.17 16.42
CA GLY A 165 -7.20 7.06 15.15
C GLY A 165 -8.33 8.07 15.01
N GLN A 166 -8.70 8.69 16.13
CA GLN A 166 -9.69 9.76 16.15
C GLN A 166 -9.02 11.08 16.49
N GLU A 167 -7.69 11.08 16.31
CA GLU A 167 -6.82 12.22 16.57
C GLU A 167 -7.10 12.91 17.91
N ARG A 168 -7.26 12.09 18.94
CA ARG A 168 -7.30 12.57 20.32
C ARG A 168 -5.88 12.71 20.83
N TYR A 169 -5.60 13.85 21.48
CA TYR A 169 -4.25 14.16 21.96
C TYR A 169 -4.12 14.11 23.47
N ASP A 170 -5.24 14.11 24.19
CA ASP A 170 -5.19 14.08 25.65
C ASP A 170 -5.03 12.64 26.10
N THR A 171 -3.84 12.12 25.88
CA THR A 171 -3.54 10.70 26.06
C THR A 171 -2.23 10.56 26.81
N TYR A 172 -1.93 9.32 27.17
CA TYR A 172 -0.66 9.00 27.82
C TYR A 172 0.53 9.57 27.06
N SER A 173 0.61 9.30 25.75
CA SER A 173 1.76 9.72 24.96
C SER A 173 1.64 11.16 24.49
N GLY A 174 0.40 11.63 24.32
CA GLY A 174 0.13 12.96 23.77
C GLY A 174 0.54 13.07 22.32
N ARG A 175 0.79 11.93 21.69
CA ARG A 175 1.22 11.88 20.30
CA ARG A 175 1.22 11.87 20.30
C ARG A 175 0.23 11.12 19.44
N VAL A 176 0.22 11.45 18.16
CA VAL A 176 -0.59 10.73 17.19
C VAL A 176 0.35 10.39 16.06
N VAL A 177 0.35 9.10 15.69
CA VAL A 177 1.19 8.59 14.60
C VAL A 177 0.93 9.38 13.31
N ARG A 178 1.97 9.49 12.49
CA ARG A 178 1.92 10.30 11.27
C ARG A 178 0.64 10.14 10.45
N ARG A 179 0.22 8.89 10.27
CA ARG A 179 -0.96 8.57 9.46
C ARG A 179 -2.20 9.37 9.88
N PHE A 180 -2.34 9.58 11.19
CA PHE A 180 -3.52 10.23 11.72
C PHE A 180 -3.31 11.68 12.14
N LYS A 181 -2.07 12.18 12.03
CA LYS A 181 -1.79 13.60 12.26
C LYS A 181 -2.56 14.41 11.22
N GLY A 182 -3.41 15.32 11.69
CA GLY A 182 -4.23 16.16 10.82
C GLY A 182 -5.40 15.45 10.17
N SER A 183 -5.61 14.19 10.52
CA SER A 183 -6.67 13.38 9.91
C SER A 183 -8.07 13.89 10.21
N MET A 184 -8.33 14.36 11.43
CA MET A 184 -9.68 14.83 11.76
C MET A 184 -10.10 16.00 10.88
N GLU A 185 -9.20 16.97 10.69
CA GLU A 185 -9.45 18.11 9.81
C GLU A 185 -9.71 17.63 8.38
N GLU A 186 -8.97 16.62 7.94
CA GLU A 186 -9.14 16.06 6.60
CA GLU A 186 -9.16 16.08 6.59
C GLU A 186 -10.54 15.45 6.44
N TRP A 187 -10.94 14.61 7.40
CA TRP A 187 -12.28 14.01 7.34
C TRP A 187 -13.36 15.09 7.41
N GLN A 188 -13.15 16.09 8.27
CA GLN A 188 -14.08 17.21 8.38
CA GLN A 188 -14.06 17.22 8.38
C GLN A 188 -14.26 17.89 7.02
N ALA A 189 -13.15 18.18 6.35
CA ALA A 189 -13.16 18.85 5.04
C ALA A 189 -13.87 18.01 3.98
N MET A 190 -13.82 16.69 4.15
CA MET A 190 -14.46 15.75 3.24
C MET A 190 -15.93 15.49 3.59
N GLY A 191 -16.42 16.18 4.63
CA GLY A 191 -17.82 16.08 5.03
C GLY A 191 -18.19 14.85 5.82
N VAL A 192 -17.17 14.15 6.33
CA VAL A 192 -17.39 13.03 7.25
C VAL A 192 -18.06 13.58 8.51
N MET A 193 -19.11 12.89 8.97
CA MET A 193 -19.95 13.43 10.04
C MET A 193 -19.38 13.16 11.42
N ASN A 194 -18.74 12.00 11.57
CA ASN A 194 -18.55 11.44 12.89
C ASN A 194 -17.52 10.34 12.94
N TYR A 195 -17.08 10.04 14.17
CA TYR A 195 -16.23 8.90 14.48
C TYR A 195 -17.00 7.88 15.29
N GLU A 196 -16.84 6.61 14.93
CA GLU A 196 -17.21 5.52 15.81
C GLU A 196 -16.28 4.35 15.52
N MET A 197 -16.57 3.16 16.04
CA MET A 197 -15.53 2.12 16.07
C MET A 197 -15.90 0.73 15.56
N GLU A 198 -17.08 0.59 14.96
CA GLU A 198 -17.48 -0.75 14.50
C GLU A 198 -18.05 -0.81 13.08
N SER A 199 -18.48 0.33 12.55
CA SER A 199 -19.25 0.32 11.30
C SER A 199 -18.47 -0.15 10.08
N ALA A 200 -17.20 0.23 9.97
CA ALA A 200 -16.38 -0.21 8.83
C ALA A 200 -16.35 -1.73 8.75
N THR A 201 -16.08 -2.37 9.88
CA THR A 201 -16.08 -3.82 9.93
C THR A 201 -17.46 -4.37 9.60
N LEU A 202 -18.48 -3.90 10.32
CA LEU A 202 -19.84 -4.39 10.12
C LEU A 202 -20.29 -4.24 8.68
N LEU A 203 -20.19 -3.03 8.15
CA LEU A 203 -20.71 -2.75 6.81
C LEU A 203 -19.94 -3.52 5.73
N THR A 204 -18.62 -3.56 5.84
CA THR A 204 -17.81 -4.31 4.87
C THR A 204 -18.10 -5.82 4.92
N MET A 205 -18.14 -6.38 6.11
CA MET A 205 -18.33 -7.83 6.22
C MET A 205 -19.73 -8.24 5.76
N CYS A 206 -20.72 -7.37 5.97
CA CYS A 206 -22.07 -7.66 5.51
C CYS A 206 -22.23 -7.48 4.01
N ALA A 207 -21.79 -6.34 3.49
CA ALA A 207 -21.92 -6.02 2.05
C ALA A 207 -21.16 -6.99 1.15
N SER A 208 -20.15 -7.66 1.69
CA SER A 208 -19.35 -8.61 0.92
C SER A 208 -19.75 -10.06 1.16
N GLN A 209 -20.83 -10.27 1.92
CA GLN A 209 -21.29 -11.63 2.26
C GLN A 209 -22.79 -11.85 2.11
N GLY A 210 -23.45 -10.95 1.40
CA GLY A 210 -24.89 -11.05 1.15
C GLY A 210 -25.76 -10.79 2.36
N LEU A 211 -25.18 -10.13 3.37
CA LEU A 211 -25.91 -9.74 4.57
C LEU A 211 -26.26 -8.26 4.52
N ARG A 212 -27.42 -7.91 5.07
CA ARG A 212 -27.87 -6.53 5.08
C ARG A 212 -27.45 -5.88 6.37
N ALA A 213 -26.87 -4.68 6.27
CA ALA A 213 -26.49 -3.95 7.48
C ALA A 213 -26.86 -2.49 7.39
N GLY A 214 -27.29 -1.95 8.53
CA GLY A 214 -27.51 -0.53 8.70
C GLY A 214 -26.76 -0.06 9.92
N MET A 215 -26.53 1.24 9.98
CA MET A 215 -25.71 1.83 11.04
C MET A 215 -26.30 3.15 11.49
N VAL A 216 -26.59 3.24 12.78
CA VAL A 216 -27.11 4.47 13.37
C VAL A 216 -26.42 4.71 14.72
N ALA A 217 -26.21 5.97 15.05
CA ALA A 217 -25.59 6.33 16.32
C ALA A 217 -26.12 7.65 16.86
N GLY A 218 -26.12 7.74 18.18
CA GLY A 218 -26.47 8.98 18.87
C GLY A 218 -25.20 9.74 19.15
N VAL A 219 -25.23 11.05 18.90
CA VAL A 219 -24.07 11.91 19.10
C VAL A 219 -23.92 12.25 20.57
N ILE A 220 -22.87 11.74 21.20
CA ILE A 220 -22.67 11.96 22.64
C ILE A 220 -21.67 13.07 22.93
N VAL A 221 -20.93 13.46 21.90
CA VAL A 221 -19.98 14.58 21.97
CA VAL A 221 -20.01 14.60 21.95
C VAL A 221 -19.79 15.20 20.59
N ASN A 222 -19.48 16.49 20.58
CA ASN A 222 -19.04 17.12 19.36
C ASN A 222 -17.59 17.54 19.54
N ARG A 223 -16.73 16.97 18.68
CA ARG A 223 -15.28 17.13 18.78
C ARG A 223 -14.79 18.53 18.49
N THR A 224 -15.65 19.37 17.90
CA THR A 224 -15.28 20.76 17.64
C THR A 224 -15.52 21.65 18.86
N GLN A 225 -15.96 21.04 19.96
CA GLN A 225 -16.06 21.71 21.25
C GLN A 225 -15.49 20.92 22.42
N GLN A 226 -15.19 19.62 22.20
CA GLN A 226 -14.79 18.73 23.29
C GLN A 226 -14.14 17.43 22.81
N GLU A 227 -13.00 17.08 23.39
CA GLU A 227 -12.37 15.78 23.12
C GLU A 227 -13.03 14.71 23.99
N ILE A 228 -13.55 15.15 25.14
CA ILE A 228 -14.08 14.28 26.18
C ILE A 228 -15.62 14.24 26.14
N PRO A 229 -16.21 13.04 26.10
CA PRO A 229 -17.66 12.94 26.23
C PRO A 229 -18.16 13.18 27.66
N ASN A 230 -19.25 13.93 27.79
CA ASN A 230 -19.88 14.19 29.09
C ASN A 230 -20.62 12.95 29.59
N ALA A 231 -20.11 12.37 30.67
CA ALA A 231 -20.63 11.10 31.20
C ALA A 231 -22.11 11.10 31.62
N GLU A 232 -22.65 12.27 31.94
CA GLU A 232 -24.01 12.36 32.48
C GLU A 232 -25.11 12.60 31.43
N THR A 233 -24.73 13.19 30.30
CA THR A 233 -25.69 13.51 29.24
C THR A 233 -25.82 12.40 28.19
N MET A 234 -25.01 11.36 28.33
CA MET A 234 -24.92 10.28 27.34
C MET A 234 -26.19 9.45 27.19
N LYS A 235 -26.84 9.14 28.31
CA LYS A 235 -27.98 8.22 28.33
C LYS A 235 -29.23 8.72 27.60
N GLN A 236 -29.62 9.97 27.88
CA GLN A 236 -30.79 10.58 27.25
C GLN A 236 -30.53 10.80 25.75
N THR A 237 -29.31 11.20 25.42
CA THR A 237 -28.88 11.38 24.03
C THR A 237 -29.01 10.09 23.21
N GLU A 238 -28.56 8.97 23.80
CA GLU A 238 -28.60 7.68 23.12
C GLU A 238 -30.01 7.10 23.03
N SER A 239 -30.90 7.56 23.90
CA SER A 239 -32.29 7.09 23.92
C SER A 239 -33.02 7.28 22.59
N HIS A 240 -32.80 8.43 21.95
CA HIS A 240 -33.40 8.74 20.65
C HIS A 240 -32.95 7.75 19.58
N ALA A 241 -31.65 7.53 19.50
CA ALA A 241 -31.07 6.60 18.53
C ALA A 241 -31.57 5.18 18.75
N VAL A 242 -31.71 4.79 20.01
CA VAL A 242 -32.20 3.45 20.37
C VAL A 242 -33.64 3.26 19.90
N LYS A 243 -34.49 4.27 20.14
CA LYS A 243 -35.87 4.24 19.66
CA LYS A 243 -35.87 4.25 19.66
C LYS A 243 -35.89 4.09 18.14
N ILE A 244 -34.97 4.78 17.47
CA ILE A 244 -34.89 4.76 16.02
C ILE A 244 -34.46 3.40 15.45
N VAL A 245 -33.46 2.78 16.07
CA VAL A 245 -33.00 1.48 15.57
C VAL A 245 -34.12 0.42 15.68
N VAL A 246 -34.89 0.49 16.76
CA VAL A 246 -35.99 -0.45 16.98
C VAL A 246 -37.12 -0.21 15.97
N GLU A 247 -37.46 1.06 15.76
CA GLU A 247 -38.47 1.43 14.76
C GLU A 247 -38.01 1.04 13.35
N ALA A 248 -36.72 1.19 13.07
CA ALA A 248 -36.17 0.78 11.78
C ALA A 248 -36.32 -0.73 11.60
N ALA A 249 -36.04 -1.48 12.66
CA ALA A 249 -36.18 -2.93 12.64
C ALA A 249 -37.61 -3.33 12.29
N ARG A 250 -38.59 -2.58 12.82
CA ARG A 250 -40.00 -2.83 12.55
CA ARG A 250 -40.00 -2.83 12.54
C ARG A 250 -40.30 -2.78 11.06
N ARG A 251 -39.63 -1.87 10.36
CA ARG A 251 -39.82 -1.68 8.92
C ARG A 251 -39.12 -2.72 8.05
N LEU A 252 -38.20 -3.48 8.65
CA LEU A 252 -37.37 -4.44 7.92
C LEU A 252 -37.78 -5.91 8.11
N LEU A 253 -38.92 -6.11 8.77
CA LEU A 253 -39.39 -7.46 9.08
C LEU A 253 -40.51 -7.91 8.14
N SER B 2 37.89 -28.70 -5.57
CA SER B 2 37.20 -28.12 -4.37
C SER B 2 36.23 -27.01 -4.79
N LYS B 3 35.31 -27.35 -5.70
CA LYS B 3 34.34 -26.38 -6.22
C LYS B 3 33.45 -25.89 -5.08
N SER B 4 33.17 -24.58 -5.08
CA SER B 4 32.36 -23.97 -4.04
C SER B 4 30.95 -24.56 -4.00
N ASP B 5 30.43 -24.75 -2.78
CA ASP B 5 29.06 -25.21 -2.59
C ASP B 5 28.06 -24.08 -2.80
N VAL B 6 28.55 -22.85 -2.75
CA VAL B 6 27.70 -21.67 -2.81
C VAL B 6 28.23 -20.67 -3.85
N PHE B 7 27.34 -19.88 -4.44
CA PHE B 7 27.71 -19.05 -5.58
C PHE B 7 28.63 -17.86 -5.27
N HIS B 8 28.42 -17.21 -4.13
CA HIS B 8 29.14 -15.97 -3.82
C HIS B 8 30.30 -16.11 -2.83
N LEU B 9 30.08 -16.90 -1.77
CA LEU B 9 31.03 -16.95 -0.65
C LEU B 9 32.33 -17.69 -0.95
N GLY B 10 32.30 -18.60 -1.90
CA GLY B 10 33.50 -19.39 -2.26
C GLY B 10 33.89 -20.37 -1.18
N LEU B 11 32.89 -21.01 -0.57
CA LEU B 11 33.12 -21.93 0.54
C LEU B 11 32.46 -23.27 0.28
N THR B 12 33.03 -24.30 0.90
CA THR B 12 32.41 -25.62 0.96
C THR B 12 32.02 -25.90 2.41
N LYS B 13 31.13 -26.85 2.62
CA LYS B 13 30.74 -27.25 3.97
C LYS B 13 31.97 -27.61 4.81
N ASN B 14 32.95 -28.24 4.17
CA ASN B 14 34.22 -28.63 4.82
C ASN B 14 34.90 -27.46 5.53
N ASP B 15 34.85 -26.28 4.90
CA ASP B 15 35.48 -25.08 5.44
C ASP B 15 34.92 -24.66 6.79
N LEU B 16 33.68 -25.04 7.07
CA LEU B 16 33.03 -24.71 8.34
C LEU B 16 33.48 -25.61 9.49
N GLN B 17 33.98 -26.79 9.16
CA GLN B 17 34.41 -27.77 10.17
CA GLN B 17 34.41 -27.78 10.15
C GLN B 17 33.32 -27.99 11.21
N GLY B 18 32.07 -28.09 10.76
CA GLY B 18 30.93 -28.34 11.63
C GLY B 18 30.37 -27.13 12.36
N ALA B 19 30.87 -25.95 12.04
CA ALA B 19 30.34 -24.70 12.61
C ALA B 19 28.85 -24.58 12.30
N GLN B 20 28.09 -24.13 13.30
CA GLN B 20 26.67 -23.86 13.12
C GLN B 20 26.33 -22.43 13.50
N LEU B 21 27.33 -21.69 13.97
CA LEU B 21 27.14 -20.30 14.35
C LEU B 21 28.08 -19.40 13.56
N ALA B 22 27.54 -18.30 13.05
CA ALA B 22 28.35 -17.28 12.39
C ALA B 22 28.20 -15.93 13.05
N ILE B 23 29.32 -15.25 13.25
CA ILE B 23 29.33 -13.85 13.63
C ILE B 23 29.46 -13.07 12.33
N VAL B 24 28.55 -12.15 12.10
CA VAL B 24 28.44 -11.51 10.79
C VAL B 24 28.55 -9.98 10.84
N PRO B 25 29.79 -9.46 10.76
CA PRO B 25 29.99 -8.02 10.68
C PRO B 25 29.63 -7.50 9.29
N GLY B 26 29.38 -6.21 9.17
CA GLY B 26 29.12 -5.61 7.87
C GLY B 26 30.40 -5.42 7.07
N ASP B 27 31.47 -5.02 7.75
CA ASP B 27 32.73 -4.65 7.10
C ASP B 27 33.65 -5.88 6.96
N PRO B 28 34.00 -6.23 5.70
CA PRO B 28 34.96 -7.32 5.46
C PRO B 28 36.28 -7.16 6.22
N GLU B 29 36.72 -5.91 6.37
CA GLU B 29 37.99 -5.61 7.04
C GLU B 29 37.98 -5.93 8.53
N ARG B 30 36.80 -6.12 9.11
CA ARG B 30 36.63 -6.41 10.54
CA ARG B 30 36.72 -6.42 10.54
C ARG B 30 36.64 -7.92 10.82
N VAL B 31 36.49 -8.71 9.77
CA VAL B 31 36.38 -10.18 9.91
C VAL B 31 37.61 -10.79 10.60
N GLU B 32 38.79 -10.48 10.06
CA GLU B 32 40.04 -10.99 10.62
C GLU B 32 40.21 -10.55 12.07
N LYS B 33 39.85 -9.30 12.35
CA LYS B 33 39.95 -8.71 13.69
C LYS B 33 39.09 -9.44 14.71
N ILE B 34 37.86 -9.75 14.32
CA ILE B 34 36.96 -10.53 15.18
C ILE B 34 37.48 -11.96 15.35
N ALA B 35 37.86 -12.59 14.25
CA ALA B 35 38.41 -13.95 14.28
C ALA B 35 39.64 -14.06 15.18
N ALA B 36 40.47 -13.02 15.18
CA ALA B 36 41.70 -12.99 15.98
C ALA B 36 41.44 -12.97 17.49
N LEU B 37 40.19 -12.68 17.89
CA LEU B 37 39.82 -12.70 19.31
C LEU B 37 39.47 -14.13 19.76
N MET B 38 39.51 -15.06 18.83
CA MET B 38 39.20 -16.45 19.12
C MET B 38 40.38 -17.36 18.78
N ASP B 39 40.25 -18.64 19.11
CA ASP B 39 41.33 -19.59 18.94
C ASP B 39 41.44 -20.04 17.48
N LYS B 40 42.67 -20.38 17.08
CA LYS B 40 42.96 -20.92 15.76
C LYS B 40 42.21 -20.22 14.61
N PRO B 41 42.40 -18.89 14.46
CA PRO B 41 41.73 -18.20 13.37
C PRO B 41 42.38 -18.52 12.02
N VAL B 42 41.55 -18.85 11.03
CA VAL B 42 42.03 -19.22 9.70
C VAL B 42 41.20 -18.50 8.65
N LYS B 43 41.85 -17.84 7.71
CA LYS B 43 41.16 -17.22 6.58
C LYS B 43 40.60 -18.29 5.67
N LEU B 44 39.34 -18.13 5.28
CA LEU B 44 38.72 -19.09 4.38
C LEU B 44 38.67 -18.55 2.96
N ALA B 45 38.01 -17.40 2.78
CA ALA B 45 37.82 -16.84 1.46
C ALA B 45 37.52 -15.35 1.51
N SER B 46 37.74 -14.71 0.37
CA SER B 46 37.35 -13.32 0.17
CA SER B 46 37.37 -13.31 0.17
C SER B 46 36.88 -13.12 -1.27
N HIS B 47 35.61 -12.80 -1.42
CA HIS B 47 35.01 -12.56 -2.73
C HIS B 47 34.02 -11.44 -2.56
N ARG B 48 34.11 -10.44 -3.42
CA ARG B 48 33.28 -9.24 -3.31
C ARG B 48 33.36 -8.74 -1.86
N GLU B 49 32.22 -8.38 -1.27
CA GLU B 49 32.17 -7.92 0.12
C GLU B 49 32.14 -9.04 1.16
N PHE B 50 32.35 -10.28 0.71
CA PHE B 50 32.21 -11.45 1.57
C PHE B 50 33.57 -12.05 1.96
N THR B 51 34.09 -11.59 3.09
CA THR B 51 35.32 -12.14 3.65
C THR B 51 34.94 -13.08 4.78
N SER B 52 35.47 -14.29 4.72
CA SER B 52 35.12 -15.31 5.71
C SER B 52 36.36 -15.88 6.37
N TRP B 53 36.27 -16.01 7.69
CA TRP B 53 37.29 -16.65 8.51
C TRP B 53 36.63 -17.70 9.37
N ARG B 54 37.39 -18.73 9.73
CA ARG B 54 36.94 -19.68 10.73
C ARG B 54 37.80 -19.50 11.97
N ALA B 55 37.20 -19.72 13.13
CA ALA B 55 37.95 -19.73 14.38
C ALA B 55 37.34 -20.77 15.32
N GLU B 56 37.88 -20.86 16.53
CA GLU B 56 37.41 -21.82 17.51
CA GLU B 56 37.41 -21.82 17.52
C GLU B 56 37.05 -21.13 18.82
N LEU B 57 35.92 -21.54 19.38
CA LEU B 57 35.43 -20.98 20.62
C LEU B 57 34.99 -22.14 21.49
N ASP B 58 35.64 -22.28 22.65
CA ASP B 58 35.41 -23.39 23.58
C ASP B 58 35.46 -24.77 22.89
N GLY B 59 36.39 -24.91 21.95
CA GLY B 59 36.57 -26.17 21.23
C GLY B 59 35.65 -26.39 20.04
N LYS B 60 34.79 -25.41 19.76
CA LYS B 60 33.85 -25.51 18.65
C LYS B 60 34.14 -24.49 17.56
N ALA B 61 34.03 -24.93 16.31
CA ALA B 61 34.24 -24.06 15.16
C ALA B 61 33.17 -23.01 15.06
N VAL B 62 33.61 -21.80 14.72
CA VAL B 62 32.72 -20.64 14.52
CA VAL B 62 32.71 -20.67 14.48
C VAL B 62 33.15 -19.96 13.21
N ILE B 63 32.17 -19.43 12.48
CA ILE B 63 32.47 -18.65 11.28
C ILE B 63 32.36 -17.17 11.59
N VAL B 64 33.26 -16.38 11.02
CA VAL B 64 33.10 -14.94 10.96
C VAL B 64 33.03 -14.60 9.47
N CYS B 65 31.96 -13.93 9.06
CA CYS B 65 31.75 -13.66 7.65
C CYS B 65 31.08 -12.32 7.46
N SER B 66 31.69 -11.46 6.66
CA SER B 66 31.13 -10.13 6.42
C SER B 66 29.91 -10.21 5.51
N THR B 67 28.99 -9.27 5.70
CA THR B 67 27.75 -9.21 4.94
C THR B 67 27.80 -8.12 3.88
N GLY B 68 28.71 -7.18 4.04
CA GLY B 68 28.67 -5.93 3.29
C GLY B 68 27.58 -5.06 3.87
N ILE B 69 27.45 -3.84 3.35
CA ILE B 69 26.40 -2.94 3.79
C ILE B 69 25.09 -3.27 3.09
N GLY B 70 24.04 -3.43 3.88
CA GLY B 70 22.68 -3.51 3.35
C GLY B 70 22.07 -4.89 3.31
N GLY B 71 20.74 -4.91 3.32
CA GLY B 71 19.98 -6.14 3.22
C GLY B 71 20.34 -7.07 2.07
N PRO B 72 20.46 -6.54 0.84
CA PRO B 72 20.78 -7.41 -0.31
C PRO B 72 22.01 -8.29 -0.12
N SER B 73 23.17 -7.69 0.18
CA SER B 73 24.37 -8.49 0.36
C SER B 73 24.27 -9.36 1.62
N THR B 74 23.65 -8.82 2.67
CA THR B 74 23.38 -9.59 3.88
C THR B 74 22.58 -10.85 3.55
N SER B 75 21.54 -10.70 2.73
CA SER B 75 20.67 -11.82 2.39
C SER B 75 21.41 -12.92 1.65
N ILE B 76 22.40 -12.53 0.85
CA ILE B 76 23.23 -13.50 0.14
C ILE B 76 24.12 -14.26 1.13
N ALA B 77 24.82 -13.52 1.98
CA ALA B 77 25.72 -14.13 2.96
C ALA B 77 24.96 -15.11 3.86
N VAL B 78 23.84 -14.65 4.41
CA VAL B 78 23.06 -15.47 5.34
C VAL B 78 22.51 -16.73 4.65
N GLU B 79 21.95 -16.56 3.46
CA GLU B 79 21.43 -17.69 2.70
C GLU B 79 22.51 -18.73 2.44
N GLU B 80 23.65 -18.26 1.94
CA GLU B 80 24.71 -19.18 1.55
C GLU B 80 25.37 -19.82 2.77
N LEU B 81 25.53 -19.06 3.84
CA LEU B 81 25.99 -19.64 5.11
C LEU B 81 25.02 -20.69 5.62
N ALA B 82 23.71 -20.42 5.52
CA ALA B 82 22.69 -21.40 5.89
C ALA B 82 22.82 -22.68 5.07
N GLN B 83 23.02 -22.51 3.75
CA GLN B 83 23.23 -23.67 2.88
C GLN B 83 24.42 -24.49 3.34
N LEU B 84 25.45 -23.80 3.82
CA LEU B 84 26.68 -24.44 4.29
C LEU B 84 26.51 -25.10 5.65
N GLY B 85 25.51 -24.67 6.42
CA GLY B 85 25.19 -25.31 7.70
C GLY B 85 25.03 -24.40 8.89
N ILE B 86 25.19 -23.10 8.70
CA ILE B 86 25.02 -22.14 9.79
C ILE B 86 23.54 -22.02 10.13
N ARG B 87 23.24 -22.05 11.42
CA ARG B 87 21.86 -22.02 11.91
C ARG B 87 21.62 -20.85 12.85
N THR B 88 22.72 -20.26 13.32
CA THR B 88 22.67 -19.13 14.24
C THR B 88 23.59 -18.03 13.73
N PHE B 89 23.03 -16.83 13.62
CA PHE B 89 23.75 -15.67 13.11
C PHE B 89 23.74 -14.55 14.13
N LEU B 90 24.93 -14.05 14.47
CA LEU B 90 25.01 -12.91 15.35
C LEU B 90 25.62 -11.76 14.58
N ARG B 91 24.81 -10.76 14.26
CA ARG B 91 25.34 -9.59 13.58
C ARG B 91 25.99 -8.65 14.59
N ILE B 92 27.19 -8.20 14.23
CA ILE B 92 27.91 -7.18 14.97
C ILE B 92 28.13 -6.00 14.04
N GLY B 93 27.56 -4.87 14.41
CA GLY B 93 27.58 -3.71 13.51
C GLY B 93 27.96 -2.42 14.19
N THR B 94 27.95 -1.36 13.39
CA THR B 94 28.07 0.00 13.88
C THR B 94 26.70 0.66 13.73
N THR B 95 26.47 1.70 14.50
CA THR B 95 25.14 2.28 14.55
C THR B 95 25.16 3.75 14.95
N GLY B 96 24.15 4.48 14.47
CA GLY B 96 23.91 5.86 14.88
C GLY B 96 22.81 5.87 15.92
N ALA B 97 23.12 6.40 17.10
CA ALA B 97 22.11 6.52 18.16
C ALA B 97 21.19 7.68 17.84
N ILE B 98 19.90 7.52 18.14
CA ILE B 98 18.94 8.61 17.93
C ILE B 98 18.30 9.10 19.23
N GLN B 99 18.78 8.55 20.35
CA GLN B 99 18.34 9.00 21.67
C GLN B 99 19.47 9.83 22.31
N PRO B 100 19.11 10.95 22.96
CA PRO B 100 20.12 11.91 23.43
C PRO B 100 21.13 11.39 24.45
N HIS B 101 20.74 10.39 25.24
CA HIS B 101 21.59 9.92 26.33
C HIS B 101 22.37 8.64 26.03
N ILE B 102 22.31 8.18 24.77
CA ILE B 102 23.13 7.07 24.31
C ILE B 102 24.49 7.61 23.87
N ASN B 103 25.54 7.07 24.47
CA ASN B 103 26.91 7.52 24.25
C ASN B 103 27.58 6.72 23.14
N VAL B 104 28.47 7.38 22.39
CA VAL B 104 29.36 6.69 21.47
C VAL B 104 30.06 5.57 22.24
N GLY B 105 30.11 4.39 21.65
CA GLY B 105 30.73 3.24 22.30
C GLY B 105 29.75 2.40 23.09
N ASP B 106 28.55 2.93 23.32
CA ASP B 106 27.49 2.14 23.94
C ASP B 106 27.16 0.93 23.06
N VAL B 107 26.74 -0.15 23.72
CA VAL B 107 26.36 -1.37 23.03
C VAL B 107 24.84 -1.42 22.95
N LEU B 108 24.32 -1.51 21.74
CA LEU B 108 22.88 -1.59 21.54
C LEU B 108 22.49 -2.96 21.03
N VAL B 109 21.67 -3.64 21.83
CA VAL B 109 21.15 -4.96 21.48
C VAL B 109 19.75 -4.78 20.95
N THR B 110 19.52 -5.28 19.74
CA THR B 110 18.24 -5.10 19.05
C THR B 110 17.29 -6.27 19.33
N THR B 111 16.12 -5.94 19.87
CA THR B 111 15.07 -6.94 20.07
C THR B 111 14.32 -7.17 18.76
N ALA B 112 14.05 -6.09 18.04
CA ALA B 112 13.39 -6.15 16.74
C ALA B 112 13.64 -4.85 16.00
N SER B 113 13.40 -4.86 14.70
CA SER B 113 13.76 -3.73 13.86
C SER B 113 12.58 -3.12 13.10
N VAL B 114 12.61 -1.79 12.99
CA VAL B 114 11.74 -1.09 12.06
C VAL B 114 12.26 -1.41 10.66
N ARG B 115 11.38 -1.94 9.82
CA ARG B 115 11.77 -2.45 8.51
C ARG B 115 11.74 -1.35 7.46
N LEU B 116 12.80 -0.55 7.44
CA LEU B 116 12.98 0.51 6.45
C LEU B 116 13.84 0.00 5.31
N ASP B 117 13.74 -1.31 5.07
CA ASP B 117 14.53 -1.98 4.05
C ASP B 117 13.61 -2.59 2.99
N GLY B 118 14.21 -3.19 1.97
CA GLY B 118 13.45 -3.89 0.94
C GLY B 118 13.60 -5.40 1.00
N ALA B 119 14.78 -5.88 1.35
CA ALA B 119 15.05 -7.32 1.32
C ALA B 119 14.20 -8.13 2.31
N SER B 120 13.87 -7.54 3.46
CA SER B 120 13.01 -8.24 4.41
C SER B 120 11.69 -8.68 3.75
N LEU B 121 11.19 -7.85 2.85
CA LEU B 121 9.93 -8.11 2.14
C LEU B 121 10.04 -9.27 1.16
N HIS B 122 11.27 -9.69 0.88
CA HIS B 122 11.51 -10.84 0.01
C HIS B 122 11.43 -12.15 0.79
N PHE B 123 11.20 -12.04 2.10
CA PHE B 123 11.09 -13.21 2.98
C PHE B 123 9.76 -13.25 3.71
N ALA B 124 9.22 -12.08 4.02
CA ALA B 124 7.95 -12.02 4.73
C ALA B 124 7.28 -10.69 4.46
N PRO B 125 5.94 -10.66 4.44
CA PRO B 125 5.25 -9.40 4.21
C PRO B 125 5.53 -8.45 5.37
N MET B 126 5.26 -7.16 5.16
CA MET B 126 5.62 -6.13 6.15
C MET B 126 5.05 -6.37 7.55
N GLU B 127 3.87 -6.99 7.61
CA GLU B 127 3.19 -7.31 8.87
CA GLU B 127 3.21 -7.28 8.88
C GLU B 127 4.05 -8.18 9.79
N PHE B 128 4.94 -8.97 9.20
CA PHE B 128 5.77 -9.90 9.95
C PHE B 128 6.86 -9.14 10.71
N PRO B 129 7.06 -9.47 12.00
CA PRO B 129 8.03 -8.71 12.79
C PRO B 129 9.49 -9.07 12.47
N ALA B 130 10.34 -8.05 12.29
CA ALA B 130 11.78 -8.26 12.16
C ALA B 130 12.34 -8.46 13.56
N VAL B 131 12.02 -9.60 14.17
CA VAL B 131 12.34 -9.86 15.56
C VAL B 131 13.55 -10.78 15.71
N ALA B 132 14.40 -10.47 16.68
CA ALA B 132 15.54 -11.29 16.98
C ALA B 132 15.11 -12.57 17.70
N ASP B 133 15.98 -13.57 17.67
CA ASP B 133 15.78 -14.81 18.38
C ASP B 133 15.94 -14.56 19.88
N PHE B 134 15.09 -15.20 20.68
CA PHE B 134 15.12 -14.98 22.13
C PHE B 134 16.43 -15.45 22.77
N ALA B 135 16.88 -16.65 22.41
CA ALA B 135 18.15 -17.18 22.92
C ALA B 135 19.32 -16.28 22.55
N CYS B 136 19.35 -15.82 21.30
CA CYS B 136 20.44 -14.95 20.83
C CYS B 136 20.44 -13.61 21.55
N THR B 137 19.26 -13.01 21.68
CA THR B 137 19.12 -11.73 22.36
C THR B 137 19.52 -11.88 23.82
N THR B 138 19.08 -12.97 24.44
CA THR B 138 19.42 -13.30 25.82
C THR B 138 20.94 -13.42 25.98
N ALA B 139 21.57 -14.18 25.09
CA ALA B 139 23.03 -14.36 25.11
C ALA B 139 23.76 -13.02 25.03
N LEU B 140 23.27 -12.13 24.18
CA LEU B 140 23.88 -10.82 24.02
C LEU B 140 23.74 -9.97 25.28
N VAL B 141 22.53 -9.93 25.83
CA VAL B 141 22.27 -9.16 27.05
C VAL B 141 23.07 -9.70 28.23
N GLU B 142 23.08 -11.03 28.39
CA GLU B 142 23.83 -11.65 29.48
CA GLU B 142 23.83 -11.67 29.48
C GLU B 142 25.34 -11.49 29.31
N ALA B 143 25.80 -11.51 28.06
CA ALA B 143 27.20 -11.24 27.75
C ALA B 143 27.55 -9.80 28.13
N ALA B 144 26.65 -8.88 27.78
CA ALA B 144 26.81 -7.46 28.11
C ALA B 144 26.90 -7.25 29.63
N LYS B 145 26.06 -7.98 30.36
CA LYS B 145 26.04 -7.95 31.83
CA LYS B 145 26.05 -7.93 31.82
C LYS B 145 27.37 -8.40 32.41
N SER B 146 27.88 -9.52 31.90
CA SER B 146 29.13 -10.12 32.38
C SER B 146 30.33 -9.21 32.21
N ILE B 147 30.41 -8.52 31.07
CA ILE B 147 31.56 -7.65 30.80
CA ILE B 147 31.53 -7.63 30.74
C ILE B 147 31.35 -6.24 31.35
N GLY B 148 30.10 -5.89 31.66
CA GLY B 148 29.77 -4.62 32.30
C GLY B 148 29.80 -3.40 31.41
N ALA B 149 29.64 -3.62 30.10
CA ALA B 149 29.58 -2.53 29.14
C ALA B 149 28.24 -1.80 29.25
N THR B 150 28.25 -0.49 29.02
CA THR B 150 27.02 0.29 28.96
C THR B 150 26.21 -0.20 27.77
N THR B 151 25.03 -0.71 28.05
CA THR B 151 24.22 -1.42 27.07
C THR B 151 22.76 -0.97 27.14
N HIS B 152 22.16 -0.85 25.97
CA HIS B 152 20.74 -0.54 25.85
C HIS B 152 20.10 -1.59 24.98
N VAL B 153 18.88 -1.98 25.35
CA VAL B 153 18.17 -3.05 24.69
C VAL B 153 16.84 -2.50 24.18
N GLY B 154 16.54 -2.75 22.91
CA GLY B 154 15.31 -2.23 22.34
C GLY B 154 15.22 -2.28 20.84
N VAL B 155 14.38 -1.39 20.30
CA VAL B 155 14.05 -1.41 18.88
C VAL B 155 15.03 -0.57 18.07
N THR B 156 15.33 -1.03 16.87
CA THR B 156 16.30 -0.39 16.00
C THR B 156 15.63 -0.10 14.65
N ALA B 157 15.91 1.07 14.08
CA ALA B 157 15.42 1.39 12.74
C ALA B 157 16.46 0.90 11.73
N SER B 158 16.05 0.02 10.84
CA SER B 158 16.98 -0.60 9.90
C SER B 158 16.67 -0.13 8.48
N SER B 159 17.58 0.67 7.94
CA SER B 159 17.35 1.43 6.70
CA SER B 159 17.33 1.40 6.70
C SER B 159 18.16 0.93 5.51
N ASP B 160 17.54 0.96 4.33
CA ASP B 160 18.22 0.65 3.08
C ASP B 160 19.13 1.76 2.58
N THR B 161 19.10 2.92 3.24
CA THR B 161 20.06 3.97 2.91
C THR B 161 20.75 4.49 4.17
N PHE B 162 21.96 5.00 3.99
CA PHE B 162 22.69 5.65 5.05
C PHE B 162 22.19 7.08 5.20
N TYR B 163 21.76 7.66 4.09
CA TYR B 163 21.43 9.09 4.05
C TYR B 163 19.94 9.41 4.21
N PRO B 164 19.15 9.42 3.12
CA PRO B 164 17.78 9.94 3.28
C PRO B 164 16.89 9.10 4.21
N GLY B 165 17.09 7.78 4.20
CA GLY B 165 16.30 6.87 5.04
C GLY B 165 16.61 7.01 6.52
N GLN B 166 17.72 7.67 6.83
CA GLN B 166 18.10 7.98 8.21
C GLN B 166 17.96 9.48 8.45
N GLU B 167 17.20 10.11 7.56
CA GLU B 167 16.95 11.55 7.56
C GLU B 167 18.20 12.39 7.75
N ARG B 168 19.26 12.02 7.03
CA ARG B 168 20.45 12.86 6.92
C ARG B 168 20.23 13.86 5.79
N TYR B 169 20.51 15.13 6.08
CA TYR B 169 20.32 16.24 5.13
C TYR B 169 21.62 16.81 4.58
N ASP B 170 22.75 16.41 5.15
CA ASP B 170 24.05 16.96 4.74
C ASP B 170 24.56 16.19 3.53
N THR B 171 23.82 16.32 2.44
CA THR B 171 24.01 15.50 1.27
C THR B 171 24.09 16.35 0.02
N TYR B 172 24.36 15.70 -1.10
CA TYR B 172 24.42 16.35 -2.40
C TYR B 172 23.16 17.16 -2.69
N SER B 173 21.99 16.54 -2.51
CA SER B 173 20.72 17.20 -2.82
C SER B 173 20.18 18.01 -1.65
N GLY B 174 20.56 17.63 -0.42
CA GLY B 174 20.01 18.23 0.79
C GLY B 174 18.53 17.96 0.95
N ARG B 175 18.03 17.00 0.17
CA ARG B 175 16.62 16.63 0.12
CA ARG B 175 16.62 16.65 0.16
C ARG B 175 16.38 15.30 0.81
N VAL B 176 15.24 15.18 1.48
CA VAL B 176 14.79 13.89 1.97
C VAL B 176 13.38 13.68 1.46
N VAL B 177 13.16 12.54 0.81
CA VAL B 177 11.86 12.21 0.22
C VAL B 177 10.76 12.24 1.30
N ARG B 178 9.55 12.56 0.88
CA ARG B 178 8.43 12.76 1.79
C ARG B 178 8.33 11.69 2.88
N ARG B 179 8.44 10.42 2.47
CA ARG B 179 8.33 9.28 3.38
C ARG B 179 9.20 9.43 4.62
N PHE B 180 10.40 10.01 4.45
CA PHE B 180 11.37 10.09 5.53
C PHE B 180 11.49 11.47 6.19
N LYS B 181 10.79 12.45 5.63
CA LYS B 181 10.69 13.76 6.27
CA LYS B 181 10.68 13.76 6.27
C LYS B 181 10.05 13.62 7.66
N GLY B 182 10.81 14.04 8.67
CA GLY B 182 10.37 13.95 10.06
C GLY B 182 10.43 12.57 10.66
N SER B 183 10.96 11.60 9.92
CA SER B 183 10.93 10.20 10.36
C SER B 183 11.81 9.95 11.59
N MET B 184 12.98 10.60 11.66
CA MET B 184 13.84 10.39 12.82
C MET B 184 13.15 10.77 14.14
N GLU B 185 12.51 11.94 14.17
CA GLU B 185 11.76 12.41 15.35
CA GLU B 185 11.82 12.36 15.37
C GLU B 185 10.66 11.43 15.71
N GLU B 186 10.02 10.88 14.68
CA GLU B 186 8.96 9.89 14.87
CA GLU B 186 8.96 9.89 14.87
C GLU B 186 9.51 8.65 15.56
N TRP B 187 10.58 8.08 15.01
CA TRP B 187 11.22 6.91 15.63
C TRP B 187 11.69 7.23 17.05
N GLN B 188 12.30 8.41 17.22
CA GLN B 188 12.78 8.84 18.52
CA GLN B 188 12.77 8.87 18.52
C GLN B 188 11.65 8.86 19.56
N ALA B 189 10.51 9.43 19.18
CA ALA B 189 9.36 9.51 20.07
C ALA B 189 8.83 8.13 20.40
N MET B 190 9.02 7.19 19.48
CA MET B 190 8.61 5.80 19.64
C MET B 190 9.63 4.96 20.40
N GLY B 191 10.70 5.60 20.87
CA GLY B 191 11.69 4.92 21.71
C GLY B 191 12.70 4.09 20.94
N VAL B 192 12.70 4.22 19.62
CA VAL B 192 13.70 3.55 18.79
C VAL B 192 15.07 4.08 19.20
N MET B 193 16.02 3.17 19.39
CA MET B 193 17.33 3.55 19.93
C MET B 193 18.26 4.10 18.88
N ASN B 194 18.18 3.55 17.67
CA ASN B 194 19.27 3.68 16.73
C ASN B 194 18.91 3.35 15.30
N TYR B 195 19.80 3.73 14.39
CA TYR B 195 19.77 3.39 12.98
C TYR B 195 20.93 2.47 12.65
N GLU B 196 20.65 1.44 11.85
CA GLU B 196 21.70 0.73 11.14
C GLU B 196 21.11 0.19 9.85
N MET B 197 21.81 -0.70 9.15
CA MET B 197 21.42 -0.99 7.76
C MET B 197 21.27 -2.45 7.34
N GLU B 198 21.30 -3.38 8.30
CA GLU B 198 21.18 -4.80 7.95
C GLU B 198 20.21 -5.61 8.79
N SER B 199 19.86 -5.12 9.97
CA SER B 199 19.12 -5.95 10.93
C SER B 199 17.71 -6.35 10.49
N ALA B 200 17.00 -5.43 9.82
CA ALA B 200 15.64 -5.76 9.35
C ALA B 200 15.68 -6.97 8.42
N THR B 201 16.60 -6.94 7.47
CA THR B 201 16.78 -8.06 6.55
C THR B 201 17.18 -9.33 7.30
N LEU B 202 18.26 -9.23 8.08
CA LEU B 202 18.77 -10.36 8.84
C LEU B 202 17.71 -10.98 9.74
N LEU B 203 17.10 -10.15 10.58
CA LEU B 203 16.12 -10.67 11.54
C LEU B 203 14.90 -11.25 10.87
N THR B 204 14.38 -10.58 9.83
CA THR B 204 13.21 -11.09 9.11
C THR B 204 13.52 -12.40 8.41
N MET B 205 14.64 -12.46 7.69
CA MET B 205 14.94 -13.66 6.92
C MET B 205 15.21 -14.87 7.81
N CYS B 206 15.81 -14.63 8.98
CA CYS B 206 16.09 -15.72 9.91
C CYS B 206 14.82 -16.18 10.64
N ALA B 207 14.07 -15.22 11.19
CA ALA B 207 12.87 -15.51 11.96
C ALA B 207 11.80 -16.22 11.12
N SER B 208 11.85 -16.02 9.81
CA SER B 208 10.85 -16.62 8.91
C SER B 208 11.36 -17.89 8.22
N GLN B 209 12.56 -18.33 8.57
CA GLN B 209 13.17 -19.50 7.93
C GLN B 209 13.83 -20.47 8.92
N GLY B 210 13.44 -20.40 10.18
CA GLY B 210 13.92 -21.32 11.20
C GLY B 210 15.38 -21.14 11.59
N LEU B 211 15.92 -19.96 11.31
CA LEU B 211 17.29 -19.62 11.70
C LEU B 211 17.25 -18.67 12.88
N ARG B 212 18.23 -18.79 13.77
CA ARG B 212 18.30 -17.91 14.93
C ARG B 212 19.23 -16.76 14.63
N ALA B 213 18.78 -15.55 14.96
CA ALA B 213 19.60 -14.36 14.76
C ALA B 213 19.58 -13.42 15.96
N GLY B 214 20.73 -12.83 16.22
CA GLY B 214 20.87 -11.79 17.23
C GLY B 214 21.52 -10.61 16.58
N MET B 215 21.35 -9.45 17.18
CA MET B 215 21.82 -8.22 16.59
C MET B 215 22.38 -7.29 17.65
N VAL B 216 23.63 -6.91 17.49
CA VAL B 216 24.29 -6.01 18.41
C VAL B 216 25.13 -5.03 17.63
N ALA B 217 25.26 -3.81 18.15
CA ALA B 217 26.02 -2.77 17.47
C ALA B 217 26.65 -1.81 18.46
N GLY B 218 27.81 -1.26 18.07
CA GLY B 218 28.46 -0.20 18.83
C GLY B 218 28.11 1.15 18.23
N VAL B 219 27.79 2.10 19.09
CA VAL B 219 27.40 3.43 18.66
C VAL B 219 28.60 4.24 18.21
N ILE B 220 28.53 4.75 16.99
CA ILE B 220 29.63 5.54 16.43
C ILE B 220 29.31 7.04 16.29
N VAL B 221 28.03 7.37 16.41
CA VAL B 221 27.58 8.76 16.33
C VAL B 221 26.25 8.91 17.06
N ASN B 222 26.04 10.09 17.64
CA ASN B 222 24.74 10.40 18.19
C ASN B 222 24.04 11.42 17.30
N ARG B 223 22.97 10.95 16.66
CA ARG B 223 22.25 11.70 15.64
C ARG B 223 21.47 12.89 16.17
N THR B 224 21.28 12.96 17.49
CA THR B 224 20.67 14.14 18.10
C THR B 224 21.64 15.32 18.09
N GLN B 225 22.89 15.03 17.74
CA GLN B 225 23.96 16.05 17.76
C GLN B 225 24.57 16.33 16.40
N GLN B 226 24.83 15.27 15.63
CA GLN B 226 25.47 15.42 14.32
C GLN B 226 25.12 14.24 13.41
N GLU B 227 25.25 14.46 12.11
CA GLU B 227 24.96 13.42 11.12
C GLU B 227 26.14 12.50 10.89
N ILE B 228 27.35 13.03 11.03
CA ILE B 228 28.58 12.30 10.72
C ILE B 228 29.56 12.47 11.88
N PRO B 229 30.07 11.35 12.42
CA PRO B 229 31.03 11.46 13.51
C PRO B 229 32.40 11.87 12.99
N ASN B 230 33.19 12.49 13.86
CA ASN B 230 34.59 12.76 13.52
CA ASN B 230 34.59 12.78 13.56
C ASN B 230 35.44 11.52 13.80
N ALA B 231 36.69 11.53 13.35
CA ALA B 231 37.54 10.34 13.44
C ALA B 231 37.94 9.90 14.85
N GLU B 232 37.68 8.62 15.14
CA GLU B 232 38.41 7.82 16.15
C GLU B 232 37.99 6.36 16.06
N SER B 239 34.60 -1.84 20.18
CA SER B 239 35.34 -2.82 20.98
C SER B 239 34.46 -3.54 21.99
N HIS B 240 33.63 -2.79 22.73
CA HIS B 240 32.72 -3.38 23.71
C HIS B 240 31.69 -4.30 23.04
N ALA B 241 31.14 -3.84 21.92
CA ALA B 241 30.15 -4.61 21.19
C ALA B 241 30.75 -5.91 20.64
N VAL B 242 31.98 -5.82 20.13
CA VAL B 242 32.68 -7.00 19.62
C VAL B 242 32.96 -8.01 20.74
N LYS B 243 33.44 -7.51 21.90
CA LYS B 243 33.67 -8.38 23.05
CA LYS B 243 33.66 -8.37 23.07
C LYS B 243 32.37 -9.11 23.41
N ILE B 244 31.25 -8.39 23.37
CA ILE B 244 29.95 -8.94 23.69
C ILE B 244 29.48 -9.98 22.67
N VAL B 245 29.67 -9.71 21.39
CA VAL B 245 29.23 -10.66 20.36
C VAL B 245 29.99 -12.00 20.45
N VAL B 246 31.28 -11.92 20.76
CA VAL B 246 32.10 -13.12 20.93
C VAL B 246 31.66 -13.89 22.17
N GLU B 247 31.45 -13.18 23.28
CA GLU B 247 30.99 -13.81 24.51
C GLU B 247 29.59 -14.42 24.36
N ALA B 248 28.72 -13.70 23.63
CA ALA B 248 27.38 -14.23 23.34
C ALA B 248 27.46 -15.52 22.54
N ALA B 249 28.33 -15.55 21.54
CA ALA B 249 28.55 -16.73 20.71
C ALA B 249 28.96 -17.92 21.56
N ARG B 250 29.83 -17.69 22.54
CA ARG B 250 30.26 -18.70 23.51
C ARG B 250 29.07 -19.39 24.18
N ARG B 251 28.09 -18.58 24.56
CA ARG B 251 26.91 -19.06 25.27
C ARG B 251 25.95 -19.84 24.37
N LEU B 252 26.06 -19.62 23.06
CA LEU B 252 25.13 -20.21 22.09
C LEU B 252 25.67 -21.45 21.38
N LEU B 253 26.86 -21.89 21.76
CA LEU B 253 27.47 -23.06 21.15
C LEU B 253 26.93 -24.35 21.74
N LYS C 3 -18.85 -5.09 -40.43
CA LYS C 3 -19.04 -4.83 -38.98
C LYS C 3 -17.70 -4.68 -38.25
N SER C 4 -17.67 -3.80 -37.25
CA SER C 4 -16.46 -3.53 -36.47
C SER C 4 -15.86 -4.78 -35.85
N ASP C 5 -14.53 -4.86 -35.84
CA ASP C 5 -13.83 -5.96 -35.21
C ASP C 5 -13.61 -5.70 -33.72
N VAL C 6 -13.75 -4.43 -33.32
CA VAL C 6 -13.51 -4.01 -31.94
C VAL C 6 -14.71 -3.26 -31.37
N PHE C 7 -14.88 -3.31 -30.06
CA PHE C 7 -16.12 -2.85 -29.42
C PHE C 7 -16.33 -1.34 -29.39
N HIS C 8 -15.25 -0.57 -29.21
CA HIS C 8 -15.38 0.87 -29.06
C HIS C 8 -15.01 1.69 -30.29
N LEU C 9 -13.93 1.32 -30.97
CA LEU C 9 -13.37 2.16 -32.05
C LEU C 9 -14.19 2.16 -33.34
N GLY C 10 -14.96 1.10 -33.56
CA GLY C 10 -15.76 0.99 -34.78
C GLY C 10 -14.88 0.78 -36.00
N LEU C 11 -13.82 -0.01 -35.81
CA LEU C 11 -12.84 -0.24 -36.84
C LEU C 11 -12.67 -1.72 -37.13
N THR C 12 -12.32 -2.01 -38.38
CA THR C 12 -11.99 -3.36 -38.82
C THR C 12 -10.50 -3.38 -39.15
N LYS C 13 -9.91 -4.57 -39.23
CA LYS C 13 -8.49 -4.68 -39.60
C LYS C 13 -8.27 -4.14 -41.01
N ASN C 14 -9.27 -4.29 -41.87
CA ASN C 14 -9.19 -3.77 -43.24
C ASN C 14 -9.11 -2.24 -43.31
N ASP C 15 -9.81 -1.57 -42.39
CA ASP C 15 -9.75 -0.10 -42.27
C ASP C 15 -8.31 0.39 -42.12
N LEU C 16 -7.49 -0.42 -41.45
CA LEU C 16 -6.10 -0.06 -41.16
C LEU C 16 -5.16 -0.21 -42.35
N GLN C 17 -5.57 -0.98 -43.35
CA GLN C 17 -4.79 -1.19 -44.57
CA GLN C 17 -4.80 -1.22 -44.57
C GLN C 17 -3.32 -1.55 -44.28
N GLY C 18 -3.12 -2.44 -43.30
CA GLY C 18 -1.78 -2.89 -42.93
C GLY C 18 -1.00 -1.99 -41.98
N ALA C 19 -1.63 -0.92 -41.50
CA ALA C 19 -0.99 0.01 -40.58
C ALA C 19 -0.47 -0.70 -39.33
N GLN C 20 0.73 -0.33 -38.91
CA GLN C 20 1.31 -0.92 -37.70
C GLN C 20 1.72 0.16 -36.70
N LEU C 21 1.57 1.42 -37.11
CA LEU C 21 1.86 2.55 -36.25
C LEU C 21 0.65 3.46 -36.14
N ALA C 22 0.37 3.89 -34.91
CA ALA C 22 -0.69 4.86 -34.67
C ALA C 22 -0.15 6.08 -33.92
N ILE C 23 -0.57 7.26 -34.36
CA ILE C 23 -0.34 8.49 -33.62
C ILE C 23 -1.61 8.73 -32.80
N VAL C 24 -1.44 8.93 -31.49
CA VAL C 24 -2.58 8.96 -30.58
C VAL C 24 -2.70 10.24 -29.76
N PRO C 25 -3.36 11.27 -30.33
CA PRO C 25 -3.61 12.48 -29.56
C PRO C 25 -4.74 12.25 -28.57
N GLY C 26 -4.86 13.11 -27.57
CA GLY C 26 -5.96 13.02 -26.63
C GLY C 26 -7.26 13.57 -27.20
N ASP C 27 -7.14 14.64 -27.98
CA ASP C 27 -8.31 15.39 -28.47
C ASP C 27 -8.77 14.89 -29.83
N PRO C 28 -10.02 14.36 -29.91
CA PRO C 28 -10.55 13.91 -31.19
C PRO C 28 -10.48 14.96 -32.29
N GLU C 29 -10.56 16.23 -31.92
CA GLU C 29 -10.56 17.32 -32.88
C GLU C 29 -9.19 17.57 -33.53
N ARG C 30 -8.14 16.97 -32.98
CA ARG C 30 -6.80 17.15 -33.54
CA ARG C 30 -6.77 17.12 -33.51
C ARG C 30 -6.40 16.01 -34.48
N VAL C 31 -7.22 14.95 -34.51
CA VAL C 31 -6.95 13.76 -35.32
C VAL C 31 -6.80 14.08 -36.81
N GLU C 32 -7.80 14.76 -37.37
CA GLU C 32 -7.73 15.15 -38.78
C GLU C 32 -6.54 16.08 -39.05
N LYS C 33 -6.27 16.99 -38.13
CA LYS C 33 -5.17 17.95 -38.29
C LYS C 33 -3.82 17.25 -38.44
N ILE C 34 -3.61 16.19 -37.65
CA ILE C 34 -2.40 15.37 -37.73
C ILE C 34 -2.40 14.55 -39.02
N ALA C 35 -3.55 13.96 -39.35
CA ALA C 35 -3.69 13.16 -40.57
C ALA C 35 -3.39 13.97 -41.83
N ALA C 36 -3.83 15.22 -41.83
CA ALA C 36 -3.65 16.13 -42.98
C ALA C 36 -2.19 16.47 -43.29
N LEU C 37 -1.30 16.16 -42.34
CA LEU C 37 0.13 16.38 -42.55
C LEU C 37 0.80 15.21 -43.29
N MET C 38 0.02 14.16 -43.54
CA MET C 38 0.50 12.99 -44.27
C MET C 38 -0.29 12.80 -45.57
N ASP C 39 0.09 11.79 -46.35
CA ASP C 39 -0.50 11.53 -47.65
CA ASP C 39 -0.51 11.54 -47.65
C ASP C 39 -1.83 10.79 -47.53
N LYS C 40 -2.74 11.07 -48.47
CA LYS C 40 -4.02 10.37 -48.58
CA LYS C 40 -4.02 10.37 -48.59
C LYS C 40 -4.76 10.23 -47.24
N PRO C 41 -4.98 11.36 -46.53
CA PRO C 41 -5.72 11.21 -45.28
C PRO C 41 -7.19 10.87 -45.54
N VAL C 42 -7.73 9.92 -44.77
CA VAL C 42 -9.12 9.55 -44.88
CA VAL C 42 -9.11 9.47 -44.91
C VAL C 42 -9.70 9.23 -43.52
N LYS C 43 -10.92 9.71 -43.28
CA LYS C 43 -11.63 9.43 -42.03
C LYS C 43 -12.00 7.95 -41.99
N LEU C 44 -11.81 7.33 -40.83
CA LEU C 44 -12.22 5.96 -40.64
C LEU C 44 -13.50 5.87 -39.83
N ALA C 45 -13.47 6.43 -38.62
CA ALA C 45 -14.59 6.32 -37.69
C ALA C 45 -14.57 7.41 -36.64
N SER C 46 -15.72 7.65 -36.03
CA SER C 46 -15.81 8.49 -34.85
C SER C 46 -16.88 7.93 -33.94
N HIS C 47 -16.46 7.47 -32.77
CA HIS C 47 -17.39 6.94 -31.77
C HIS C 47 -16.91 7.39 -30.41
N ARG C 48 -17.81 7.95 -29.60
CA ARG C 48 -17.43 8.49 -28.31
C ARG C 48 -16.21 9.42 -28.49
N GLU C 49 -15.19 9.29 -27.64
CA GLU C 49 -13.99 10.13 -27.74
C GLU C 49 -12.96 9.60 -28.76
N PHE C 50 -13.35 8.61 -29.55
CA PHE C 50 -12.42 7.91 -30.42
C PHE C 50 -12.64 8.23 -31.89
N THR C 51 -11.95 9.26 -32.37
CA THR C 51 -11.97 9.62 -33.77
C THR C 51 -10.70 9.09 -34.40
N SER C 52 -10.86 8.37 -35.51
CA SER C 52 -9.75 7.72 -36.18
C SER C 52 -9.68 8.07 -37.64
N TRP C 53 -8.47 8.38 -38.09
CA TRP C 53 -8.18 8.60 -39.50
C TRP C 53 -7.06 7.66 -39.92
N ARG C 54 -6.97 7.41 -41.21
CA ARG C 54 -5.83 6.71 -41.77
C ARG C 54 -5.13 7.66 -42.73
N ALA C 55 -3.82 7.57 -42.77
CA ALA C 55 -3.03 8.31 -43.74
C ALA C 55 -1.89 7.43 -44.23
N GLU C 56 -1.03 8.01 -45.07
CA GLU C 56 0.07 7.29 -45.66
C GLU C 56 1.35 8.07 -45.44
N LEU C 57 2.39 7.37 -45.02
CA LEU C 57 3.69 7.97 -44.79
CA LEU C 57 3.69 7.96 -44.77
C LEU C 57 4.76 7.07 -45.40
N ASP C 58 5.50 7.62 -46.36
CA ASP C 58 6.48 6.87 -47.13
C ASP C 58 5.92 5.54 -47.64
N GLY C 59 4.73 5.61 -48.24
CA GLY C 59 4.06 4.44 -48.82
C GLY C 59 3.46 3.46 -47.82
N LYS C 60 3.55 3.79 -46.53
CA LYS C 60 3.03 2.93 -45.47
C LYS C 60 1.83 3.56 -44.77
N ALA C 61 0.81 2.75 -44.53
CA ALA C 61 -0.39 3.22 -43.83
C ALA C 61 -0.09 3.53 -42.38
N VAL C 62 -0.66 4.64 -41.90
CA VAL C 62 -0.52 5.08 -40.51
CA VAL C 62 -0.54 5.05 -40.51
C VAL C 62 -1.91 5.44 -39.97
N ILE C 63 -2.14 5.12 -38.69
CA ILE C 63 -3.39 5.46 -38.05
C ILE C 63 -3.19 6.70 -37.17
N VAL C 64 -4.18 7.58 -37.17
CA VAL C 64 -4.27 8.61 -36.16
C VAL C 64 -5.58 8.36 -35.41
N CYS C 65 -5.50 8.23 -34.10
CA CYS C 65 -6.68 7.90 -33.32
C CYS C 65 -6.63 8.60 -31.98
N SER C 66 -7.70 9.31 -31.66
CA SER C 66 -7.77 10.00 -30.37
C SER C 66 -8.03 9.02 -29.24
N THR C 67 -7.50 9.34 -28.07
CA THR C 67 -7.64 8.50 -26.89
C THR C 67 -8.70 9.04 -25.93
N GLY C 68 -9.03 10.31 -26.06
CA GLY C 68 -9.77 11.02 -25.00
C GLY C 68 -8.81 11.33 -23.88
N ILE C 69 -9.29 12.06 -22.88
CA ILE C 69 -8.48 12.37 -21.71
C ILE C 69 -8.45 11.19 -20.75
N GLY C 70 -7.26 10.81 -20.32
CA GLY C 70 -7.09 9.84 -19.26
C GLY C 70 -6.69 8.44 -19.68
N GLY C 71 -6.06 7.75 -18.75
CA GLY C 71 -5.66 6.36 -18.94
C GLY C 71 -6.77 5.40 -19.34
N PRO C 72 -7.95 5.47 -18.69
CA PRO C 72 -9.04 4.57 -19.05
C PRO C 72 -9.37 4.55 -20.55
N SER C 73 -9.72 5.70 -21.13
CA SER C 73 -10.05 5.72 -22.55
C SER C 73 -8.83 5.43 -23.41
N THR C 74 -7.66 5.89 -22.97
CA THR C 74 -6.40 5.55 -23.64
C THR C 74 -6.22 4.03 -23.73
N SER C 75 -6.44 3.34 -22.62
CA SER C 75 -6.26 1.88 -22.56
C SER C 75 -7.20 1.15 -23.52
N ILE C 76 -8.40 1.69 -23.72
CA ILE C 76 -9.35 1.13 -24.68
C ILE C 76 -8.82 1.30 -26.11
N ALA C 77 -8.41 2.53 -26.44
CA ALA C 77 -7.94 2.82 -27.80
C ALA C 77 -6.70 2.00 -28.13
N VAL C 78 -5.74 1.97 -27.20
CA VAL C 78 -4.50 1.22 -27.44
C VAL C 78 -4.76 -0.27 -27.60
N GLU C 79 -5.56 -0.84 -26.69
CA GLU C 79 -5.90 -2.25 -26.74
C GLU C 79 -6.54 -2.62 -28.07
N GLU C 80 -7.56 -1.85 -28.47
CA GLU C 80 -8.33 -2.18 -29.65
C GLU C 80 -7.51 -1.93 -30.93
N LEU C 81 -6.67 -0.91 -30.93
CA LEU C 81 -5.72 -0.70 -32.01
C LEU C 81 -4.70 -1.85 -32.09
N ALA C 82 -4.25 -2.33 -30.93
CA ALA C 82 -3.33 -3.46 -30.88
C ALA C 82 -3.98 -4.70 -31.48
N GLN C 83 -5.26 -4.91 -31.15
CA GLN C 83 -6.03 -6.03 -31.71
C GLN C 83 -6.07 -5.97 -33.22
N LEU C 84 -6.11 -4.76 -33.76
CA LEU C 84 -6.20 -4.55 -35.20
C LEU C 84 -4.84 -4.48 -35.89
N GLY C 85 -3.76 -4.64 -35.13
CA GLY C 85 -2.43 -4.80 -35.69
C GLY C 85 -1.40 -3.72 -35.42
N ILE C 86 -1.80 -2.67 -34.71
CA ILE C 86 -0.87 -1.59 -34.34
C ILE C 86 0.11 -2.10 -33.29
N ARG C 87 1.39 -1.80 -33.50
CA ARG C 87 2.47 -2.27 -32.61
C ARG C 87 3.31 -1.10 -32.09
N THR C 88 3.12 0.06 -32.69
CA THR C 88 3.82 1.27 -32.26
C THR C 88 2.82 2.40 -32.06
N PHE C 89 2.90 3.05 -30.91
CA PHE C 89 1.99 4.11 -30.52
C PHE C 89 2.80 5.34 -30.16
N LEU C 90 2.51 6.45 -30.83
CA LEU C 90 3.15 7.71 -30.49
C LEU C 90 2.11 8.68 -29.99
N ARG C 91 2.15 8.96 -28.69
CA ARG C 91 1.25 9.96 -28.13
C ARG C 91 1.77 11.36 -28.38
N ILE C 92 0.85 12.19 -28.86
CA ILE C 92 1.11 13.62 -28.95
CA ILE C 92 1.08 13.63 -29.00
C ILE C 92 0.06 14.37 -28.13
N GLY C 93 0.55 15.11 -27.14
CA GLY C 93 -0.35 15.76 -26.21
C GLY C 93 -0.06 17.21 -25.90
N THR C 94 -0.86 17.72 -24.96
CA THR C 94 -0.64 19.02 -24.37
C THR C 94 -0.23 18.77 -22.93
N THR C 95 0.49 19.72 -22.36
CA THR C 95 1.11 19.51 -21.05
C THR C 95 1.35 20.82 -20.32
N GLY C 96 1.32 20.75 -19.00
CA GLY C 96 1.71 21.88 -18.16
C GLY C 96 3.12 21.64 -17.66
N ALA C 97 4.02 22.57 -17.98
CA ALA C 97 5.40 22.50 -17.49
C ALA C 97 5.44 22.89 -16.02
N ILE C 98 6.32 22.24 -15.26
CA ILE C 98 6.47 22.55 -13.84
C ILE C 98 7.87 23.04 -13.48
N GLN C 99 8.77 23.01 -14.46
CA GLN C 99 10.11 23.57 -14.30
C GLN C 99 10.14 25.01 -14.82
N PRO C 100 10.77 25.94 -14.06
N PRO C 100 10.77 25.92 -14.05
CA PRO C 100 10.82 27.35 -14.49
CA PRO C 100 10.73 27.38 -14.27
C PRO C 100 11.61 27.56 -15.79
C PRO C 100 10.99 27.81 -15.71
N HIS C 101 12.47 26.61 -16.12
N HIS C 101 12.01 27.22 -16.34
CA HIS C 101 13.31 26.72 -17.32
CA HIS C 101 12.48 27.70 -17.62
C HIS C 101 12.62 26.23 -18.59
C HIS C 101 12.01 26.87 -18.81
N ILE C 102 11.37 25.79 -18.47
N ILE C 102 11.10 25.93 -18.57
CA ILE C 102 10.60 25.34 -19.63
CA ILE C 102 10.45 25.22 -19.66
C ILE C 102 9.50 26.35 -19.98
C ILE C 102 9.24 26.04 -20.11
N ASN C 103 9.40 26.70 -21.26
CA ASN C 103 8.44 27.71 -21.72
C ASN C 103 7.24 27.18 -22.51
N VAL C 104 6.16 27.95 -22.55
CA VAL C 104 5.01 27.64 -23.40
C VAL C 104 5.50 27.53 -24.84
N GLY C 105 5.11 26.44 -25.51
CA GLY C 105 5.54 26.19 -26.88
C GLY C 105 6.74 25.26 -26.96
N ASP C 106 7.37 24.99 -25.82
CA ASP C 106 8.45 24.01 -25.75
C ASP C 106 7.92 22.61 -26.03
N VAL C 107 8.79 21.74 -26.49
CA VAL C 107 8.42 20.37 -26.80
C VAL C 107 9.08 19.44 -25.78
N LEU C 108 8.28 18.60 -25.15
CA LEU C 108 8.79 17.68 -24.13
C LEU C 108 8.65 16.24 -24.58
N VAL C 109 9.78 15.55 -24.62
CA VAL C 109 9.80 14.11 -24.91
C VAL C 109 9.97 13.36 -23.59
N THR C 110 9.04 12.44 -23.35
CA THR C 110 9.00 11.70 -22.10
C THR C 110 9.77 10.38 -22.20
N THR C 111 10.76 10.21 -21.33
CA THR C 111 11.50 8.96 -21.24
C THR C 111 10.71 7.94 -20.42
N ALA C 112 10.10 8.42 -19.34
CA ALA C 112 9.26 7.59 -18.47
C ALA C 112 8.38 8.49 -17.63
N SER C 113 7.34 7.91 -17.04
CA SER C 113 6.36 8.69 -16.32
C SER C 113 6.20 8.30 -14.86
N VAL C 114 5.97 9.31 -14.02
CA VAL C 114 5.51 9.10 -12.66
C VAL C 114 4.06 8.62 -12.79
N ARG C 115 3.77 7.48 -12.19
CA ARG C 115 2.48 6.85 -12.37
C ARG C 115 1.47 7.34 -11.35
N LEU C 116 0.87 8.49 -11.64
CA LEU C 116 -0.17 9.05 -10.77
C LEU C 116 -1.53 8.73 -11.37
N ASP C 117 -1.60 7.61 -12.07
CA ASP C 117 -2.80 7.12 -12.71
C ASP C 117 -3.26 5.83 -12.04
N GLY C 118 -4.38 5.29 -12.50
CA GLY C 118 -4.87 4.00 -12.02
C GLY C 118 -4.75 2.89 -13.05
N ALA C 119 -4.91 3.24 -14.33
CA ALA C 119 -4.97 2.23 -15.39
C ALA C 119 -3.65 1.48 -15.58
N SER C 120 -2.52 2.15 -15.34
CA SER C 120 -1.23 1.47 -15.48
C SER C 120 -1.18 0.24 -14.59
N LEU C 121 -1.80 0.34 -13.41
CA LEU C 121 -1.83 -0.76 -12.43
C LEU C 121 -2.60 -1.97 -12.91
N HIS C 122 -3.40 -1.79 -13.94
CA HIS C 122 -4.17 -2.87 -14.55
C HIS C 122 -3.33 -3.64 -15.55
N PHE C 123 -2.10 -3.19 -15.77
CA PHE C 123 -1.17 -3.86 -16.68
C PHE C 123 0.10 -4.34 -16.00
N ALA C 124 0.55 -3.58 -15.00
CA ALA C 124 1.75 -3.94 -14.25
C ALA C 124 1.70 -3.32 -12.87
N PRO C 125 2.30 -3.97 -11.86
CA PRO C 125 2.29 -3.40 -10.52
C PRO C 125 3.13 -2.12 -10.50
N MET C 126 2.99 -1.33 -9.45
CA MET C 126 3.56 0.01 -9.41
C MET C 126 5.08 0.03 -9.60
N GLU C 127 5.72 -1.06 -9.14
CA GLU C 127 7.17 -1.20 -9.23
CA GLU C 127 7.16 -1.26 -9.23
CA GLU C 127 7.17 -1.21 -9.23
C GLU C 127 7.67 -1.21 -10.68
N PHE C 128 6.81 -1.61 -11.60
CA PHE C 128 7.15 -1.62 -13.03
C PHE C 128 7.26 -0.18 -13.57
N PRO C 129 8.33 0.09 -14.34
CA PRO C 129 8.51 1.45 -14.86
C PRO C 129 7.60 1.79 -16.03
N ALA C 130 6.95 2.97 -15.95
CA ALA C 130 6.20 3.51 -17.07
C ALA C 130 7.18 4.11 -18.06
N VAL C 131 7.96 3.25 -18.71
CA VAL C 131 9.06 3.68 -19.56
C VAL C 131 8.70 3.64 -21.04
N ALA C 132 9.15 4.66 -21.77
CA ALA C 132 8.96 4.73 -23.20
C ALA C 132 9.90 3.77 -23.92
N ASP C 133 9.50 3.37 -25.12
CA ASP C 133 10.33 2.53 -25.97
C ASP C 133 11.54 3.34 -26.44
N PHE C 134 12.70 2.71 -26.45
CA PHE C 134 13.94 3.42 -26.80
C PHE C 134 13.93 3.94 -28.23
N ALA C 135 13.47 3.12 -29.17
CA ALA C 135 13.42 3.52 -30.58
C ALA C 135 12.47 4.70 -30.80
N CYS C 136 11.31 4.66 -30.15
CA CYS C 136 10.33 5.74 -30.26
C CYS C 136 10.88 7.04 -29.68
N THR C 137 11.46 6.97 -28.50
CA THR C 137 12.04 8.14 -27.84
C THR C 137 13.14 8.73 -28.71
N THR C 138 14.04 7.86 -29.19
CA THR C 138 15.12 8.25 -30.08
C THR C 138 14.57 8.99 -31.31
N ALA C 139 13.52 8.42 -31.92
CA ALA C 139 12.92 9.02 -33.11
C ALA C 139 12.32 10.39 -32.81
N LEU C 140 11.68 10.54 -31.64
CA LEU C 140 11.11 11.82 -31.24
C LEU C 140 12.18 12.87 -30.97
N VAL C 141 13.25 12.45 -30.29
CA VAL C 141 14.38 13.33 -30.01
C VAL C 141 15.06 13.79 -31.31
N GLU C 142 15.32 12.84 -32.21
CA GLU C 142 15.95 13.13 -33.50
C GLU C 142 15.06 13.98 -34.39
N ALA C 143 13.75 13.71 -34.37
CA ALA C 143 12.78 14.54 -35.09
C ALA C 143 12.77 15.97 -34.56
N ALA C 144 12.87 16.10 -33.24
CA ALA C 144 12.90 17.40 -32.57
C ALA C 144 14.14 18.20 -32.95
N LYS C 145 15.28 17.50 -33.03
CA LYS C 145 16.56 18.12 -33.36
CA LYS C 145 16.56 18.12 -33.37
C LYS C 145 16.59 18.56 -34.83
N SER C 146 15.90 17.82 -35.69
CA SER C 146 15.87 18.10 -37.12
C SER C 146 15.12 19.39 -37.47
N ILE C 147 14.11 19.73 -36.68
CA ILE C 147 13.33 20.95 -36.92
C ILE C 147 13.74 22.13 -36.02
N GLY C 148 14.69 21.88 -35.12
CA GLY C 148 15.25 22.93 -34.27
C GLY C 148 14.31 23.49 -33.21
N ALA C 149 13.35 22.68 -32.77
CA ALA C 149 12.44 23.08 -31.70
C ALA C 149 13.12 23.00 -30.35
N THR C 150 12.75 23.89 -29.43
CA THR C 150 13.26 23.86 -28.06
C THR C 150 12.67 22.64 -27.33
N THR C 151 13.54 21.68 -27.04
CA THR C 151 13.11 20.37 -26.59
C THR C 151 13.78 19.96 -25.29
N HIS C 152 12.99 19.38 -24.39
CA HIS C 152 13.51 18.82 -23.15
C HIS C 152 13.10 17.36 -23.08
N VAL C 153 14.02 16.54 -22.57
CA VAL C 153 13.85 15.10 -22.52
C VAL C 153 13.97 14.65 -21.07
N GLY C 154 13.01 13.86 -20.59
CA GLY C 154 13.05 13.41 -19.21
C GLY C 154 11.73 12.92 -18.67
N VAL C 155 11.56 13.04 -17.36
CA VAL C 155 10.43 12.44 -16.67
C VAL C 155 9.20 13.34 -16.62
N THR C 156 8.03 12.71 -16.77
CA THR C 156 6.75 13.39 -16.80
C THR C 156 5.85 12.81 -15.71
N ALA C 157 5.13 13.66 -15.00
CA ALA C 157 4.16 13.21 -14.02
C ALA C 157 2.83 13.02 -14.75
N SER C 158 2.31 11.80 -14.70
CA SER C 158 1.09 11.49 -15.45
C SER C 158 -0.07 11.21 -14.52
N SER C 159 -1.04 12.12 -14.51
CA SER C 159 -2.05 12.18 -13.47
C SER C 159 -3.43 11.80 -13.98
N ASP C 160 -4.16 11.07 -13.14
CA ASP C 160 -5.56 10.74 -13.43
C ASP C 160 -6.50 11.93 -13.26
N THR C 161 -6.00 13.05 -12.74
CA THR C 161 -6.81 14.26 -12.67
C THR C 161 -6.07 15.47 -13.22
N PHE C 162 -6.84 16.43 -13.70
CA PHE C 162 -6.32 17.70 -14.14
C PHE C 162 -6.09 18.60 -12.92
N TYR C 163 -6.91 18.41 -11.89
CA TYR C 163 -6.91 19.35 -10.77
C TYR C 163 -6.09 18.88 -9.54
N PRO C 164 -6.68 18.08 -8.64
CA PRO C 164 -5.92 17.81 -7.39
C PRO C 164 -4.61 17.04 -7.60
N GLY C 165 -4.60 16.11 -8.55
CA GLY C 165 -3.39 15.32 -8.84
C GLY C 165 -2.27 16.12 -9.45
N GLN C 166 -2.59 17.34 -9.91
CA GLN C 166 -1.58 18.27 -10.40
C GLN C 166 -1.45 19.43 -9.42
N GLU C 167 -1.92 19.20 -8.20
CA GLU C 167 -1.94 20.16 -7.10
C GLU C 167 -2.46 21.55 -7.49
N ARG C 168 -3.58 21.54 -8.21
CA ARG C 168 -4.29 22.78 -8.51
C ARG C 168 -5.25 23.08 -7.37
N TYR C 169 -5.22 24.31 -6.87
CA TYR C 169 -6.08 24.74 -5.77
C TYR C 169 -7.24 25.63 -6.20
N ASP C 170 -7.19 26.11 -7.44
CA ASP C 170 -8.23 27.01 -7.96
C ASP C 170 -9.43 26.19 -8.41
N THR C 171 -10.09 25.56 -7.43
CA THR C 171 -11.13 24.57 -7.70
C THR C 171 -12.34 24.82 -6.82
N TYR C 172 -13.39 24.06 -7.06
CA TYR C 172 -14.62 24.12 -6.27
C TYR C 172 -14.35 23.97 -4.77
N SER C 173 -13.56 22.96 -4.41
CA SER C 173 -13.30 22.65 -3.00
C SER C 173 -12.16 23.47 -2.43
N GLY C 174 -11.21 23.84 -3.30
CA GLY C 174 -9.98 24.50 -2.88
C GLY C 174 -9.10 23.59 -2.05
N ARG C 175 -9.47 22.32 -2.04
CA ARG C 175 -8.81 21.28 -1.23
CA ARG C 175 -8.78 21.31 -1.24
C ARG C 175 -7.97 20.37 -2.13
N VAL C 176 -6.82 19.95 -1.63
CA VAL C 176 -6.05 18.91 -2.30
C VAL C 176 -5.80 17.82 -1.27
N VAL C 177 -6.18 16.59 -1.61
CA VAL C 177 -6.06 15.44 -0.71
C VAL C 177 -4.61 15.30 -0.23
N ARG C 178 -4.44 14.84 0.99
CA ARG C 178 -3.12 14.70 1.62
C ARG C 178 -2.03 14.18 0.68
N ARG C 179 -2.34 13.10 -0.05
CA ARG C 179 -1.41 12.47 -0.99
C ARG C 179 -0.72 13.49 -1.92
N PHE C 180 -1.50 14.48 -2.37
CA PHE C 180 -1.01 15.42 -3.37
C PHE C 180 -0.60 16.78 -2.82
N LYS C 181 -0.78 16.98 -1.51
CA LYS C 181 -0.31 18.19 -0.84
CA LYS C 181 -0.31 18.19 -0.84
C LYS C 181 1.21 18.25 -0.92
N GLY C 182 1.71 19.34 -1.51
CA GLY C 182 3.16 19.54 -1.69
C GLY C 182 3.77 18.72 -2.80
N SER C 183 2.93 18.02 -3.56
CA SER C 183 3.43 17.08 -4.57
C SER C 183 4.09 17.75 -5.78
N MET C 184 3.57 18.89 -6.21
CA MET C 184 4.19 19.59 -7.34
C MET C 184 5.63 19.97 -7.02
N GLU C 185 5.85 20.53 -5.83
CA GLU C 185 7.19 20.89 -5.37
CA GLU C 185 7.18 20.88 -5.34
C GLU C 185 8.10 19.66 -5.34
N GLU C 186 7.55 18.55 -4.87
CA GLU C 186 8.28 17.29 -4.82
C GLU C 186 8.74 16.88 -6.22
N TRP C 187 7.81 16.83 -7.17
CA TRP C 187 8.17 16.45 -8.55
C TRP C 187 9.17 17.44 -9.14
N GLN C 188 8.96 18.73 -8.86
CA GLN C 188 9.87 19.77 -9.34
C GLN C 188 11.29 19.52 -8.86
N ALA C 189 11.45 19.24 -7.57
CA ALA C 189 12.76 18.97 -6.96
C ALA C 189 13.40 17.72 -7.56
N MET C 190 12.55 16.78 -7.99
CA MET C 190 13.01 15.52 -8.58
C MET C 190 13.29 15.64 -10.08
N GLY C 191 13.16 16.84 -10.62
CA GLY C 191 13.47 17.10 -12.02
C GLY C 191 12.40 16.73 -13.02
N VAL C 192 11.20 16.40 -12.51
CA VAL C 192 10.06 16.09 -13.37
C VAL C 192 9.73 17.33 -14.19
N MET C 193 9.51 17.16 -15.49
CA MET C 193 9.37 18.29 -16.39
C MET C 193 7.97 18.89 -16.38
N ASN C 194 6.97 18.02 -16.27
CA ASN C 194 5.61 18.38 -16.66
C ASN C 194 4.55 17.42 -16.17
N TYR C 195 3.31 17.90 -16.25
CA TYR C 195 2.12 17.11 -15.98
C TYR C 195 1.37 16.87 -17.27
N GLU C 196 0.89 15.65 -17.45
CA GLU C 196 -0.15 15.37 -18.42
C GLU C 196 -0.96 14.17 -17.91
N MET C 197 -1.81 13.60 -18.74
CA MET C 197 -2.83 12.70 -18.19
C MET C 197 -3.01 11.34 -18.85
N GLU C 198 -2.09 10.94 -19.74
CA GLU C 198 -2.24 9.65 -20.42
C GLU C 198 -0.98 8.79 -20.53
N SER C 199 0.19 9.40 -20.35
CA SER C 199 1.44 8.69 -20.62
C SER C 199 1.71 7.52 -19.68
N ALA C 200 1.38 7.65 -18.39
CA ALA C 200 1.66 6.55 -17.46
C ALA C 200 0.95 5.28 -17.91
N THR C 201 -0.32 5.43 -18.28
CA THR C 201 -1.11 4.30 -18.78
C THR C 201 -0.54 3.79 -20.09
N LEU C 202 -0.33 4.71 -21.04
CA LEU C 202 0.19 4.34 -22.36
C LEU C 202 1.51 3.61 -22.25
N LEU C 203 2.46 4.22 -21.56
CA LEU C 203 3.82 3.66 -21.48
C LEU C 203 3.84 2.33 -20.75
N THR C 204 3.13 2.24 -19.63
CA THR C 204 3.10 0.99 -18.87
C THR C 204 2.42 -0.14 -19.65
N MET C 205 1.27 0.13 -20.25
CA MET C 205 0.53 -0.92 -20.95
C MET C 205 1.28 -1.42 -22.18
N CYS C 206 2.01 -0.53 -22.85
CA CYS C 206 2.82 -0.93 -23.99
C CYS C 206 4.08 -1.67 -23.58
N ALA C 207 4.83 -1.11 -22.63
CA ALA C 207 6.10 -1.69 -22.19
C ALA C 207 5.93 -3.08 -21.59
N SER C 208 4.74 -3.35 -21.04
CA SER C 208 4.46 -4.63 -20.40
C SER C 208 3.73 -5.62 -21.33
N GLN C 209 3.53 -5.23 -22.59
CA GLN C 209 2.81 -6.08 -23.56
C GLN C 209 3.49 -6.16 -24.93
N GLY C 210 4.78 -5.81 -25.00
CA GLY C 210 5.56 -5.93 -26.23
C GLY C 210 5.17 -4.94 -27.31
N LEU C 211 4.56 -3.83 -26.90
CA LEU C 211 4.20 -2.75 -27.81
C LEU C 211 5.15 -1.58 -27.61
N ARG C 212 5.46 -0.87 -28.70
CA ARG C 212 6.36 0.27 -28.62
C ARG C 212 5.57 1.55 -28.44
N ALA C 213 5.96 2.35 -27.45
CA ALA C 213 5.30 3.63 -27.23
C ALA C 213 6.29 4.76 -27.05
N GLY C 214 5.94 5.91 -27.62
CA GLY C 214 6.68 7.14 -27.43
C GLY C 214 5.72 8.22 -26.98
N MET C 215 6.25 9.25 -26.36
CA MET C 215 5.42 10.28 -25.76
C MET C 215 6.04 11.65 -26.01
N VAL C 216 5.28 12.53 -26.65
CA VAL C 216 5.72 13.89 -26.90
C VAL C 216 4.56 14.84 -26.62
N ALA C 217 4.88 16.02 -26.09
CA ALA C 217 3.85 17.01 -25.78
C ALA C 217 4.35 18.44 -25.95
N GLY C 218 3.41 19.32 -26.31
CA GLY C 218 3.68 20.75 -26.39
C GLY C 218 3.21 21.44 -25.12
N VAL C 219 4.05 22.32 -24.59
CA VAL C 219 3.76 23.00 -23.33
C VAL C 219 2.74 24.11 -23.56
N ILE C 220 1.60 24.02 -22.88
CA ILE C 220 0.54 25.03 -23.03
C ILE C 220 0.41 25.97 -21.82
N VAL C 221 1.10 25.62 -20.73
CA VAL C 221 1.19 26.49 -19.56
C VAL C 221 2.42 26.13 -18.76
N ASN C 222 2.98 27.12 -18.08
CA ASN C 222 3.99 26.85 -17.07
C ASN C 222 3.41 27.11 -15.67
N ARG C 223 3.45 26.07 -14.84
CA ARG C 223 2.77 26.07 -13.55
C ARG C 223 3.45 26.91 -12.47
N THR C 224 4.69 27.31 -12.71
CA THR C 224 5.38 28.23 -11.81
C THR C 224 4.85 29.65 -11.99
N GLN C 225 4.06 29.84 -13.05
CA GLN C 225 3.49 31.14 -13.38
C GLN C 225 1.97 31.21 -13.15
N GLN C 226 1.24 30.18 -13.57
CA GLN C 226 -0.22 30.13 -13.42
C GLN C 226 -0.78 28.71 -13.45
N GLU C 227 -1.97 28.53 -12.88
CA GLU C 227 -2.62 27.22 -12.81
C GLU C 227 -3.32 26.83 -14.11
N ILE C 228 -4.09 27.76 -14.67
CA ILE C 228 -4.91 27.49 -15.86
C ILE C 228 -4.26 28.11 -17.09
N PRO C 229 -4.10 27.32 -18.17
CA PRO C 229 -3.53 27.82 -19.43
C PRO C 229 -4.41 28.86 -20.11
N ASN C 230 -3.79 29.75 -20.88
CA ASN C 230 -4.49 30.77 -21.66
C ASN C 230 -5.37 30.16 -22.75
N THR C 237 3.10 23.94 -27.87
CA THR C 237 3.64 23.75 -29.21
C THR C 237 2.64 23.07 -30.13
N GLU C 238 1.75 23.86 -30.72
CA GLU C 238 0.72 23.34 -31.61
C GLU C 238 1.33 22.65 -32.84
N SER C 239 2.07 23.42 -33.64
CA SER C 239 2.68 22.90 -34.85
C SER C 239 3.98 22.13 -34.60
N HIS C 240 4.84 22.68 -33.75
CA HIS C 240 6.15 22.08 -33.47
C HIS C 240 6.05 20.61 -33.06
N ALA C 241 5.26 20.34 -32.02
CA ALA C 241 5.09 18.99 -31.49
C ALA C 241 4.43 18.04 -32.48
N VAL C 242 3.47 18.55 -33.26
CA VAL C 242 2.78 17.75 -34.28
C VAL C 242 3.71 17.39 -35.44
N LYS C 243 4.49 18.36 -35.90
CA LYS C 243 5.53 18.11 -36.91
C LYS C 243 6.50 17.05 -36.41
N ILE C 244 6.87 17.15 -35.14
CA ILE C 244 7.81 16.23 -34.52
C ILE C 244 7.27 14.79 -34.47
N VAL C 245 6.02 14.63 -34.05
CA VAL C 245 5.42 13.30 -33.94
C VAL C 245 5.29 12.61 -35.30
N VAL C 246 4.94 13.39 -36.33
CA VAL C 246 4.83 12.88 -37.70
C VAL C 246 6.20 12.49 -38.25
N GLU C 247 7.19 13.36 -38.04
CA GLU C 247 8.56 13.06 -38.45
C GLU C 247 9.14 11.86 -37.72
N ALA C 248 8.81 11.72 -36.43
CA ALA C 248 9.23 10.55 -35.66
C ALA C 248 8.58 9.27 -36.21
N ALA C 249 7.28 9.35 -36.51
CA ALA C 249 6.55 8.22 -37.11
C ALA C 249 7.25 7.73 -38.37
N ARG C 250 7.65 8.68 -39.21
CA ARG C 250 8.38 8.40 -40.44
C ARG C 250 9.59 7.49 -40.21
N ARG C 251 10.29 7.73 -39.10
CA ARG C 251 11.53 7.04 -38.76
CA ARG C 251 11.53 7.02 -38.80
C ARG C 251 11.29 5.67 -38.12
N LEU C 252 10.04 5.41 -37.75
CA LEU C 252 9.68 4.18 -37.03
C LEU C 252 8.89 3.16 -37.87
N LEU C 253 8.70 3.47 -39.15
CA LEU C 253 7.86 2.64 -40.02
C LEU C 253 8.56 1.38 -40.52
N SER D 4 41.02 11.55 2.28
CA SER D 4 39.74 11.02 2.84
C SER D 4 38.92 12.09 3.54
N ASP D 5 37.71 12.35 3.02
N ASP D 5 37.70 12.35 3.04
CA ASP D 5 36.73 13.22 3.70
CA ASP D 5 36.71 13.10 3.82
C ASP D 5 35.27 12.72 3.64
C ASP D 5 35.28 12.57 3.71
N VAL D 6 34.88 12.09 2.53
CA VAL D 6 33.55 11.43 2.43
C VAL D 6 33.57 10.17 3.28
N PHE D 7 32.48 9.94 4.01
CA PHE D 7 32.50 9.04 5.16
C PHE D 7 32.88 7.58 4.86
N HIS D 8 32.37 7.04 3.75
CA HIS D 8 32.62 5.64 3.42
C HIS D 8 33.73 5.44 2.39
N LEU D 9 33.70 6.19 1.30
CA LEU D 9 34.65 5.97 0.20
C LEU D 9 36.07 6.37 0.55
N GLY D 10 36.22 7.29 1.50
CA GLY D 10 37.55 7.76 1.91
C GLY D 10 38.22 8.56 0.81
N LEU D 11 37.43 9.34 0.09
CA LEU D 11 37.92 10.14 -1.03
C LEU D 11 37.74 11.62 -0.80
N THR D 12 38.65 12.40 -1.37
CA THR D 12 38.54 13.85 -1.39
C THR D 12 38.19 14.30 -2.80
N LYS D 13 37.74 15.54 -2.93
CA LYS D 13 37.48 16.11 -4.24
C LYS D 13 38.74 16.07 -5.11
N ASN D 14 39.89 16.38 -4.48
CA ASN D 14 41.18 16.38 -5.16
CA ASN D 14 41.19 16.37 -5.16
C ASN D 14 41.53 15.02 -5.79
N ASP D 15 41.18 13.93 -5.11
CA ASP D 15 41.41 12.57 -5.62
C ASP D 15 40.82 12.35 -7.00
N LEU D 16 39.69 13.02 -7.26
CA LEU D 16 38.95 12.86 -8.51
C LEU D 16 39.57 13.64 -9.67
N GLN D 17 40.40 14.64 -9.33
CA GLN D 17 41.08 15.48 -10.32
CA GLN D 17 41.08 15.48 -10.33
C GLN D 17 40.12 15.98 -11.41
N GLY D 18 38.94 16.42 -10.98
CA GLY D 18 37.94 17.00 -11.87
C GLY D 18 37.01 16.03 -12.57
N ALA D 19 37.11 14.74 -12.23
CA ALA D 19 36.26 13.70 -12.81
C ALA D 19 34.79 14.00 -12.57
N GLN D 20 33.99 13.82 -13.61
CA GLN D 20 32.54 14.03 -13.51
C GLN D 20 31.77 12.78 -13.90
N LEU D 21 32.49 11.74 -14.29
CA LEU D 21 31.86 10.48 -14.67
C LEU D 21 32.48 9.33 -13.89
N ALA D 22 31.60 8.46 -13.37
CA ALA D 22 32.03 7.26 -12.68
C ALA D 22 31.45 6.01 -13.34
N ILE D 23 32.32 5.03 -13.56
CA ILE D 23 31.89 3.69 -13.96
C ILE D 23 31.77 2.90 -12.65
N VAL D 24 30.61 2.31 -12.42
CA VAL D 24 30.34 1.70 -11.11
C VAL D 24 29.97 0.21 -11.19
N PRO D 25 30.99 -0.66 -11.10
CA PRO D 25 30.74 -2.10 -11.05
C PRO D 25 30.27 -2.49 -9.65
N GLY D 26 29.65 -3.65 -9.53
CA GLY D 26 29.24 -4.15 -8.22
C GLY D 26 30.43 -4.66 -7.41
N ASP D 27 31.31 -5.38 -8.10
CA ASP D 27 32.42 -6.10 -7.47
C ASP D 27 33.65 -5.20 -7.33
N PRO D 28 34.11 -4.98 -6.08
CA PRO D 28 35.35 -4.21 -5.85
C PRO D 28 36.57 -4.75 -6.60
N GLU D 29 36.59 -6.06 -6.84
CA GLU D 29 37.71 -6.72 -7.51
CA GLU D 29 37.70 -6.73 -7.50
C GLU D 29 37.74 -6.44 -9.01
N ARG D 30 36.64 -5.91 -9.55
CA ARG D 30 36.55 -5.58 -10.97
CA ARG D 30 36.54 -5.59 -10.97
C ARG D 30 37.01 -4.15 -11.24
N VAL D 31 37.14 -3.36 -10.18
CA VAL D 31 37.46 -1.94 -10.31
C VAL D 31 38.80 -1.69 -11.01
N GLU D 32 39.86 -2.33 -10.52
CA GLU D 32 41.18 -2.16 -11.11
C GLU D 32 41.17 -2.63 -12.56
N LYS D 33 40.50 -3.74 -12.81
CA LYS D 33 40.42 -4.32 -14.16
C LYS D 33 39.83 -3.35 -15.18
N ILE D 34 38.75 -2.66 -14.78
CA ILE D 34 38.12 -1.66 -15.62
C ILE D 34 39.02 -0.44 -15.78
N ALA D 35 39.58 0.04 -14.66
CA ALA D 35 40.49 1.18 -14.68
C ALA D 35 41.68 0.94 -15.62
N ALA D 36 42.20 -0.29 -15.61
CA ALA D 36 43.38 -0.66 -16.40
C ALA D 36 43.14 -0.65 -17.91
N LEU D 37 41.87 -0.64 -18.30
CA LEU D 37 41.50 -0.54 -19.71
C LEU D 37 41.61 0.88 -20.24
N MET D 38 41.80 1.82 -19.32
CA MET D 38 41.92 3.23 -19.65
C MET D 38 43.33 3.72 -19.31
N ASP D 39 43.62 4.98 -19.62
CA ASP D 39 44.95 5.54 -19.39
C ASP D 39 45.17 5.95 -17.94
N LYS D 40 46.44 5.93 -17.52
CA LYS D 40 46.87 6.38 -16.19
C LYS D 40 45.98 5.86 -15.06
N PRO D 41 45.80 4.53 -14.95
CA PRO D 41 45.00 4.03 -13.83
C PRO D 41 45.75 4.20 -12.52
N VAL D 42 45.06 4.73 -11.51
CA VAL D 42 45.63 5.00 -10.19
CA VAL D 42 45.65 4.90 -10.20
C VAL D 42 44.62 4.60 -9.11
N LYS D 43 45.04 3.80 -8.14
CA LYS D 43 44.18 3.44 -7.01
C LYS D 43 43.98 4.67 -6.14
N LEU D 44 42.74 4.87 -5.70
CA LEU D 44 42.45 5.98 -4.82
C LEU D 44 42.25 5.51 -3.38
N ALA D 45 41.36 4.55 -3.20
CA ALA D 45 41.03 4.05 -1.88
C ALA D 45 40.30 2.72 -1.93
N SER D 46 40.33 2.02 -0.81
CA SER D 46 39.56 0.81 -0.63
C SER D 46 39.11 0.73 0.82
N HIS D 47 37.80 0.84 1.02
CA HIS D 47 37.18 0.73 2.34
C HIS D 47 35.90 -0.06 2.17
N ARG D 48 35.70 -1.07 3.02
CA ARG D 48 34.54 -1.96 2.92
C ARG D 48 34.44 -2.49 1.48
N GLU D 49 33.25 -2.46 0.89
CA GLU D 49 33.06 -2.93 -0.49
C GLU D 49 33.35 -1.85 -1.52
N PHE D 50 33.89 -0.72 -1.07
CA PHE D 50 34.08 0.45 -1.92
C PHE D 50 35.54 0.61 -2.31
N THR D 51 35.87 0.06 -3.47
CA THR D 51 37.20 0.21 -4.05
C THR D 51 37.09 1.22 -5.18
N SER D 52 37.94 2.24 -5.12
CA SER D 52 37.88 3.33 -6.08
C SER D 52 39.22 3.57 -6.76
N TRP D 53 39.15 3.74 -8.07
CA TRP D 53 40.30 4.03 -8.91
C TRP D 53 40.01 5.25 -9.77
N ARG D 54 41.07 5.96 -10.15
CA ARG D 54 40.96 7.02 -11.13
C ARG D 54 41.68 6.58 -12.39
N ALA D 55 41.17 6.99 -13.54
CA ALA D 55 41.85 6.76 -14.80
C ALA D 55 41.59 7.96 -15.72
N GLU D 56 42.16 7.90 -16.91
CA GLU D 56 41.99 8.96 -17.91
CA GLU D 56 41.93 8.95 -17.90
C GLU D 56 41.45 8.37 -19.20
N LEU D 57 40.41 8.99 -19.74
CA LEU D 57 39.78 8.54 -20.97
C LEU D 57 39.69 9.74 -21.90
N ASP D 58 40.31 9.61 -23.07
CA ASP D 58 40.42 10.71 -24.04
C ASP D 58 40.87 12.02 -23.37
N GLY D 59 41.79 11.91 -22.42
CA GLY D 59 42.34 13.08 -21.73
C GLY D 59 41.58 13.56 -20.51
N LYS D 60 40.43 12.93 -20.22
CA LYS D 60 39.58 13.35 -19.11
C LYS D 60 39.59 12.35 -17.95
N ALA D 61 39.67 12.87 -16.73
CA ALA D 61 39.62 12.04 -15.54
C ALA D 61 38.27 11.33 -15.42
N VAL D 62 38.34 10.04 -15.10
CA VAL D 62 37.16 9.20 -14.89
CA VAL D 62 37.15 9.23 -14.85
C VAL D 62 37.37 8.40 -13.59
N ILE D 63 36.28 8.12 -12.90
CA ILE D 63 36.34 7.31 -11.68
C ILE D 63 35.77 5.94 -11.97
N VAL D 64 36.40 4.92 -11.40
CA VAL D 64 35.80 3.60 -11.32
C VAL D 64 35.65 3.30 -9.83
N CYS D 65 34.44 2.98 -9.41
CA CYS D 65 34.17 2.76 -8.00
C CYS D 65 33.13 1.68 -7.84
N SER D 66 33.45 0.67 -7.04
CA SER D 66 32.49 -0.40 -6.78
C SER D 66 31.36 0.06 -5.87
N THR D 67 30.20 -0.56 -6.05
CA THR D 67 29.02 -0.25 -5.26
C THR D 67 28.77 -1.30 -4.19
N GLY D 68 29.37 -2.47 -4.36
CA GLY D 68 28.94 -3.65 -3.64
C GLY D 68 27.63 -4.15 -4.21
N ILE D 69 27.15 -5.28 -3.71
CA ILE D 69 25.86 -5.80 -4.12
C ILE D 69 24.74 -5.08 -3.41
N GLY D 70 23.76 -4.60 -4.17
CA GLY D 70 22.54 -4.10 -3.60
C GLY D 70 22.39 -2.59 -3.56
N GLY D 71 21.14 -2.15 -3.54
CA GLY D 71 20.82 -0.73 -3.46
C GLY D 71 21.43 0.05 -2.31
N PRO D 72 21.41 -0.51 -1.09
CA PRO D 72 21.96 0.24 0.05
C PRO D 72 23.41 0.68 -0.13
N SER D 73 24.31 -0.25 -0.44
CA SER D 73 25.71 0.15 -0.63
C SER D 73 25.89 0.99 -1.89
N THR D 74 25.13 0.67 -2.94
CA THR D 74 25.07 1.51 -4.15
C THR D 74 24.72 2.95 -3.79
N SER D 75 23.70 3.12 -2.95
CA SER D 75 23.22 4.45 -2.60
C SER D 75 24.29 5.27 -1.87
N ILE D 76 25.13 4.59 -1.11
CA ILE D 76 26.24 5.24 -0.42
C ILE D 76 27.29 5.70 -1.42
N ALA D 77 27.69 4.80 -2.31
CA ALA D 77 28.73 5.10 -3.30
C ALA D 77 28.30 6.24 -4.22
N VAL D 78 27.07 6.17 -4.70
CA VAL D 78 26.55 7.20 -5.62
C VAL D 78 26.48 8.55 -4.92
N GLU D 79 25.91 8.57 -3.72
CA GLU D 79 25.78 9.80 -2.95
C GLU D 79 27.12 10.47 -2.69
N GLU D 80 28.07 9.67 -2.20
CA GLU D 80 29.36 10.20 -1.83
C GLU D 80 30.17 10.62 -3.06
N LEU D 81 30.03 9.88 -4.16
CA LEU D 81 30.63 10.31 -5.42
C LEU D 81 30.02 11.62 -5.94
N ALA D 82 28.70 11.75 -5.79
CA ALA D 82 28.01 12.98 -6.19
C ALA D 82 28.50 14.16 -5.36
N GLN D 83 28.68 13.95 -4.06
CA GLN D 83 29.25 14.97 -3.18
C GLN D 83 30.61 15.46 -3.69
N LEU D 84 31.34 14.56 -4.33
CA LEU D 84 32.68 14.85 -4.82
C LEU D 84 32.71 15.35 -6.25
N GLY D 85 31.54 15.46 -6.88
CA GLY D 85 31.42 16.07 -8.20
C GLY D 85 31.00 15.18 -9.35
N ILE D 86 30.84 13.89 -9.10
CA ILE D 86 30.39 12.99 -10.16
C ILE D 86 28.92 13.31 -10.52
N ARG D 87 28.65 13.41 -11.81
CA ARG D 87 27.31 13.77 -12.28
C ARG D 87 26.75 12.71 -13.22
N THR D 88 27.62 11.83 -13.70
CA THR D 88 27.25 10.75 -14.59
C THR D 88 27.75 9.44 -14.03
N PHE D 89 26.84 8.46 -13.95
CA PHE D 89 27.14 7.15 -13.39
C PHE D 89 26.77 6.10 -14.40
N LEU D 90 27.75 5.24 -14.74
CA LEU D 90 27.47 4.10 -15.60
C LEU D 90 27.70 2.81 -14.84
N ARG D 91 26.62 2.13 -14.53
CA ARG D 91 26.74 0.82 -13.89
C ARG D 91 27.07 -0.25 -14.93
N ILE D 92 28.07 -1.06 -14.62
CA ILE D 92 28.39 -2.24 -15.38
C ILE D 92 28.24 -3.44 -14.46
N GLY D 93 27.33 -4.35 -14.81
CA GLY D 93 27.01 -5.44 -13.92
C GLY D 93 26.95 -6.81 -14.56
N THR D 94 26.63 -7.79 -13.74
CA THR D 94 26.30 -9.13 -14.21
C THR D 94 24.81 -9.32 -13.99
N THR D 95 24.21 -10.21 -14.77
CA THR D 95 22.77 -10.35 -14.78
C THR D 95 22.31 -11.76 -15.18
N GLY D 96 21.15 -12.15 -14.67
CA GLY D 96 20.50 -13.38 -15.11
C GLY D 96 19.40 -13.03 -16.07
N ALA D 97 19.50 -13.52 -17.30
CA ALA D 97 18.46 -13.31 -18.30
C ALA D 97 17.25 -14.19 -18.00
N ILE D 98 16.06 -13.67 -18.26
CA ILE D 98 14.83 -14.46 -18.02
C ILE D 98 14.01 -14.68 -19.30
N GLN D 99 14.49 -14.14 -20.41
CA GLN D 99 13.89 -14.41 -21.72
C GLN D 99 14.66 -15.53 -22.40
N PRO D 100 13.94 -16.49 -23.00
CA PRO D 100 14.56 -17.71 -23.55
C PRO D 100 15.63 -17.49 -24.61
N HIS D 101 15.53 -16.39 -25.36
CA HIS D 101 16.47 -16.18 -26.47
CA HIS D 101 16.41 -16.09 -26.50
C HIS D 101 17.61 -15.21 -26.14
N ILE D 102 17.74 -14.86 -24.86
CA ILE D 102 18.85 -14.02 -24.41
C ILE D 102 19.96 -14.91 -23.84
N ASN D 103 21.06 -14.99 -24.56
CA ASN D 103 22.12 -15.95 -24.27
C ASN D 103 23.19 -15.42 -23.33
N VAL D 104 23.87 -16.33 -22.65
CA VAL D 104 25.04 -15.99 -21.84
C VAL D 104 26.05 -15.27 -22.72
N GLY D 105 26.56 -14.14 -22.23
CA GLY D 105 27.49 -13.32 -23.01
C GLY D 105 26.82 -12.14 -23.69
N ASP D 106 25.50 -12.21 -23.83
CA ASP D 106 24.73 -11.09 -24.37
C ASP D 106 24.87 -9.86 -23.47
N VAL D 107 24.73 -8.69 -24.09
CA VAL D 107 24.82 -7.44 -23.37
C VAL D 107 23.41 -6.87 -23.24
N LEU D 108 23.02 -6.53 -22.02
CA LEU D 108 21.70 -5.97 -21.78
C LEU D 108 21.81 -4.54 -21.29
N VAL D 109 21.20 -3.63 -22.06
CA VAL D 109 21.15 -2.21 -21.70
C VAL D 109 19.76 -1.91 -21.15
N THR D 110 19.73 -1.36 -19.93
CA THR D 110 18.48 -1.13 -19.21
C THR D 110 17.95 0.28 -19.47
N THR D 111 16.71 0.34 -19.96
CA THR D 111 16.04 1.63 -20.17
C THR D 111 15.40 2.09 -18.86
N ALA D 112 14.83 1.13 -18.13
CA ALA D 112 14.24 1.40 -16.82
C ALA D 112 14.08 0.09 -16.07
N SER D 113 13.93 0.18 -14.76
CA SER D 113 13.92 -1.00 -13.92
C SER D 113 12.63 -1.19 -13.15
N VAL D 114 12.24 -2.46 -13.02
CA VAL D 114 11.23 -2.86 -12.06
C VAL D 114 11.85 -2.73 -10.67
N ARG D 115 11.19 -1.96 -9.82
CA ARG D 115 11.73 -1.62 -8.51
C ARG D 115 11.39 -2.68 -7.48
N LEU D 116 12.17 -3.76 -7.46
CA LEU D 116 12.01 -4.81 -6.47
C LEU D 116 13.02 -4.64 -5.35
N ASP D 117 13.36 -3.37 -5.09
CA ASP D 117 14.33 -2.99 -4.09
C ASP D 117 13.65 -2.11 -3.02
N GLY D 118 14.41 -1.74 -2.00
CA GLY D 118 13.91 -0.82 -0.98
C GLY D 118 14.54 0.57 -1.05
N ALA D 119 15.80 0.65 -1.46
CA ALA D 119 16.54 1.91 -1.43
C ALA D 119 15.97 2.95 -2.40
N SER D 120 15.43 2.50 -3.52
CA SER D 120 14.82 3.44 -4.47
C SER D 120 13.73 4.26 -3.79
N LEU D 121 13.01 3.64 -2.86
CA LEU D 121 11.91 4.29 -2.14
C LEU D 121 12.39 5.35 -1.16
N HIS D 122 13.69 5.35 -0.87
CA HIS D 122 14.30 6.38 -0.04
C HIS D 122 14.62 7.65 -0.84
N PHE D 123 14.36 7.61 -2.15
CA PHE D 123 14.59 8.77 -3.03
C PHE D 123 13.34 9.27 -3.71
N ALA D 124 12.44 8.35 -4.03
CA ALA D 124 11.21 8.68 -4.71
C ALA D 124 10.18 7.61 -4.41
N PRO D 125 8.89 7.99 -4.37
CA PRO D 125 7.84 7.00 -4.14
C PRO D 125 7.76 6.03 -5.33
N MET D 126 7.12 4.89 -5.12
CA MET D 126 7.13 3.79 -6.10
C MET D 126 6.62 4.21 -7.48
N GLU D 127 5.71 5.19 -7.49
CA GLU D 127 5.15 5.68 -8.74
CA GLU D 127 5.13 5.75 -8.71
C GLU D 127 6.19 6.32 -9.67
N PHE D 128 7.29 6.80 -9.09
CA PHE D 128 8.39 7.37 -9.86
C PHE D 128 9.14 6.28 -10.64
N PRO D 129 9.42 6.54 -11.94
CA PRO D 129 10.07 5.51 -12.74
C PRO D 129 11.57 5.39 -12.48
N ALA D 130 12.06 4.16 -12.31
CA ALA D 130 13.49 3.90 -12.21
C ALA D 130 14.07 3.93 -13.62
N VAL D 131 14.11 5.11 -14.21
CA VAL D 131 14.46 5.27 -15.63
C VAL D 131 15.89 5.76 -15.80
N ALA D 132 16.58 5.18 -16.79
CA ALA D 132 17.92 5.59 -17.13
C ALA D 132 17.92 6.92 -17.88
N ASP D 133 19.06 7.60 -17.83
CA ASP D 133 19.26 8.83 -18.57
C ASP D 133 19.32 8.53 -20.08
N PHE D 134 18.66 9.37 -20.87
CA PHE D 134 18.57 9.15 -22.31
C PHE D 134 19.93 9.17 -22.99
N ALA D 135 20.76 10.16 -22.65
CA ALA D 135 22.10 10.26 -23.22
C ALA D 135 22.97 9.06 -22.84
N CYS D 136 22.88 8.63 -21.59
CA CYS D 136 23.64 7.49 -21.12
C CYS D 136 23.22 6.20 -21.83
N THR D 137 21.90 5.99 -21.93
CA THR D 137 21.37 4.81 -22.59
C THR D 137 21.77 4.82 -24.06
N THR D 138 21.64 5.98 -24.70
CA THR D 138 22.05 6.18 -26.08
C THR D 138 23.51 5.80 -26.29
N ALA D 139 24.38 6.31 -25.42
CA ALA D 139 25.81 6.01 -25.51
C ALA D 139 26.09 4.52 -25.38
N LEU D 140 25.39 3.86 -24.46
CA LEU D 140 25.55 2.42 -24.26
C LEU D 140 25.10 1.63 -25.49
N VAL D 141 23.95 2.01 -26.05
CA VAL D 141 23.41 1.32 -27.24
C VAL D 141 24.33 1.52 -28.45
N GLU D 142 24.78 2.75 -28.66
CA GLU D 142 25.66 3.06 -29.79
CA GLU D 142 25.66 3.07 -29.78
C GLU D 142 27.03 2.42 -29.62
N ALA D 143 27.50 2.32 -28.38
CA ALA D 143 28.76 1.64 -28.08
C ALA D 143 28.65 0.14 -28.37
N ALA D 144 27.51 -0.44 -27.99
CA ALA D 144 27.21 -1.84 -28.28
C ALA D 144 27.20 -2.11 -29.78
N LYS D 145 26.56 -1.21 -30.53
CA LYS D 145 26.49 -1.31 -31.99
CA LYS D 145 26.49 -1.28 -31.99
C LYS D 145 27.88 -1.19 -32.63
N SER D 146 28.72 -0.35 -32.05
CA SER D 146 30.08 -0.11 -32.57
C SER D 146 30.99 -1.34 -32.50
N ILE D 147 30.85 -2.15 -31.44
CA ILE D 147 31.63 -3.37 -31.30
C ILE D 147 30.89 -4.62 -31.80
N GLY D 148 29.63 -4.44 -32.19
CA GLY D 148 28.82 -5.49 -32.80
C GLY D 148 28.39 -6.61 -31.86
N ALA D 149 28.34 -6.30 -30.57
CA ALA D 149 27.92 -7.27 -29.56
C ALA D 149 26.42 -7.56 -29.63
N THR D 150 26.04 -8.81 -29.36
CA THR D 150 24.63 -9.17 -29.25
C THR D 150 24.05 -8.45 -28.04
N THR D 151 23.12 -7.54 -28.32
CA THR D 151 22.63 -6.58 -27.33
C THR D 151 21.12 -6.54 -27.33
N HIS D 152 20.53 -6.48 -26.14
CA HIS D 152 19.11 -6.24 -26.00
C HIS D 152 18.88 -5.04 -25.11
N VAL D 153 17.86 -4.27 -25.45
CA VAL D 153 17.57 -3.02 -24.76
C VAL D 153 16.14 -3.11 -24.22
N GLY D 154 15.98 -2.79 -22.95
CA GLY D 154 14.64 -2.84 -22.36
C GLY D 154 14.61 -2.81 -20.86
N VAL D 155 13.56 -3.42 -20.30
CA VAL D 155 13.28 -3.34 -18.87
C VAL D 155 14.00 -4.45 -18.11
N THR D 156 14.50 -4.09 -16.93
CA THR D 156 15.22 -5.00 -16.05
C THR D 156 14.53 -5.03 -14.69
N ALA D 157 14.38 -6.23 -14.13
CA ALA D 157 13.87 -6.39 -12.77
C ALA D 157 15.04 -6.28 -11.81
N SER D 158 14.98 -5.30 -10.91
CA SER D 158 16.09 -5.02 -10.02
C SER D 158 15.71 -5.39 -8.60
N SER D 159 16.34 -6.43 -8.09
CA SER D 159 15.89 -7.10 -6.87
C SER D 159 16.82 -6.89 -5.68
N ASP D 160 16.23 -6.71 -4.50
CA ASP D 160 16.99 -6.62 -3.25
C ASP D 160 17.51 -7.98 -2.78
N THR D 161 17.10 -9.05 -3.46
CA THR D 161 17.68 -10.36 -3.16
C THR D 161 18.13 -11.09 -4.41
N PHE D 162 19.12 -11.96 -4.24
CA PHE D 162 19.60 -12.82 -5.29
C PHE D 162 18.66 -14.02 -5.39
N TYR D 163 18.10 -14.42 -4.25
CA TYR D 163 17.35 -15.67 -4.17
C TYR D 163 15.82 -15.53 -4.29
N PRO D 164 15.09 -15.25 -3.18
CA PRO D 164 13.63 -15.29 -3.32
C PRO D 164 13.06 -14.23 -4.27
N GLY D 165 13.66 -13.03 -4.27
CA GLY D 165 13.20 -11.93 -5.13
C GLY D 165 13.41 -12.18 -6.61
N GLN D 166 14.23 -13.19 -6.94
CA GLN D 166 14.43 -13.61 -8.31
C GLN D 166 13.83 -15.00 -8.51
N GLU D 167 12.90 -15.33 -7.61
CA GLU D 167 12.20 -16.62 -7.57
C GLU D 167 13.11 -17.84 -7.76
N ARG D 168 14.21 -17.83 -7.03
CA ARG D 168 15.09 -19.00 -6.96
C ARG D 168 14.59 -19.88 -5.83
N TYR D 169 14.43 -21.17 -6.13
CA TYR D 169 13.92 -22.15 -5.17
C TYR D 169 14.99 -23.11 -4.64
N ASP D 170 16.16 -23.12 -5.27
CA ASP D 170 17.26 -23.99 -4.84
CA ASP D 170 17.25 -24.00 -4.83
C ASP D 170 18.00 -23.35 -3.67
N THR D 171 17.29 -23.25 -2.54
CA THR D 171 17.80 -22.55 -1.38
C THR D 171 17.66 -23.39 -0.12
N TYR D 172 18.18 -22.85 0.98
CA TYR D 172 18.06 -23.50 2.28
C TYR D 172 16.61 -23.85 2.63
N SER D 173 15.71 -22.89 2.48
CA SER D 173 14.31 -23.09 2.84
C SER D 173 13.50 -23.70 1.71
N GLY D 174 13.90 -23.41 0.47
CA GLY D 174 13.14 -23.80 -0.72
C GLY D 174 11.83 -23.04 -0.85
N ARG D 175 11.65 -22.05 0.02
CA ARG D 175 10.43 -21.25 0.10
C ARG D 175 10.63 -19.94 -0.65
N VAL D 176 9.60 -19.50 -1.35
CA VAL D 176 9.56 -18.13 -1.87
C VAL D 176 8.29 -17.45 -1.36
N VAL D 177 8.48 -16.31 -0.69
CA VAL D 177 7.36 -15.55 -0.13
C VAL D 177 6.29 -15.28 -1.18
N ARG D 178 5.03 -15.26 -0.74
CA ARG D 178 3.87 -15.09 -1.63
C ARG D 178 4.09 -14.03 -2.72
N ARG D 179 4.58 -12.86 -2.31
CA ARG D 179 4.83 -11.74 -3.21
C ARG D 179 5.59 -12.15 -4.47
N PHE D 180 6.58 -13.03 -4.31
CA PHE D 180 7.46 -13.41 -5.41
C PHE D 180 7.15 -14.78 -6.02
N LYS D 181 6.17 -15.47 -5.45
CA LYS D 181 5.69 -16.72 -6.01
C LYS D 181 5.06 -16.42 -7.37
N GLY D 182 5.61 -17.03 -8.42
CA GLY D 182 5.15 -16.82 -9.79
C GLY D 182 5.61 -15.52 -10.44
N SER D 183 6.47 -14.78 -9.73
CA SER D 183 6.91 -13.46 -10.21
C SER D 183 7.78 -13.53 -11.45
N MET D 184 8.64 -14.54 -11.55
CA MET D 184 9.51 -14.61 -12.72
C MET D 184 8.69 -14.74 -14.01
N GLU D 185 7.69 -15.61 -14.01
CA GLU D 185 6.82 -15.79 -15.18
CA GLU D 185 6.82 -15.78 -15.16
C GLU D 185 6.08 -14.49 -15.51
N GLU D 186 5.68 -13.75 -14.47
CA GLU D 186 5.00 -12.49 -14.70
CA GLU D 186 5.02 -12.45 -14.64
C GLU D 186 5.92 -11.49 -15.39
N TRP D 187 7.15 -11.34 -14.91
CA TRP D 187 8.11 -10.42 -15.55
C TRP D 187 8.41 -10.88 -16.97
N GLN D 188 8.54 -12.19 -17.15
CA GLN D 188 8.80 -12.77 -18.47
CA GLN D 188 8.81 -12.77 -18.46
C GLN D 188 7.72 -12.35 -19.46
N ALA D 189 6.47 -12.54 -19.06
CA ALA D 189 5.30 -12.20 -19.89
C ALA D 189 5.23 -10.70 -20.18
N MET D 190 5.79 -9.89 -19.28
CA MET D 190 5.84 -8.44 -19.44
C MET D 190 7.03 -7.95 -20.25
N GLY D 191 7.85 -8.89 -20.73
CA GLY D 191 8.99 -8.57 -21.59
C GLY D 191 10.24 -8.13 -20.86
N VAL D 192 10.22 -8.24 -19.54
CA VAL D 192 11.40 -7.93 -18.72
C VAL D 192 12.54 -8.87 -19.13
N MET D 193 13.71 -8.29 -19.36
CA MET D 193 14.83 -9.04 -19.94
C MET D 193 15.57 -9.88 -18.92
N ASN D 194 15.70 -9.34 -17.70
CA ASN D 194 16.72 -9.84 -16.80
C ASN D 194 16.53 -9.41 -15.35
N TYR D 195 17.26 -10.08 -14.47
CA TYR D 195 17.38 -9.71 -13.08
C TYR D 195 18.78 -9.20 -12.78
N GLU D 196 18.86 -8.13 -12.01
CA GLU D 196 20.10 -7.77 -11.34
C GLU D 196 19.74 -7.06 -10.03
N MET D 197 20.71 -6.46 -9.36
CA MET D 197 20.47 -6.07 -7.97
C MET D 197 20.80 -4.64 -7.55
N GLU D 198 21.06 -3.75 -8.52
CA GLU D 198 21.44 -2.38 -8.17
C GLU D 198 20.75 -1.29 -8.99
N SER D 199 20.21 -1.65 -10.15
CA SER D 199 19.76 -0.64 -11.11
C SER D 199 18.57 0.18 -10.64
N ALA D 200 17.62 -0.43 -9.93
CA ALA D 200 16.44 0.32 -9.46
C ALA D 200 16.88 1.45 -8.54
N THR D 201 17.78 1.15 -7.61
CA THR D 201 18.30 2.16 -6.70
C THR D 201 19.10 3.20 -7.48
N LEU D 202 20.05 2.75 -8.28
CA LEU D 202 20.88 3.65 -9.07
C LEU D 202 20.05 4.59 -9.93
N LEU D 203 19.17 4.02 -10.75
CA LEU D 203 18.41 4.82 -11.70
C LEU D 203 17.46 5.77 -11.00
N THR D 204 16.77 5.26 -9.97
CA THR D 204 15.83 6.10 -9.22
C THR D 204 16.54 7.25 -8.52
N MET D 205 17.63 6.96 -7.80
CA MET D 205 18.30 8.02 -7.06
C MET D 205 18.93 9.07 -7.97
N CYS D 206 19.37 8.67 -9.16
CA CYS D 206 19.96 9.61 -10.10
C CYS D 206 18.90 10.44 -10.81
N ALA D 207 17.85 9.76 -11.29
CA ALA D 207 16.78 10.42 -12.05
C ALA D 207 16.01 11.44 -11.23
N SER D 208 16.00 11.25 -9.91
CA SER D 208 15.28 12.14 -9.01
C SER D 208 16.20 13.19 -8.37
N GLN D 209 17.47 13.20 -8.76
CA GLN D 209 18.45 14.13 -8.18
C GLN D 209 19.31 14.86 -9.20
N GLY D 210 18.90 14.82 -10.46
CA GLY D 210 19.58 15.55 -11.54
C GLY D 210 20.90 14.94 -11.95
N LEU D 211 21.10 13.67 -11.59
CA LEU D 211 22.28 12.92 -11.98
C LEU D 211 21.94 12.02 -13.15
N ARG D 212 22.91 11.80 -14.04
CA ARG D 212 22.71 10.93 -15.19
C ARG D 212 23.21 9.54 -14.87
N ALA D 213 22.38 8.55 -15.16
CA ALA D 213 22.76 7.16 -14.96
C ALA D 213 22.44 6.30 -16.17
N GLY D 214 23.37 5.40 -16.46
CA GLY D 214 23.17 4.36 -17.46
C GLY D 214 23.42 3.02 -16.81
N MET D 215 22.87 1.98 -17.41
CA MET D 215 22.94 0.64 -16.85
C MET D 215 23.16 -0.37 -17.96
N VAL D 216 24.25 -1.11 -17.85
CA VAL D 216 24.58 -2.19 -18.77
C VAL D 216 25.07 -3.40 -17.99
N ALA D 217 24.72 -4.58 -18.47
CA ALA D 217 25.15 -5.81 -17.82
C ALA D 217 25.41 -6.93 -18.82
N GLY D 218 26.35 -7.81 -18.46
CA GLY D 218 26.61 -9.01 -19.25
C GLY D 218 25.87 -10.18 -18.65
N VAL D 219 25.22 -10.96 -19.51
CA VAL D 219 24.42 -12.11 -19.09
C VAL D 219 25.35 -13.26 -18.68
N ILE D 220 25.19 -13.73 -17.45
CA ILE D 220 26.01 -14.84 -16.96
C ILE D 220 25.22 -16.14 -16.80
N VAL D 221 23.90 -16.04 -16.83
CA VAL D 221 23.02 -17.21 -16.79
C VAL D 221 21.69 -16.90 -17.46
N ASN D 222 21.10 -17.92 -18.06
CA ASN D 222 19.72 -17.81 -18.51
C ASN D 222 18.81 -18.64 -17.61
N ARG D 223 17.87 -17.95 -16.95
CA ARG D 223 17.03 -18.55 -15.92
C ARG D 223 15.99 -19.56 -16.44
N THR D 224 15.75 -19.55 -17.75
CA THR D 224 14.88 -20.57 -18.35
C THR D 224 15.60 -21.92 -18.38
N GLN D 225 16.93 -21.88 -18.21
CA GLN D 225 17.76 -23.07 -18.23
C GLN D 225 18.14 -23.53 -16.82
N GLN D 226 18.67 -22.63 -16.00
CA GLN D 226 19.16 -22.97 -14.66
C GLN D 226 19.15 -21.78 -13.71
N GLU D 227 19.16 -22.07 -12.41
CA GLU D 227 19.12 -21.03 -11.38
C GLU D 227 20.48 -20.40 -11.12
N ILE D 228 21.50 -21.24 -10.97
CA ILE D 228 22.84 -20.76 -10.61
C ILE D 228 23.73 -20.71 -11.85
N PRO D 229 24.40 -19.57 -12.07
CA PRO D 229 25.33 -19.42 -13.20
C PRO D 229 26.50 -20.37 -13.08
N ASN D 230 26.97 -20.87 -14.23
CA ASN D 230 28.19 -21.66 -14.27
C ASN D 230 29.36 -20.81 -13.81
N ALA D 231 30.10 -21.32 -12.83
CA ALA D 231 31.20 -20.59 -12.18
C ALA D 231 32.26 -20.12 -13.17
N GLU D 238 32.33 -12.21 -20.74
CA GLU D 238 31.47 -11.03 -20.80
C GLU D 238 32.25 -9.73 -20.76
N SER D 239 33.38 -9.71 -21.45
CA SER D 239 34.18 -8.49 -21.60
C SER D 239 33.53 -7.55 -22.60
N HIS D 240 32.56 -8.07 -23.36
CA HIS D 240 31.74 -7.26 -24.27
C HIS D 240 31.06 -6.12 -23.52
N ALA D 241 30.42 -6.47 -22.40
CA ALA D 241 29.75 -5.48 -21.55
C ALA D 241 30.72 -4.42 -21.01
N VAL D 242 31.90 -4.86 -20.57
CA VAL D 242 32.93 -3.95 -20.06
C VAL D 242 33.47 -3.04 -21.18
N LYS D 243 33.76 -3.62 -22.35
CA LYS D 243 34.17 -2.83 -23.51
C LYS D 243 33.16 -1.74 -23.82
N ILE D 244 31.88 -2.10 -23.75
CA ILE D 244 30.77 -1.20 -24.05
C ILE D 244 30.66 -0.05 -23.04
N VAL D 245 30.78 -0.34 -21.75
CA VAL D 245 30.67 0.70 -20.73
C VAL D 245 31.79 1.76 -20.86
N VAL D 246 33.00 1.29 -21.17
CA VAL D 246 34.13 2.21 -21.37
C VAL D 246 33.93 3.07 -22.61
N GLU D 247 33.50 2.45 -23.71
CA GLU D 247 33.25 3.17 -24.96
CA GLU D 247 33.23 3.16 -24.96
C GLU D 247 32.08 4.15 -24.80
N ALA D 248 31.06 3.76 -24.04
CA ALA D 248 29.95 4.64 -23.75
C ALA D 248 30.43 5.86 -22.95
N ALA D 249 31.25 5.61 -21.94
CA ALA D 249 31.84 6.68 -21.13
C ALA D 249 32.55 7.73 -22.00
N ARG D 250 33.26 7.26 -23.03
CA ARG D 250 33.94 8.14 -23.98
C ARG D 250 33.00 9.17 -24.60
N ARG D 251 31.77 8.74 -24.87
CA ARG D 251 30.76 9.56 -25.53
CA ARG D 251 30.77 9.58 -25.53
C ARG D 251 30.05 10.52 -24.56
N LEU D 252 30.28 10.32 -23.26
CA LEU D 252 29.57 11.07 -22.21
C LEU D 252 30.44 12.09 -21.45
N LEU D 253 31.69 12.24 -21.87
CA LEU D 253 32.61 13.16 -21.20
C LEU D 253 32.39 14.61 -21.60
N SER E 2 -13.07 36.01 -21.61
CA SER E 2 -13.51 34.60 -21.40
C SER E 2 -14.97 34.37 -21.80
N LYS E 3 -15.17 33.54 -22.82
CA LYS E 3 -16.51 33.05 -23.18
C LYS E 3 -16.80 31.74 -22.42
N SER E 4 -15.83 31.31 -21.61
CA SER E 4 -16.00 30.17 -20.72
C SER E 4 -15.46 30.48 -19.33
N ASP E 5 -16.19 30.05 -18.31
CA ASP E 5 -15.77 30.21 -16.92
C ASP E 5 -14.90 29.02 -16.46
N VAL E 6 -14.85 27.98 -17.30
CA VAL E 6 -14.10 26.77 -16.98
C VAL E 6 -13.20 26.37 -18.15
N PHE E 7 -12.16 25.61 -17.86
CA PHE E 7 -11.11 25.37 -18.84
C PHE E 7 -11.47 24.42 -19.99
N HIS E 8 -12.24 23.37 -19.69
CA HIS E 8 -12.52 22.33 -20.68
C HIS E 8 -13.94 22.38 -21.26
N LEU E 9 -14.93 22.64 -20.41
CA LEU E 9 -16.32 22.43 -20.82
C LEU E 9 -16.86 23.48 -21.79
N GLY E 10 -16.25 24.66 -21.79
CA GLY E 10 -16.68 25.76 -22.65
C GLY E 10 -18.02 26.33 -22.24
N LEU E 11 -18.23 26.39 -20.91
CA LEU E 11 -19.49 26.87 -20.35
C LEU E 11 -19.26 28.01 -19.38
N THR E 12 -20.26 28.87 -19.29
CA THR E 12 -20.33 29.91 -18.27
C THR E 12 -21.40 29.53 -17.27
N LYS E 13 -21.36 30.15 -16.09
CA LYS E 13 -22.44 29.99 -15.12
CA LYS E 13 -22.43 29.96 -15.13
C LYS E 13 -23.77 30.34 -15.77
N ASN E 14 -23.77 31.42 -16.56
CA ASN E 14 -24.96 31.87 -17.26
C ASN E 14 -25.61 30.77 -18.10
N ASP E 15 -24.79 29.94 -18.76
CA ASP E 15 -25.28 28.83 -19.57
C ASP E 15 -26.14 27.86 -18.77
N LEU E 16 -25.84 27.72 -17.49
CA LEU E 16 -26.57 26.79 -16.62
C LEU E 16 -27.94 27.29 -16.22
N GLN E 17 -28.16 28.61 -16.31
CA GLN E 17 -29.44 29.21 -15.92
C GLN E 17 -29.91 28.75 -14.54
N GLY E 18 -28.96 28.67 -13.61
CA GLY E 18 -29.25 28.30 -12.23
C GLY E 18 -29.40 26.80 -11.98
N ALA E 19 -29.05 25.99 -12.98
CA ALA E 19 -29.08 24.52 -12.83
C ALA E 19 -28.19 24.09 -11.67
N GLN E 20 -28.71 23.16 -10.87
CA GLN E 20 -27.97 22.61 -9.74
C GLN E 20 -27.83 21.10 -9.86
N LEU E 21 -28.44 20.53 -10.89
CA LEU E 21 -28.38 19.11 -11.13
C LEU E 21 -27.91 18.83 -12.54
N ALA E 22 -26.97 17.90 -12.66
CA ALA E 22 -26.51 17.45 -13.97
C ALA E 22 -26.68 15.95 -14.11
N ILE E 23 -27.17 15.53 -15.27
CA ILE E 23 -27.15 14.12 -15.63
C ILE E 23 -25.90 13.93 -16.47
N VAL E 24 -25.09 12.95 -16.09
CA VAL E 24 -23.77 12.78 -16.67
C VAL E 24 -23.54 11.39 -17.30
N PRO E 25 -23.90 11.24 -18.57
CA PRO E 25 -23.61 10.01 -19.29
C PRO E 25 -22.15 9.96 -19.71
N GLY E 26 -21.64 8.78 -20.02
CA GLY E 26 -20.26 8.67 -20.51
C GLY E 26 -20.16 9.09 -21.97
N ASP E 27 -21.18 8.73 -22.74
CA ASP E 27 -21.17 8.89 -24.20
C ASP E 27 -21.74 10.25 -24.60
N PRO E 28 -20.92 11.09 -25.28
CA PRO E 28 -21.40 12.39 -25.77
C PRO E 28 -22.67 12.27 -26.61
N GLU E 29 -22.81 11.15 -27.32
CA GLU E 29 -23.93 10.93 -28.23
CA GLU E 29 -23.93 10.92 -28.23
C GLU E 29 -25.25 10.75 -27.49
N ARG E 30 -25.17 10.37 -26.21
CA ARG E 30 -26.36 10.13 -25.38
C ARG E 30 -26.91 11.42 -24.78
N VAL E 31 -26.10 12.49 -24.79
CA VAL E 31 -26.46 13.74 -24.13
C VAL E 31 -27.76 14.34 -24.67
N GLU E 32 -27.83 14.51 -25.99
CA GLU E 32 -29.05 15.03 -26.63
C GLU E 32 -30.26 14.13 -26.37
N LYS E 33 -30.04 12.83 -26.39
CA LYS E 33 -31.11 11.84 -26.16
C LYS E 33 -31.73 12.01 -24.78
N ILE E 34 -30.89 12.24 -23.77
CA ILE E 34 -31.35 12.48 -22.40
C ILE E 34 -32.08 13.82 -22.30
N ALA E 35 -31.45 14.86 -22.84
CA ALA E 35 -32.04 16.21 -22.84
C ALA E 35 -33.42 16.22 -23.49
N ALA E 36 -33.56 15.46 -24.57
CA ALA E 36 -34.81 15.40 -25.34
C ALA E 36 -36.02 14.88 -24.55
N LEU E 37 -35.76 14.22 -23.42
CA LEU E 37 -36.83 13.71 -22.57
C LEU E 37 -37.36 14.77 -21.61
N MET E 38 -36.68 15.92 -21.55
CA MET E 38 -37.06 16.98 -20.64
C MET E 38 -37.60 18.20 -21.41
N ASP E 39 -38.03 19.21 -20.68
CA ASP E 39 -38.61 20.41 -21.28
C ASP E 39 -37.53 21.36 -21.79
N LYS E 40 -37.84 22.07 -22.87
CA LYS E 40 -36.96 23.11 -23.44
C LYS E 40 -35.49 22.68 -23.58
N PRO E 41 -35.25 21.51 -24.22
CA PRO E 41 -33.85 21.09 -24.36
C PRO E 41 -33.11 21.95 -25.37
N VAL E 42 -31.89 22.33 -25.03
CA VAL E 42 -31.04 23.09 -25.94
CA VAL E 42 -31.03 23.12 -25.91
C VAL E 42 -29.58 22.65 -25.82
N LYS E 43 -28.90 22.61 -26.96
CA LYS E 43 -27.47 22.36 -27.00
C LYS E 43 -26.75 23.50 -26.28
N LEU E 44 -25.70 23.16 -25.55
CA LEU E 44 -24.80 24.18 -25.01
C LEU E 44 -23.47 24.15 -25.73
N ALA E 45 -22.61 23.19 -25.39
CA ALA E 45 -21.26 23.16 -25.91
C ALA E 45 -20.78 21.76 -26.21
N SER E 46 -19.74 21.68 -27.03
CA SER E 46 -19.04 20.44 -27.30
CA SER E 46 -19.05 20.44 -27.33
C SER E 46 -17.56 20.70 -27.48
N HIS E 47 -16.78 20.13 -26.57
CA HIS E 47 -15.32 20.23 -26.60
C HIS E 47 -14.78 18.91 -26.12
N ARG E 48 -13.85 18.34 -26.89
CA ARG E 48 -13.32 17.01 -26.60
C ARG E 48 -14.50 16.06 -26.37
N GLU E 49 -14.44 15.25 -25.31
CA GLU E 49 -15.52 14.30 -25.00
C GLU E 49 -16.65 14.93 -24.16
N PHE E 50 -16.64 16.25 -24.03
CA PHE E 50 -17.58 16.94 -23.16
C PHE E 50 -18.65 17.65 -23.98
N THR E 51 -19.77 16.97 -24.19
CA THR E 51 -20.90 17.55 -24.87
C THR E 51 -21.96 17.87 -23.83
N SER E 52 -22.44 19.12 -23.85
CA SER E 52 -23.36 19.58 -22.84
C SER E 52 -24.64 20.13 -23.47
N TRP E 53 -25.75 19.79 -22.84
CA TRP E 53 -27.07 20.32 -23.16
C TRP E 53 -27.70 20.82 -21.88
N ARG E 54 -28.70 21.68 -22.03
CA ARG E 54 -29.50 22.11 -20.89
C ARG E 54 -30.95 21.82 -21.19
N ALA E 55 -31.69 21.44 -20.17
CA ALA E 55 -33.14 21.29 -20.30
C ALA E 55 -33.81 21.81 -19.04
N GLU E 56 -35.08 21.46 -18.87
CA GLU E 56 -35.86 21.93 -17.75
C GLU E 56 -36.79 20.84 -17.25
N LEU E 57 -36.87 20.73 -15.93
CA LEU E 57 -37.83 19.86 -15.25
CA LEU E 57 -37.85 19.87 -15.28
C LEU E 57 -38.41 20.58 -14.05
N ASP E 58 -39.74 20.54 -13.92
CA ASP E 58 -40.43 21.23 -12.81
C ASP E 58 -40.06 22.72 -12.76
N GLY E 59 -39.80 23.31 -13.93
CA GLY E 59 -39.40 24.72 -14.02
C GLY E 59 -37.98 25.00 -13.56
N LYS E 60 -37.21 23.93 -13.35
CA LYS E 60 -35.83 24.05 -12.88
C LYS E 60 -34.87 23.61 -13.98
N ALA E 61 -33.79 24.36 -14.18
CA ALA E 61 -32.79 24.02 -15.18
C ALA E 61 -32.04 22.75 -14.81
N VAL E 62 -31.75 21.94 -15.82
CA VAL E 62 -31.00 20.70 -15.66
C VAL E 62 -29.96 20.64 -16.76
N ILE E 63 -28.74 20.28 -16.38
CA ILE E 63 -27.65 20.07 -17.32
C ILE E 63 -27.54 18.58 -17.66
N VAL E 64 -27.25 18.30 -18.92
CA VAL E 64 -26.79 16.97 -19.32
C VAL E 64 -25.41 17.18 -19.92
N CYS E 65 -24.43 16.46 -19.40
CA CYS E 65 -23.06 16.64 -19.85
C CYS E 65 -22.31 15.31 -19.83
N SER E 66 -21.71 14.98 -20.97
CA SER E 66 -20.94 13.74 -21.07
C SER E 66 -19.62 13.86 -20.31
N THR E 67 -19.18 12.73 -19.77
CA THR E 67 -17.93 12.65 -19.02
C THR E 67 -16.79 12.05 -19.83
N GLY E 68 -17.14 11.36 -20.92
CA GLY E 68 -16.19 10.48 -21.58
C GLY E 68 -16.02 9.23 -20.74
N ILE E 69 -15.26 8.26 -21.25
CA ILE E 69 -14.99 7.05 -20.50
C ILE E 69 -13.87 7.30 -19.49
N GLY E 70 -14.13 6.95 -18.23
CA GLY E 70 -13.08 6.89 -17.23
C GLY E 70 -13.08 8.01 -16.22
N GLY E 71 -12.47 7.72 -15.08
CA GLY E 71 -12.35 8.68 -13.99
C GLY E 71 -11.72 10.02 -14.35
N PRO E 72 -10.60 9.99 -15.09
CA PRO E 72 -9.94 11.26 -15.44
C PRO E 72 -10.84 12.29 -16.12
N SER E 73 -11.46 11.92 -17.23
CA SER E 73 -12.33 12.87 -17.92
C SER E 73 -13.58 13.16 -17.08
N THR E 74 -14.08 12.16 -16.38
CA THR E 74 -15.18 12.37 -15.43
C THR E 74 -14.82 13.44 -14.40
N SER E 75 -13.63 13.33 -13.84
CA SER E 75 -13.20 14.26 -12.77
C SER E 75 -13.14 15.69 -13.28
N ILE E 76 -12.81 15.87 -14.56
CA ILE E 76 -12.79 17.19 -15.16
C ILE E 76 -14.21 17.74 -15.31
N ALA E 77 -15.11 16.93 -15.87
CA ALA E 77 -16.49 17.36 -16.09
C ALA E 77 -17.16 17.70 -14.76
N VAL E 78 -17.00 16.82 -13.78
CA VAL E 78 -17.64 17.03 -12.48
C VAL E 78 -17.09 18.27 -11.77
N GLU E 79 -15.76 18.43 -11.78
CA GLU E 79 -15.14 19.59 -11.17
C GLU E 79 -15.65 20.89 -11.80
N GLU E 80 -15.63 20.94 -13.13
CA GLU E 80 -15.97 22.18 -13.80
C GLU E 80 -17.46 22.48 -13.69
N LEU E 81 -18.30 21.46 -13.73
CA LEU E 81 -19.74 21.64 -13.45
C LEU E 81 -19.99 22.12 -12.02
N ALA E 82 -19.23 21.58 -11.07
CA ALA E 82 -19.30 22.02 -9.68
C ALA E 82 -18.92 23.49 -9.53
N GLN E 83 -17.88 23.91 -10.25
CA GLN E 83 -17.48 25.32 -10.27
C GLN E 83 -18.63 26.20 -10.77
N LEU E 84 -19.36 25.69 -11.76
CA LEU E 84 -20.47 26.42 -12.39
C LEU E 84 -21.76 26.35 -11.58
N GLY E 85 -21.79 25.49 -10.57
CA GLY E 85 -22.91 25.49 -9.63
C GLY E 85 -23.69 24.19 -9.49
N ILE E 86 -23.31 23.15 -10.24
CA ILE E 86 -23.97 21.86 -10.11
C ILE E 86 -23.60 21.25 -8.76
N ARG E 87 -24.61 20.78 -8.03
CA ARG E 87 -24.41 20.20 -6.70
C ARG E 87 -24.83 18.74 -6.64
N THR E 88 -25.60 18.32 -7.65
CA THR E 88 -26.11 16.96 -7.73
C THR E 88 -25.78 16.39 -9.10
N PHE E 89 -25.16 15.22 -9.10
CA PHE E 89 -24.76 14.54 -10.33
C PHE E 89 -25.38 13.16 -10.39
N LEU E 90 -26.10 12.88 -11.47
CA LEU E 90 -26.63 11.54 -11.70
C LEU E 90 -25.96 10.96 -12.91
N ARG E 91 -25.14 9.93 -12.69
CA ARG E 91 -24.54 9.24 -13.81
C ARG E 91 -25.49 8.18 -14.33
N ILE E 92 -25.61 8.15 -15.66
CA ILE E 92 -26.33 7.09 -16.35
C ILE E 92 -25.36 6.42 -17.31
N GLY E 93 -25.12 5.13 -17.08
CA GLY E 93 -24.11 4.41 -17.84
C GLY E 93 -24.54 3.07 -18.40
N THR E 94 -23.60 2.42 -19.07
CA THR E 94 -23.74 1.03 -19.49
C THR E 94 -22.86 0.20 -18.59
N THR E 95 -23.17 -1.07 -18.47
CA THR E 95 -22.49 -1.90 -17.50
C THR E 95 -22.48 -3.37 -17.89
N GLY E 96 -21.47 -4.09 -17.42
CA GLY E 96 -21.42 -5.54 -17.55
C GLY E 96 -21.78 -6.18 -16.22
N ALA E 97 -22.76 -7.07 -16.24
CA ALA E 97 -23.17 -7.78 -15.03
C ALA E 97 -22.19 -8.89 -14.71
N ILE E 98 -21.84 -9.02 -13.44
CA ILE E 98 -20.99 -10.15 -13.06
CA ILE E 98 -20.94 -10.06 -12.91
C ILE E 98 -21.73 -11.21 -12.27
N GLN E 99 -22.94 -10.90 -11.82
CA GLN E 99 -23.78 -11.88 -11.13
C GLN E 99 -24.57 -12.71 -12.13
N PRO E 100 -24.69 -14.03 -11.89
CA PRO E 100 -25.43 -14.90 -12.81
C PRO E 100 -26.87 -14.47 -13.06
N HIS E 101 -27.55 -13.95 -12.02
CA HIS E 101 -28.96 -13.63 -12.13
C HIS E 101 -29.26 -12.15 -12.37
N ILE E 102 -28.23 -11.40 -12.74
CA ILE E 102 -28.41 -10.05 -13.21
C ILE E 102 -28.25 -10.12 -14.72
N ASN E 103 -29.32 -9.79 -15.42
CA ASN E 103 -29.45 -10.10 -16.83
C ASN E 103 -29.34 -8.88 -17.73
N VAL E 104 -29.01 -9.12 -18.99
CA VAL E 104 -29.01 -8.04 -19.98
C VAL E 104 -30.37 -7.33 -19.93
N GLY E 105 -30.31 -6.00 -19.92
CA GLY E 105 -31.52 -5.18 -19.89
C GLY E 105 -31.91 -4.77 -18.48
N ASP E 106 -31.36 -5.44 -17.47
CA ASP E 106 -31.61 -5.05 -16.09
C ASP E 106 -31.02 -3.68 -15.80
N VAL E 107 -31.59 -3.01 -14.81
CA VAL E 107 -31.14 -1.69 -14.42
C VAL E 107 -30.50 -1.78 -13.05
N LEU E 108 -29.30 -1.23 -12.94
CA LEU E 108 -28.55 -1.35 -11.69
C LEU E 108 -28.31 -0.01 -11.05
N VAL E 109 -28.71 0.09 -9.79
CA VAL E 109 -28.47 1.29 -9.01
C VAL E 109 -27.34 1.02 -8.02
N THR E 110 -26.30 1.83 -8.11
CA THR E 110 -25.09 1.63 -7.31
C THR E 110 -25.16 2.37 -6.00
N THR E 111 -25.04 1.65 -4.89
CA THR E 111 -24.97 2.27 -3.57
C THR E 111 -23.57 2.79 -3.29
N ALA E 112 -22.58 2.02 -3.73
CA ALA E 112 -21.17 2.37 -3.57
C ALA E 112 -20.33 1.50 -4.48
N SER E 113 -19.10 1.93 -4.74
CA SER E 113 -18.28 1.27 -5.73
C SER E 113 -16.97 0.75 -5.18
N VAL E 114 -16.54 -0.39 -5.72
CA VAL E 114 -15.19 -0.89 -5.53
C VAL E 114 -14.29 0.02 -6.35
N ARG E 115 -13.31 0.60 -5.68
CA ARG E 115 -12.46 1.61 -6.29
C ARG E 115 -11.29 0.98 -7.03
N LEU E 116 -11.56 0.58 -8.27
CA LEU E 116 -10.53 -0.02 -9.12
C LEU E 116 -10.05 1.04 -10.12
N ASP E 117 -10.08 2.29 -9.66
CA ASP E 117 -9.69 3.45 -10.44
C ASP E 117 -8.54 4.19 -9.77
N GLY E 118 -7.95 5.14 -10.48
CA GLY E 118 -6.92 5.99 -9.89
C GLY E 118 -7.44 7.34 -9.43
N ALA E 119 -8.41 7.90 -10.15
CA ALA E 119 -8.83 9.27 -9.91
C ALA E 119 -9.48 9.47 -8.54
N SER E 120 -10.21 8.48 -8.05
CA SER E 120 -10.81 8.57 -6.72
C SER E 120 -9.76 8.89 -5.65
N LEU E 121 -8.56 8.34 -5.82
CA LEU E 121 -7.45 8.54 -4.88
C LEU E 121 -6.89 9.96 -4.89
N HIS E 122 -7.29 10.74 -5.90
CA HIS E 122 -6.90 12.14 -5.99
C HIS E 122 -7.85 13.03 -5.18
N PHE E 123 -8.86 12.41 -4.57
CA PHE E 123 -9.86 13.13 -3.77
C PHE E 123 -9.93 12.63 -2.34
N ALA E 124 -9.72 11.33 -2.16
CA ALA E 124 -9.79 10.73 -0.84
C ALA E 124 -8.94 9.47 -0.85
N PRO E 125 -8.35 9.12 0.31
CA PRO E 125 -7.54 7.91 0.38
C PRO E 125 -8.44 6.70 0.22
N MET E 126 -7.84 5.55 -0.06
CA MET E 126 -8.60 4.36 -0.43
C MET E 126 -9.64 3.94 0.62
N GLU E 127 -9.34 4.24 1.89
CA GLU E 127 -10.21 3.93 3.02
CA GLU E 127 -10.23 3.87 2.99
C GLU E 127 -11.58 4.58 2.92
N PHE E 128 -11.63 5.72 2.23
CA PHE E 128 -12.86 6.48 2.07
C PHE E 128 -13.81 5.75 1.11
N PRO E 129 -15.10 5.65 1.47
CA PRO E 129 -16.02 4.90 0.62
C PRO E 129 -16.47 5.67 -0.62
N ALA E 130 -16.43 5.00 -1.78
CA ALA E 130 -16.99 5.56 -3.01
C ALA E 130 -18.50 5.39 -2.94
N VAL E 131 -19.15 6.15 -2.05
CA VAL E 131 -20.56 5.93 -1.74
C VAL E 131 -21.45 6.97 -2.42
N ALA E 132 -22.60 6.50 -2.91
CA ALA E 132 -23.59 7.39 -3.50
C ALA E 132 -24.34 8.16 -2.43
N ASP E 133 -24.90 9.29 -2.83
CA ASP E 133 -25.77 10.08 -1.98
C ASP E 133 -27.10 9.37 -1.75
N PHE E 134 -27.58 9.41 -0.51
CA PHE E 134 -28.82 8.71 -0.13
C PHE E 134 -30.05 9.18 -0.90
N ALA E 135 -30.22 10.50 -1.01
CA ALA E 135 -31.35 11.09 -1.74
C ALA E 135 -31.31 10.69 -3.22
N CYS E 136 -30.13 10.74 -3.82
CA CYS E 136 -29.94 10.37 -5.21
C CYS E 136 -30.26 8.90 -5.45
N THR E 137 -29.70 8.04 -4.60
CA THR E 137 -29.92 6.61 -4.70
C THR E 137 -31.41 6.29 -4.55
N THR E 138 -32.04 6.91 -3.55
CA THR E 138 -33.47 6.77 -3.31
C THR E 138 -34.27 7.16 -4.54
N ALA E 139 -33.97 8.33 -5.11
CA ALA E 139 -34.67 8.80 -6.31
C ALA E 139 -34.52 7.83 -7.48
N LEU E 140 -33.33 7.26 -7.64
CA LEU E 140 -33.09 6.30 -8.71
C LEU E 140 -33.86 5.00 -8.50
N VAL E 141 -33.86 4.51 -7.27
CA VAL E 141 -34.59 3.30 -6.92
C VAL E 141 -36.08 3.49 -7.16
N GLU E 142 -36.63 4.60 -6.64
CA GLU E 142 -38.04 4.93 -6.79
CA GLU E 142 -38.04 4.90 -6.78
C GLU E 142 -38.41 5.09 -8.26
N ALA E 143 -37.55 5.79 -9.00
CA ALA E 143 -37.73 6.02 -10.44
C ALA E 143 -37.78 4.69 -11.19
N ALA E 144 -36.83 3.79 -10.87
CA ALA E 144 -36.79 2.47 -11.49
C ALA E 144 -38.08 1.70 -11.21
N LYS E 145 -38.56 1.78 -9.97
CA LYS E 145 -39.80 1.13 -9.57
C LYS E 145 -41.05 1.72 -10.24
N SER E 146 -41.02 3.04 -10.46
CA SER E 146 -42.17 3.71 -11.05
CA SER E 146 -42.15 3.78 -11.08
C SER E 146 -42.40 3.37 -12.53
N ILE E 147 -41.34 3.49 -13.33
N ILE E 147 -41.32 3.19 -13.29
CA ILE E 147 -41.47 3.40 -14.78
CA ILE E 147 -41.44 2.66 -14.65
C ILE E 147 -41.43 1.94 -15.24
C ILE E 147 -41.40 1.12 -14.70
N GLY E 148 -40.98 1.08 -14.34
N GLY E 148 -40.94 0.50 -13.61
CA GLY E 148 -40.88 -0.34 -14.63
CA GLY E 148 -41.07 -0.95 -13.42
C GLY E 148 -39.47 -0.72 -15.00
C GLY E 148 -40.01 -1.84 -14.02
N ALA E 149 -38.94 -1.74 -14.33
N ALA E 149 -38.76 -1.39 -13.99
CA ALA E 149 -37.58 -2.20 -14.61
CA ALA E 149 -37.64 -2.18 -14.51
C ALA E 149 -37.15 -3.25 -13.62
C ALA E 149 -37.34 -3.39 -13.63
N THR E 150 -36.51 -4.30 -14.13
CA THR E 150 -35.90 -5.33 -13.29
C THR E 150 -34.65 -4.67 -12.73
N THR E 151 -34.73 -4.33 -11.44
CA THR E 151 -33.75 -3.45 -10.81
C THR E 151 -33.01 -4.18 -9.70
N HIS E 152 -31.69 -4.00 -9.68
CA HIS E 152 -30.86 -4.49 -8.59
C HIS E 152 -30.12 -3.31 -8.01
N VAL E 153 -29.99 -3.30 -6.69
CA VAL E 153 -29.36 -2.22 -5.94
C VAL E 153 -28.19 -2.79 -5.16
N GLY E 154 -27.03 -2.16 -5.27
CA GLY E 154 -25.88 -2.64 -4.53
C GLY E 154 -24.54 -2.13 -5.02
N VAL E 155 -23.52 -2.95 -4.77
CA VAL E 155 -22.13 -2.58 -5.00
C VAL E 155 -21.70 -2.83 -6.45
N THR E 156 -20.90 -1.90 -6.97
CA THR E 156 -20.41 -1.95 -8.34
C THR E 156 -18.90 -1.88 -8.34
N ALA E 157 -18.26 -2.65 -9.21
CA ALA E 157 -16.81 -2.57 -9.37
C ALA E 157 -16.50 -1.56 -10.46
N SER E 158 -15.77 -0.51 -10.10
CA SER E 158 -15.53 0.58 -11.03
C SER E 158 -14.07 0.62 -11.45
N SER E 159 -13.82 0.25 -12.70
CA SER E 159 -12.47 -0.04 -13.18
C SER E 159 -11.92 1.03 -14.12
N ASP E 160 -10.63 1.31 -14.00
CA ASP E 160 -9.92 2.20 -14.92
C ASP E 160 -9.66 1.57 -16.28
N THR E 161 -9.95 0.28 -16.42
CA THR E 161 -9.85 -0.35 -17.73
C THR E 161 -11.11 -1.12 -18.07
N PHE E 162 -11.36 -1.24 -19.37
CA PHE E 162 -12.42 -2.08 -19.89
C PHE E 162 -11.96 -3.54 -19.90
N TYR E 163 -10.66 -3.73 -20.10
CA TYR E 163 -10.14 -5.07 -20.35
C TYR E 163 -9.57 -5.79 -19.11
N PRO E 164 -8.28 -5.57 -18.77
CA PRO E 164 -7.71 -6.41 -17.70
C PRO E 164 -8.33 -6.17 -16.32
N GLY E 165 -8.73 -4.94 -16.03
CA GLY E 165 -9.34 -4.59 -14.75
C GLY E 165 -10.71 -5.21 -14.55
N GLN E 166 -11.30 -5.67 -15.65
CA GLN E 166 -12.58 -6.37 -15.61
C GLN E 166 -12.37 -7.84 -15.94
N GLU E 167 -11.12 -8.26 -15.81
CA GLU E 167 -10.67 -9.62 -16.09
C GLU E 167 -11.16 -10.17 -17.44
N ARG E 168 -11.07 -9.33 -18.47
CA ARG E 168 -11.31 -9.77 -19.84
C ARG E 168 -10.02 -10.35 -20.41
N TYR E 169 -10.11 -11.54 -20.98
CA TYR E 169 -8.95 -12.26 -21.52
C TYR E 169 -8.87 -12.25 -23.05
N ASP E 170 -9.96 -11.86 -23.70
CA ASP E 170 -10.03 -11.88 -25.16
C ASP E 170 -9.40 -10.60 -25.71
N THR E 171 -8.10 -10.49 -25.50
CA THR E 171 -7.36 -9.26 -25.77
C THR E 171 -6.10 -9.56 -26.57
N TYR E 172 -5.40 -8.50 -26.93
CA TYR E 172 -4.15 -8.63 -27.67
C TYR E 172 -3.15 -9.55 -26.96
N SER E 173 -2.92 -9.30 -25.67
CA SER E 173 -1.95 -10.07 -24.89
C SER E 173 -2.55 -11.37 -24.34
N GLY E 174 -3.85 -11.37 -24.12
CA GLY E 174 -4.55 -12.49 -23.48
C GLY E 174 -4.18 -12.68 -22.02
N ARG E 175 -3.42 -11.73 -21.46
CA ARG E 175 -2.99 -11.82 -20.08
C ARG E 175 -3.69 -10.79 -19.20
N VAL E 176 -3.80 -11.12 -17.93
CA VAL E 176 -4.34 -10.21 -16.94
C VAL E 176 -3.33 -10.16 -15.79
N VAL E 177 -2.91 -8.95 -15.43
CA VAL E 177 -1.94 -8.74 -14.36
C VAL E 177 -2.38 -9.43 -13.07
N ARG E 178 -1.41 -9.87 -12.28
CA ARG E 178 -1.67 -10.60 -11.03
C ARG E 178 -2.82 -10.04 -10.20
N ARG E 179 -2.80 -8.74 -9.96
CA ARG E 179 -3.83 -8.06 -9.16
C ARG E 179 -5.24 -8.45 -9.58
N PHE E 180 -5.45 -8.60 -10.89
CA PHE E 180 -6.79 -8.84 -11.40
C PHE E 180 -7.07 -10.30 -11.82
N LYS E 181 -6.06 -11.16 -11.75
CA LYS E 181 -6.29 -12.57 -12.00
CA LYS E 181 -6.26 -12.59 -11.98
C LYS E 181 -7.20 -13.13 -10.91
N GLY E 182 -8.30 -13.72 -11.34
CA GLY E 182 -9.30 -14.27 -10.42
C GLY E 182 -10.15 -13.22 -9.74
N SER E 183 -9.99 -11.96 -10.13
CA SER E 183 -10.70 -10.86 -9.46
C SER E 183 -12.20 -10.88 -9.71
N MET E 184 -12.63 -11.25 -10.91
CA MET E 184 -14.07 -11.25 -11.17
C MET E 184 -14.80 -12.22 -10.25
N GLU E 185 -14.25 -13.42 -10.09
CA GLU E 185 -14.82 -14.42 -9.19
CA GLU E 185 -14.83 -14.41 -9.19
C GLU E 185 -14.89 -13.90 -7.75
N GLU E 186 -13.86 -13.17 -7.35
CA GLU E 186 -13.78 -12.59 -6.00
CA GLU E 186 -13.80 -12.61 -6.00
C GLU E 186 -14.91 -11.57 -5.80
N TRP E 187 -15.05 -10.64 -6.74
CA TRP E 187 -16.12 -9.64 -6.66
C TRP E 187 -17.47 -10.33 -6.68
N GLN E 188 -17.61 -11.34 -7.54
CA GLN E 188 -18.84 -12.10 -7.63
CA GLN E 188 -18.85 -12.11 -7.64
C GLN E 188 -19.22 -12.69 -6.28
N ALA E 189 -18.23 -13.31 -5.62
CA ALA E 189 -18.44 -13.95 -4.32
C ALA E 189 -18.85 -12.91 -3.29
N MET E 190 -18.34 -11.69 -3.46
CA MET E 190 -18.63 -10.58 -2.56
C MET E 190 -19.94 -9.87 -2.88
N GLY E 191 -20.67 -10.39 -3.86
CA GLY E 191 -21.97 -9.84 -4.23
C GLY E 191 -21.95 -8.57 -5.05
N VAL E 192 -20.78 -8.23 -5.59
CA VAL E 192 -20.65 -7.09 -6.50
C VAL E 192 -21.49 -7.38 -7.74
N MET E 193 -22.30 -6.40 -8.16
CA MET E 193 -23.26 -6.64 -9.21
C MET E 193 -22.66 -6.61 -10.59
N ASN E 194 -21.72 -5.69 -10.80
CA ASN E 194 -21.39 -5.24 -12.14
C ASN E 194 -20.08 -4.49 -12.22
N TYR E 195 -19.59 -4.37 -13.46
CA TYR E 195 -18.46 -3.52 -13.81
C TYR E 195 -18.91 -2.32 -14.60
N GLU E 196 -18.36 -1.16 -14.25
CA GLU E 196 -18.38 0.00 -15.15
C GLU E 196 -17.12 0.82 -14.87
N MET E 197 -17.03 2.03 -15.44
CA MET E 197 -15.73 2.70 -15.48
C MET E 197 -15.64 4.14 -14.96
N GLU E 198 -16.70 4.66 -14.33
CA GLU E 198 -16.69 6.05 -13.87
C GLU E 198 -17.19 6.27 -12.45
N SER E 199 -17.95 5.33 -11.91
CA SER E 199 -18.64 5.55 -10.64
C SER E 199 -17.72 5.73 -9.43
N ALA E 200 -16.60 4.99 -9.38
CA ALA E 200 -15.68 5.13 -8.24
C ALA E 200 -15.19 6.57 -8.14
N THR E 201 -14.78 7.13 -9.28
CA THR E 201 -14.32 8.51 -9.32
C THR E 201 -15.46 9.46 -8.98
N LEU E 202 -16.59 9.29 -9.65
CA LEU E 202 -17.73 10.18 -9.45
C LEU E 202 -18.17 10.20 -8.00
N LEU E 203 -18.42 9.02 -7.46
CA LEU E 203 -18.96 8.90 -6.11
C LEU E 203 -17.98 9.39 -5.06
N THR E 204 -16.70 9.03 -5.20
CA THR E 204 -15.67 9.48 -4.26
C THR E 204 -15.51 10.99 -4.29
N MET E 205 -15.39 11.56 -5.49
CA MET E 205 -15.14 13.00 -5.58
C MET E 205 -16.32 13.81 -5.07
N CYS E 206 -17.53 13.29 -5.25
CA CYS E 206 -18.71 13.99 -4.75
C CYS E 206 -18.87 13.81 -3.24
N ALA E 207 -18.77 12.58 -2.76
CA ALA E 207 -18.98 12.28 -1.34
C ALA E 207 -17.95 12.96 -0.44
N SER E 208 -16.78 13.27 -1.00
CA SER E 208 -15.70 13.89 -0.24
C SER E 208 -15.60 15.40 -0.47
N GLN E 209 -16.55 15.96 -1.21
CA GLN E 209 -16.53 17.39 -1.52
C GLN E 209 -17.89 18.07 -1.37
N GLY E 210 -18.81 17.42 -0.65
CA GLY E 210 -20.11 18.02 -0.35
C GLY E 210 -21.05 18.10 -1.53
N LEU E 211 -20.82 17.23 -2.52
CA LEU E 211 -21.69 17.11 -3.68
C LEU E 211 -22.47 15.81 -3.60
N ARG E 212 -23.67 15.80 -4.17
CA ARG E 212 -24.50 14.61 -4.19
C ARG E 212 -24.33 13.89 -5.52
N ALA E 213 -24.18 12.58 -5.46
CA ALA E 213 -24.11 11.79 -6.68
C ALA E 213 -24.92 10.52 -6.57
N GLY E 214 -25.52 10.15 -7.71
CA GLY E 214 -26.20 8.87 -7.86
C GLY E 214 -25.67 8.19 -9.09
N MET E 215 -25.89 6.89 -9.18
CA MET E 215 -25.32 6.09 -10.24
C MET E 215 -26.31 5.01 -10.67
N VAL E 216 -26.66 5.02 -11.95
CA VAL E 216 -27.56 4.02 -12.52
C VAL E 216 -26.98 3.57 -13.85
N ALA E 217 -27.15 2.29 -14.17
CA ALA E 217 -26.64 1.76 -15.43
C ALA E 217 -27.51 0.64 -15.96
N GLY E 218 -27.55 0.53 -17.28
CA GLY E 218 -28.23 -0.56 -17.94
C GLY E 218 -27.25 -1.66 -18.31
N VAL E 219 -27.62 -2.89 -18.02
CA VAL E 219 -26.78 -4.05 -18.26
C VAL E 219 -26.79 -4.41 -19.74
N ILE E 220 -25.62 -4.37 -20.36
CA ILE E 220 -25.50 -4.68 -21.80
C ILE E 220 -24.83 -6.03 -22.08
N VAL E 221 -24.27 -6.63 -21.04
CA VAL E 221 -23.69 -7.97 -21.12
C VAL E 221 -23.70 -8.65 -19.77
N ASN E 222 -23.88 -9.97 -19.77
CA ASN E 222 -23.59 -10.75 -18.59
C ASN E 222 -22.25 -11.48 -18.73
N ARG E 223 -21.34 -11.14 -17.83
CA ARG E 223 -19.96 -11.62 -17.93
C ARG E 223 -19.77 -13.10 -17.58
N THR E 224 -20.78 -13.73 -17.01
CA THR E 224 -20.72 -15.18 -16.77
C THR E 224 -20.95 -15.91 -18.09
N GLN E 225 -21.48 -15.18 -19.08
CA GLN E 225 -21.76 -15.70 -20.40
C GLN E 225 -20.72 -15.33 -21.46
N GLN E 226 -20.33 -14.06 -21.52
CA GLN E 226 -19.41 -13.57 -22.56
C GLN E 226 -18.74 -12.26 -22.18
N GLU E 227 -17.63 -11.96 -22.86
CA GLU E 227 -16.83 -10.78 -22.57
C GLU E 227 -17.33 -9.52 -23.28
N ILE E 228 -17.66 -9.65 -24.56
CA ILE E 228 -18.07 -8.50 -25.37
C ILE E 228 -19.59 -8.47 -25.52
N PRO E 229 -20.22 -7.33 -25.20
CA PRO E 229 -21.68 -7.18 -25.31
C PRO E 229 -22.21 -7.38 -26.71
N ASN E 230 -23.42 -7.92 -26.81
CA ASN E 230 -24.13 -8.03 -28.08
C ASN E 230 -24.78 -6.69 -28.43
N ALA E 231 -24.56 -6.25 -29.67
CA ALA E 231 -25.07 -4.96 -30.14
C ALA E 231 -26.59 -4.84 -30.14
N GLU E 232 -27.26 -5.97 -30.36
CA GLU E 232 -28.72 -6.02 -30.55
C GLU E 232 -29.56 -5.50 -29.39
N THR E 233 -29.05 -5.67 -28.17
CA THR E 233 -29.82 -5.37 -26.95
C THR E 233 -29.44 -4.06 -26.27
N MET E 234 -28.46 -3.35 -26.83
CA MET E 234 -27.92 -2.15 -26.20
C MET E 234 -28.84 -0.92 -26.29
N LYS E 235 -29.36 -0.65 -27.49
CA LYS E 235 -30.22 0.53 -27.72
C LYS E 235 -31.42 0.60 -26.79
N GLN E 236 -32.11 -0.53 -26.62
CA GLN E 236 -33.31 -0.60 -25.77
C GLN E 236 -32.96 -0.46 -24.30
N THR E 237 -31.85 -1.08 -23.89
CA THR E 237 -31.36 -1.01 -22.51
C THR E 237 -30.97 0.42 -22.13
N GLU E 238 -30.30 1.11 -23.07
CA GLU E 238 -29.88 2.50 -22.86
C GLU E 238 -31.07 3.44 -22.65
N SER E 239 -32.03 3.41 -23.57
CA SER E 239 -33.20 4.29 -23.49
C SER E 239 -34.02 4.04 -22.21
N HIS E 240 -34.04 2.79 -21.77
CA HIS E 240 -34.73 2.38 -20.54
C HIS E 240 -34.10 3.00 -19.29
N ALA E 241 -32.77 2.91 -19.19
CA ALA E 241 -32.04 3.53 -18.08
C ALA E 241 -32.13 5.05 -18.12
N VAL E 242 -32.18 5.60 -19.34
CA VAL E 242 -32.31 7.05 -19.56
C VAL E 242 -33.63 7.57 -18.98
N LYS E 243 -34.72 6.84 -19.23
CA LYS E 243 -36.02 7.19 -18.68
CA LYS E 243 -36.03 7.19 -18.67
C LYS E 243 -35.97 7.23 -17.15
N ILE E 244 -35.26 6.27 -16.56
CA ILE E 244 -35.11 6.20 -15.11
C ILE E 244 -34.30 7.37 -14.55
N VAL E 245 -33.15 7.67 -15.15
CA VAL E 245 -32.31 8.77 -14.65
C VAL E 245 -33.03 10.13 -14.72
N VAL E 246 -33.84 10.31 -15.76
CA VAL E 246 -34.60 11.55 -15.93
C VAL E 246 -35.72 11.63 -14.88
N GLU E 247 -36.39 10.52 -14.64
CA GLU E 247 -37.42 10.46 -13.61
C GLU E 247 -36.83 10.70 -12.23
N ALA E 248 -35.65 10.14 -11.98
CA ALA E 248 -34.93 10.39 -10.73
C ALA E 248 -34.62 11.88 -10.57
N ALA E 249 -34.13 12.50 -11.64
CA ALA E 249 -33.81 13.94 -11.63
C ALA E 249 -35.04 14.76 -11.26
N ARG E 250 -36.19 14.40 -11.83
CA ARG E 250 -37.45 15.08 -11.53
CA ARG E 250 -37.46 15.07 -11.54
C ARG E 250 -37.73 15.07 -10.03
N ARG E 251 -37.46 13.94 -9.39
CA ARG E 251 -37.68 13.76 -7.95
C ARG E 251 -36.67 14.51 -7.08
N LEU E 252 -35.57 14.97 -7.68
CA LEU E 252 -34.49 15.63 -6.94
C LEU E 252 -34.43 17.14 -7.12
N LEU E 253 -35.43 17.68 -7.84
CA LEU E 253 -35.47 19.11 -8.12
C LEU E 253 -36.59 19.78 -7.33
N SER F 2 -18.67 5.52 41.22
CA SER F 2 -19.31 6.37 40.18
C SER F 2 -18.29 7.24 39.45
N LYS F 3 -17.25 7.67 40.17
CA LYS F 3 -16.20 8.51 39.58
C LYS F 3 -15.19 7.69 38.79
N SER F 4 -14.67 8.30 37.74
CA SER F 4 -13.65 7.67 36.91
C SER F 4 -12.78 8.72 36.26
N ASP F 5 -11.46 8.53 36.34
CA ASP F 5 -10.51 9.43 35.68
C ASP F 5 -10.32 9.12 34.21
N VAL F 6 -10.95 8.03 33.76
CA VAL F 6 -10.86 7.60 32.37
C VAL F 6 -12.25 7.36 31.80
N PHE F 7 -12.38 7.39 30.47
CA PHE F 7 -13.70 7.39 29.88
CA PHE F 7 -13.69 7.37 29.82
C PHE F 7 -14.43 6.04 29.89
N HIS F 8 -13.68 4.94 29.85
CA HIS F 8 -14.31 3.62 29.74
C HIS F 8 -14.20 2.73 30.96
N LEU F 9 -13.06 2.73 31.63
CA LEU F 9 -12.77 1.71 32.66
C LEU F 9 -13.52 1.89 33.96
N GLY F 10 -13.95 3.12 34.26
CA GLY F 10 -14.65 3.39 35.52
C GLY F 10 -13.72 3.34 36.71
N LEU F 11 -12.49 3.83 36.53
CA LEU F 11 -11.45 3.77 37.55
C LEU F 11 -10.85 5.13 37.79
N THR F 12 -10.48 5.38 39.04
CA THR F 12 -9.71 6.57 39.40
C THR F 12 -8.27 6.12 39.61
N LYS F 13 -7.33 7.06 39.55
CA LYS F 13 -5.93 6.75 39.83
C LYS F 13 -5.82 6.15 41.23
N ASN F 14 -6.63 6.67 42.16
CA ASN F 14 -6.62 6.21 43.54
C ASN F 14 -6.97 4.72 43.67
N ASP F 15 -7.87 4.24 42.82
CA ASP F 15 -8.26 2.83 42.79
C ASP F 15 -7.06 1.90 42.61
N LEU F 16 -6.06 2.37 41.87
CA LEU F 16 -4.88 1.57 41.56
C LEU F 16 -3.95 1.38 42.75
N GLN F 17 -4.06 2.27 43.74
CA GLN F 17 -3.26 2.16 44.96
C GLN F 17 -1.76 2.03 44.65
N GLY F 18 -1.31 2.78 43.65
CA GLY F 18 0.09 2.81 43.24
C GLY F 18 0.51 1.74 42.25
N ALA F 19 -0.45 0.94 41.78
CA ALA F 19 -0.15 -0.16 40.85
C ALA F 19 0.54 0.36 39.60
N GLN F 20 1.57 -0.35 39.17
CA GLN F 20 2.29 0.01 37.96
C GLN F 20 2.30 -1.13 36.96
N LEU F 21 1.68 -2.25 37.35
CA LEU F 21 1.59 -3.41 36.48
C LEU F 21 0.15 -3.90 36.39
N ALA F 22 -0.27 -4.21 35.17
CA ALA F 22 -1.58 -4.81 34.94
C ALA F 22 -1.45 -6.13 34.20
N ILE F 23 -2.23 -7.11 34.64
CA ILE F 23 -2.44 -8.34 33.90
C ILE F 23 -3.73 -8.15 33.11
N VAL F 24 -3.66 -8.40 31.81
CA VAL F 24 -4.74 -8.02 30.91
C VAL F 24 -5.25 -9.20 30.08
N PRO F 25 -6.17 -9.99 30.66
CA PRO F 25 -6.80 -11.06 29.89
C PRO F 25 -7.83 -10.49 28.92
N GLY F 26 -8.20 -11.25 27.91
CA GLY F 26 -9.24 -10.81 26.99
C GLY F 26 -10.62 -10.93 27.61
N ASP F 27 -10.81 -11.99 28.39
CA ASP F 27 -12.13 -12.38 28.90
C ASP F 27 -12.39 -11.77 30.28
N PRO F 28 -13.45 -10.95 30.41
CA PRO F 28 -13.83 -10.34 31.70
C PRO F 28 -14.01 -11.38 32.80
N GLU F 29 -14.46 -12.57 32.43
CA GLU F 29 -14.72 -13.64 33.39
C GLU F 29 -13.45 -14.24 34.00
N ARG F 30 -12.32 -14.04 33.34
CA ARG F 30 -11.03 -14.52 33.84
C ARG F 30 -10.39 -13.57 34.87
N VAL F 31 -10.90 -12.34 34.95
CA VAL F 31 -10.27 -11.31 35.77
C VAL F 31 -10.28 -11.71 37.25
N GLU F 32 -11.45 -12.11 37.77
CA GLU F 32 -11.58 -12.56 39.15
CA GLU F 32 -11.58 -12.58 39.14
C GLU F 32 -10.67 -13.77 39.41
N LYS F 33 -10.63 -14.71 38.47
CA LYS F 33 -9.81 -15.91 38.57
C LYS F 33 -8.32 -15.62 38.75
N ILE F 34 -7.82 -14.64 38.00
CA ILE F 34 -6.43 -14.22 38.08
C ILE F 34 -6.18 -13.47 39.40
N ALA F 35 -7.09 -12.57 39.75
CA ALA F 35 -7.01 -11.81 40.99
C ALA F 35 -6.97 -12.72 42.21
N ALA F 36 -7.71 -13.82 42.14
CA ALA F 36 -7.81 -14.79 43.24
C ALA F 36 -6.47 -15.46 43.60
N LEU F 37 -5.53 -15.45 42.66
CA LEU F 37 -4.20 -16.04 42.89
C LEU F 37 -3.27 -15.13 43.68
N MET F 38 -3.70 -13.90 43.90
CA MET F 38 -2.88 -12.91 44.61
C MET F 38 -3.54 -12.49 45.92
N ASP F 39 -2.85 -11.66 46.69
CA ASP F 39 -3.34 -11.23 48.00
C ASP F 39 -4.36 -10.11 47.88
N LYS F 40 -5.27 -10.05 48.86
CA LYS F 40 -6.26 -8.98 48.97
C LYS F 40 -6.99 -8.64 47.65
N PRO F 41 -7.57 -9.65 46.98
CA PRO F 41 -8.24 -9.32 45.73
C PRO F 41 -9.55 -8.57 45.96
N VAL F 42 -9.71 -7.45 45.27
CA VAL F 42 -10.90 -6.60 45.38
CA VAL F 42 -10.92 -6.63 45.36
C VAL F 42 -11.40 -6.25 43.98
N LYS F 43 -12.70 -6.38 43.77
CA LYS F 43 -13.31 -5.95 42.50
C LYS F 43 -13.33 -4.44 42.49
N LEU F 44 -12.96 -3.86 41.35
CA LEU F 44 -12.95 -2.40 41.21
C LEU F 44 -14.12 -1.90 40.39
N ALA F 45 -14.25 -2.42 39.17
CA ALA F 45 -15.27 -1.94 38.25
C ALA F 45 -15.58 -2.95 37.17
N SER F 46 -16.76 -2.81 36.57
CA SER F 46 -17.12 -3.55 35.39
C SER F 46 -17.96 -2.64 34.51
N HIS F 47 -17.42 -2.34 33.33
CA HIS F 47 -18.13 -1.52 32.35
C HIS F 47 -17.79 -2.08 30.98
N ARG F 48 -18.81 -2.29 30.17
CA ARG F 48 -18.61 -2.91 28.85
C ARG F 48 -17.77 -4.18 29.03
N GLU F 49 -16.77 -4.39 28.18
CA GLU F 49 -15.91 -5.57 28.27
C GLU F 49 -14.77 -5.42 29.28
N PHE F 50 -14.80 -4.33 30.05
CA PHE F 50 -13.71 -3.97 30.92
C PHE F 50 -14.05 -4.23 32.40
N THR F 51 -13.68 -5.41 32.86
CA THR F 51 -13.79 -5.77 34.27
C THR F 51 -12.42 -5.65 34.92
N SER F 52 -12.36 -4.92 36.02
CA SER F 52 -11.10 -4.68 36.70
C SER F 52 -11.15 -5.09 38.15
N TRP F 53 -10.05 -5.70 38.60
CA TRP F 53 -9.83 -6.04 39.98
C TRP F 53 -8.46 -5.51 40.39
N ARG F 54 -8.30 -5.25 41.68
CA ARG F 54 -6.99 -4.96 42.23
C ARG F 54 -6.61 -6.11 43.13
N ALA F 55 -5.31 -6.38 43.21
CA ALA F 55 -4.78 -7.36 44.15
C ALA F 55 -3.39 -6.93 44.59
N GLU F 56 -2.77 -7.75 45.43
CA GLU F 56 -1.47 -7.42 45.97
C GLU F 56 -0.52 -8.57 45.72
N LEU F 57 0.70 -8.22 45.31
CA LEU F 57 1.70 -9.20 45.00
C LEU F 57 3.02 -8.69 45.57
N ASP F 58 3.53 -9.41 46.57
CA ASP F 58 4.73 -9.00 47.32
C ASP F 58 4.62 -7.58 47.89
N GLY F 59 3.44 -7.22 48.36
CA GLY F 59 3.19 -5.91 48.97
C GLY F 59 2.96 -4.77 47.98
N LYS F 60 2.91 -5.11 46.70
CA LYS F 60 2.69 -4.12 45.65
C LYS F 60 1.35 -4.35 44.97
N ALA F 61 0.62 -3.27 44.73
CA ALA F 61 -0.66 -3.35 44.06
C ALA F 61 -0.50 -3.77 42.61
N VAL F 62 -1.40 -4.65 42.17
CA VAL F 62 -1.45 -5.12 40.80
CA VAL F 62 -1.44 -5.08 40.78
C VAL F 62 -2.88 -5.00 40.29
N ILE F 63 -3.03 -4.58 39.03
CA ILE F 63 -4.34 -4.49 38.42
C ILE F 63 -4.54 -5.71 37.54
N VAL F 64 -5.75 -6.26 37.55
CA VAL F 64 -6.16 -7.21 36.53
C VAL F 64 -7.34 -6.57 35.82
N CYS F 65 -7.23 -6.42 34.51
CA CYS F 65 -8.26 -5.73 33.75
C CYS F 65 -8.44 -6.41 32.41
N SER F 66 -9.68 -6.77 32.09
CA SER F 66 -9.95 -7.41 30.80
C SER F 66 -9.90 -6.39 29.68
N THR F 67 -9.53 -6.86 28.49
CA THR F 67 -9.41 -6.02 27.31
C THR F 67 -10.59 -6.19 26.36
N GLY F 68 -11.34 -7.28 26.53
CA GLY F 68 -12.28 -7.71 25.50
C GLY F 68 -11.48 -8.31 24.34
N ILE F 69 -12.19 -8.82 23.35
CA ILE F 69 -11.54 -9.39 22.18
C ILE F 69 -11.15 -8.29 21.20
N GLY F 70 -9.88 -8.31 20.80
CA GLY F 70 -9.44 -7.48 19.68
C GLY F 70 -8.66 -6.23 20.03
N GLY F 71 -7.86 -5.79 19.06
CA GLY F 71 -7.06 -4.59 19.19
C GLY F 71 -7.77 -3.33 19.66
N PRO F 72 -8.92 -3.00 19.06
CA PRO F 72 -9.63 -1.78 19.48
C PRO F 72 -9.94 -1.69 20.97
N SER F 73 -10.61 -2.70 21.54
CA SER F 73 -10.93 -2.64 22.96
C SER F 73 -9.66 -2.74 23.82
N THR F 74 -8.70 -3.56 23.36
CA THR F 74 -7.37 -3.63 23.97
C THR F 74 -6.72 -2.24 24.04
N SER F 75 -6.75 -1.50 22.93
CA SER F 75 -6.12 -0.19 22.86
C SER F 75 -6.73 0.78 23.87
N ILE F 76 -8.04 0.66 24.09
CA ILE F 76 -8.72 1.48 25.08
C ILE F 76 -8.27 1.11 26.50
N ALA F 77 -8.30 -0.17 26.81
CA ALA F 77 -7.91 -0.65 28.14
C ALA F 77 -6.47 -0.27 28.46
N VAL F 78 -5.56 -0.52 27.54
CA VAL F 78 -4.16 -0.21 27.75
C VAL F 78 -3.94 1.29 27.91
N GLU F 79 -4.55 2.09 27.02
CA GLU F 79 -4.41 3.54 27.07
C GLU F 79 -4.92 4.10 28.40
N GLU F 80 -6.11 3.66 28.81
CA GLU F 80 -6.70 4.18 30.04
C GLU F 80 -5.96 3.70 31.29
N LEU F 81 -5.51 2.45 31.27
CA LEU F 81 -4.67 1.96 32.35
C LEU F 81 -3.36 2.74 32.43
N ALA F 82 -2.79 3.05 31.27
CA ALA F 82 -1.57 3.88 31.20
C ALA F 82 -1.82 5.27 31.78
N GLN F 83 -2.95 5.87 31.43
CA GLN F 83 -3.33 7.18 31.98
C GLN F 83 -3.40 7.13 33.51
N LEU F 84 -3.81 5.98 34.03
CA LEU F 84 -3.97 5.80 35.48
C LEU F 84 -2.66 5.45 36.17
N GLY F 85 -1.63 5.15 35.38
CA GLY F 85 -0.29 4.91 35.91
C GLY F 85 0.34 3.56 35.61
N ILE F 86 -0.37 2.68 34.92
CA ILE F 86 0.19 1.36 34.58
C ILE F 86 1.27 1.49 33.51
N ARG F 87 2.42 0.86 33.74
CA ARG F 87 3.57 0.97 32.83
C ARG F 87 4.02 -0.38 32.29
N THR F 88 3.53 -1.45 32.90
CA THR F 88 3.84 -2.80 32.47
C THR F 88 2.54 -3.57 32.29
N PHE F 89 2.38 -4.16 31.11
CA PHE F 89 1.18 -4.91 30.77
C PHE F 89 1.55 -6.33 30.40
N LEU F 90 0.91 -7.29 31.05
CA LEU F 90 1.09 -8.69 30.73
C LEU F 90 -0.23 -9.25 30.24
N ARG F 91 -0.31 -9.55 28.94
CA ARG F 91 -1.49 -10.21 28.43
C ARG F 91 -1.42 -11.70 28.65
N ILE F 92 -2.55 -12.22 29.14
CA ILE F 92 -2.76 -13.66 29.27
CA ILE F 92 -2.74 -13.67 29.24
C ILE F 92 -3.96 -14.03 28.41
N GLY F 93 -3.74 -14.84 27.38
CA GLY F 93 -4.81 -15.17 26.46
C GLY F 93 -5.00 -16.64 26.17
N THR F 94 -5.93 -16.89 25.26
CA THR F 94 -6.09 -18.20 24.65
C THR F 94 -5.58 -18.09 23.22
N THR F 95 -5.18 -19.22 22.66
CA THR F 95 -4.56 -19.21 21.34
C THR F 95 -4.77 -20.53 20.59
N GLY F 96 -4.76 -20.43 19.26
CA GLY F 96 -4.76 -21.60 18.40
C GLY F 96 -3.36 -21.80 17.86
N ALA F 97 -2.79 -22.98 18.12
CA ALA F 97 -1.46 -23.32 17.62
C ALA F 97 -1.56 -23.66 16.14
N ILE F 98 -0.57 -23.25 15.35
CA ILE F 98 -0.56 -23.58 13.92
C ILE F 98 0.61 -24.49 13.53
N GLN F 99 1.42 -24.85 14.50
CA GLN F 99 2.51 -25.80 14.30
C GLN F 99 2.07 -27.18 14.77
N PRO F 100 2.36 -28.23 13.97
CA PRO F 100 1.89 -29.58 14.26
C PRO F 100 2.27 -30.13 15.65
N HIS F 101 3.42 -29.72 16.17
CA HIS F 101 3.90 -30.28 17.43
C HIS F 101 3.68 -29.39 18.66
N ILE F 102 2.90 -28.33 18.49
CA ILE F 102 2.48 -27.52 19.63
C ILE F 102 1.10 -28.00 20.07
N ASN F 103 1.04 -28.55 21.27
CA ASN F 103 -0.16 -29.24 21.72
C ASN F 103 -1.09 -28.35 22.53
N VAL F 104 -2.36 -28.75 22.56
CA VAL F 104 -3.34 -28.14 23.46
C VAL F 104 -2.82 -28.26 24.89
N GLY F 105 -2.90 -27.14 25.62
CA GLY F 105 -2.39 -27.09 26.99
C GLY F 105 -1.01 -26.47 27.08
N ASP F 106 -0.30 -26.43 25.95
CA ASP F 106 1.00 -25.76 25.87
C ASP F 106 0.86 -24.27 26.15
N VAL F 107 1.96 -23.69 26.63
CA VAL F 107 2.02 -22.27 26.94
C VAL F 107 2.94 -21.58 25.93
N LEU F 108 2.42 -20.53 25.30
CA LEU F 108 3.16 -19.85 24.25
C LEU F 108 3.49 -18.43 24.65
N VAL F 109 4.78 -18.12 24.65
CA VAL F 109 5.27 -16.78 24.93
C VAL F 109 5.65 -16.10 23.62
N THR F 110 5.04 -14.95 23.37
CA THR F 110 5.22 -14.22 22.13
C THR F 110 6.40 -13.26 22.23
N THR F 111 7.37 -13.41 21.34
CA THR F 111 8.46 -12.46 21.25
C THR F 111 8.03 -11.24 20.44
N ALA F 112 7.28 -11.49 19.38
CA ALA F 112 6.74 -10.44 18.52
C ALA F 112 5.62 -11.01 17.66
N SER F 113 4.83 -10.12 17.09
CA SER F 113 3.62 -10.53 16.40
C SER F 113 3.54 -10.10 14.96
N VAL F 114 2.99 -10.98 14.14
CA VAL F 114 2.55 -10.63 12.80
C VAL F 114 1.33 -9.73 12.96
N ARG F 115 1.40 -8.55 12.36
CA ARG F 115 0.38 -7.53 12.56
C ARG F 115 -0.75 -7.69 11.56
N LEU F 116 -1.67 -8.59 11.87
CA LEU F 116 -2.85 -8.83 11.05
C LEU F 116 -4.05 -8.09 11.65
N ASP F 117 -3.73 -6.98 12.32
CA ASP F 117 -4.70 -6.12 13.00
C ASP F 117 -4.71 -4.74 12.36
N GLY F 118 -5.63 -3.90 12.81
CA GLY F 118 -5.68 -2.51 12.36
C GLY F 118 -5.20 -1.51 13.39
N ALA F 119 -5.44 -1.82 14.67
CA ALA F 119 -5.16 -0.86 15.74
C ALA F 119 -3.67 -0.56 15.89
N SER F 120 -2.81 -1.55 15.64
CA SER F 120 -1.37 -1.33 15.74
C SER F 120 -0.96 -0.16 14.84
N LEU F 121 -1.58 -0.05 13.68
CA LEU F 121 -1.27 1.02 12.72
C LEU F 121 -1.66 2.41 13.21
N HIS F 122 -2.46 2.45 14.27
CA HIS F 122 -2.84 3.71 14.88
C HIS F 122 -1.77 4.22 15.85
N PHE F 123 -0.72 3.42 16.04
CA PHE F 123 0.40 3.76 16.93
C PHE F 123 1.74 3.82 16.21
N ALA F 124 1.89 2.97 15.20
CA ALA F 124 3.13 2.92 14.44
C ALA F 124 2.86 2.35 13.07
N PRO F 125 3.64 2.79 12.06
CA PRO F 125 3.44 2.26 10.71
C PRO F 125 3.81 0.78 10.66
N MET F 126 3.38 0.09 9.61
CA MET F 126 3.50 -1.37 9.55
C MET F 126 4.94 -1.86 9.71
N GLU F 127 5.89 -1.04 9.25
CA GLU F 127 7.33 -1.33 9.31
CA GLU F 127 7.30 -1.39 9.31
C GLU F 127 7.83 -1.54 10.74
N PHE F 128 7.12 -0.93 11.70
CA PHE F 128 7.49 -1.02 13.11
C PHE F 128 7.15 -2.42 13.66
N PRO F 129 8.09 -3.02 14.42
CA PRO F 129 7.84 -4.38 14.90
C PRO F 129 6.89 -4.42 16.10
N ALA F 130 5.91 -5.32 16.06
CA ALA F 130 5.05 -5.60 17.20
C ALA F 130 5.83 -6.48 18.17
N VAL F 131 6.86 -5.90 18.78
CA VAL F 131 7.79 -6.66 19.60
C VAL F 131 7.50 -6.50 21.09
N ALA F 132 7.58 -7.60 21.83
CA ALA F 132 7.42 -7.59 23.27
C ALA F 132 8.62 -6.97 23.97
N ASP F 133 8.39 -6.47 25.17
CA ASP F 133 9.46 -5.98 26.03
C ASP F 133 10.35 -7.14 26.44
N PHE F 134 11.66 -6.92 26.42
CA PHE F 134 12.62 -7.98 26.73
C PHE F 134 12.48 -8.49 28.16
N ALA F 135 12.37 -7.58 29.12
CA ALA F 135 12.22 -7.95 30.52
C ALA F 135 10.94 -8.76 30.75
N CYS F 136 9.84 -8.32 30.14
CA CYS F 136 8.56 -9.01 30.27
C CYS F 136 8.60 -10.42 29.68
N THR F 137 9.19 -10.53 28.50
CA THR F 137 9.31 -11.82 27.82
C THR F 137 10.17 -12.77 28.66
N THR F 138 11.30 -12.25 29.15
CA THR F 138 12.20 -13.01 30.03
C THR F 138 11.44 -13.49 31.28
N ALA F 139 10.69 -12.57 31.90
CA ALA F 139 9.90 -12.91 33.08
C ALA F 139 8.89 -14.02 32.79
N LEU F 140 8.27 -13.96 31.63
CA LEU F 140 7.31 -14.99 31.22
C LEU F 140 7.98 -16.34 30.99
N VAL F 141 9.13 -16.33 30.32
CA VAL F 141 9.89 -17.56 30.08
C VAL F 141 10.36 -18.16 31.40
N GLU F 142 10.88 -17.31 32.28
CA GLU F 142 11.34 -17.76 33.60
C GLU F 142 10.18 -18.25 34.47
N ALA F 143 9.05 -17.56 34.39
CA ALA F 143 7.85 -17.96 35.10
C ALA F 143 7.34 -19.32 34.64
N ALA F 144 7.43 -19.56 33.33
CA ALA F 144 7.03 -20.83 32.73
C ALA F 144 7.87 -21.98 33.29
N LYS F 145 9.17 -21.73 33.46
CA LYS F 145 10.07 -22.70 34.07
C LYS F 145 9.67 -22.99 35.51
N SER F 146 9.34 -21.94 36.25
CA SER F 146 8.99 -22.05 37.67
CA SER F 146 8.98 -22.04 37.68
C SER F 146 7.69 -22.81 37.90
N ILE F 147 6.67 -22.50 37.09
CA ILE F 147 5.36 -23.12 37.23
C ILE F 147 5.35 -24.53 36.67
N GLY F 148 6.09 -24.73 35.58
CA GLY F 148 6.11 -26.01 34.90
C GLY F 148 5.06 -26.00 33.82
N ALA F 149 5.51 -26.05 32.57
CA ALA F 149 4.63 -26.06 31.42
C ALA F 149 5.45 -26.45 30.21
N THR F 150 4.79 -27.02 29.20
CA THR F 150 5.42 -27.21 27.91
C THR F 150 5.32 -25.86 27.21
N THR F 151 6.47 -25.21 27.05
CA THR F 151 6.50 -23.81 26.63
C THR F 151 7.22 -23.64 25.31
N HIS F 152 6.65 -22.80 24.46
CA HIS F 152 7.31 -22.41 23.22
C HIS F 152 7.36 -20.90 23.15
N VAL F 153 8.46 -20.40 22.62
CA VAL F 153 8.74 -18.97 22.57
C VAL F 153 8.97 -18.60 21.11
N GLY F 154 8.25 -17.60 20.62
CA GLY F 154 8.43 -17.19 19.24
C GLY F 154 7.37 -16.25 18.71
N VAL F 155 7.20 -16.29 17.39
CA VAL F 155 6.35 -15.34 16.69
C VAL F 155 4.90 -15.81 16.68
N THR F 156 3.99 -14.86 16.86
CA THR F 156 2.56 -15.10 16.91
C THR F 156 1.86 -14.27 15.83
N ALA F 157 0.89 -14.86 15.14
CA ALA F 157 0.06 -14.11 14.21
C ALA F 157 -1.13 -13.55 14.96
N SER F 158 -1.26 -12.22 14.93
CA SER F 158 -2.30 -11.53 15.70
C SER F 158 -3.35 -10.93 14.78
N SER F 159 -4.53 -11.51 14.80
CA SER F 159 -5.55 -11.25 13.80
C SER F 159 -6.72 -10.43 14.33
N ASP F 160 -7.19 -9.49 13.51
CA ASP F 160 -8.41 -8.74 13.80
C ASP F 160 -9.69 -9.59 13.67
N THR F 161 -9.58 -10.81 13.19
CA THR F 161 -10.73 -11.70 13.15
C THR F 161 -10.40 -13.07 13.71
N PHE F 162 -11.42 -13.73 14.23
CA PHE F 162 -11.33 -15.10 14.69
C PHE F 162 -11.42 -16.03 13.49
N TYR F 163 -12.13 -15.59 12.46
CA TYR F 163 -12.48 -16.47 11.36
C TYR F 163 -11.56 -16.30 10.12
N PRO F 164 -11.90 -15.38 9.19
CA PRO F 164 -11.13 -15.38 7.93
C PRO F 164 -9.63 -15.05 8.10
N GLY F 165 -9.30 -14.15 9.03
CA GLY F 165 -7.90 -13.76 9.25
C GLY F 165 -7.07 -14.87 9.86
N GLN F 166 -7.74 -15.90 10.37
CA GLN F 166 -7.06 -17.08 10.87
C GLN F 166 -7.31 -18.26 9.93
N GLU F 167 -7.73 -17.92 8.71
CA GLU F 167 -8.09 -18.88 7.68
C GLU F 167 -8.96 -20.03 8.17
N ARG F 168 -9.99 -19.68 8.93
CA ARG F 168 -11.04 -20.61 9.28
C ARG F 168 -12.07 -20.65 8.16
N TYR F 169 -12.47 -21.87 7.80
CA TYR F 169 -13.52 -22.07 6.80
C TYR F 169 -14.86 -22.54 7.38
N ASP F 170 -14.88 -22.85 8.68
CA ASP F 170 -16.12 -23.25 9.36
C ASP F 170 -16.99 -22.03 9.61
N THR F 171 -17.45 -21.41 8.52
CA THR F 171 -18.11 -20.13 8.62
C THR F 171 -19.35 -20.12 7.76
N TYR F 172 -20.16 -19.08 7.97
CA TYR F 172 -21.32 -18.79 7.14
C TYR F 172 -21.03 -18.84 5.63
N SER F 173 -19.98 -18.13 5.21
CA SER F 173 -19.61 -18.03 3.80
C SER F 173 -18.79 -19.23 3.32
N GLY F 174 -17.99 -19.80 4.21
CA GLY F 174 -17.07 -20.88 3.87
C GLY F 174 -15.97 -20.45 2.92
N ARG F 175 -15.72 -19.15 2.85
CA ARG F 175 -14.65 -18.63 2.00
C ARG F 175 -13.82 -17.61 2.76
N VAL F 176 -12.63 -17.36 2.21
CA VAL F 176 -11.70 -16.45 2.83
C VAL F 176 -11.21 -15.49 1.75
N VAL F 177 -11.18 -14.20 2.10
CA VAL F 177 -10.71 -13.17 1.16
C VAL F 177 -9.31 -13.49 0.66
N ARG F 178 -9.01 -13.05 -0.57
CA ARG F 178 -7.74 -13.32 -1.24
C ARG F 178 -6.52 -13.19 -0.31
N ARG F 179 -6.44 -12.06 0.39
CA ARG F 179 -5.34 -11.77 1.30
C ARG F 179 -5.02 -12.95 2.23
N PHE F 180 -6.06 -13.64 2.68
CA PHE F 180 -5.90 -14.69 3.68
C PHE F 180 -5.99 -16.13 3.16
N LYS F 181 -6.29 -16.29 1.88
CA LYS F 181 -6.28 -17.62 1.25
C LYS F 181 -4.85 -18.16 1.29
N GLY F 182 -4.69 -19.34 1.89
CA GLY F 182 -3.39 -19.98 2.03
C GLY F 182 -2.48 -19.34 3.08
N SER F 183 -3.02 -18.38 3.83
CA SER F 183 -2.19 -17.62 4.78
C SER F 183 -1.71 -18.46 5.96
N MET F 184 -2.55 -19.36 6.47
CA MET F 184 -2.13 -20.15 7.62
C MET F 184 -0.90 -20.99 7.31
N GLU F 185 -0.91 -21.67 6.16
CA GLU F 185 0.23 -22.48 5.75
C GLU F 185 1.48 -21.63 5.52
N GLU F 186 1.27 -20.40 5.06
CA GLU F 186 2.38 -19.47 4.87
CA GLU F 186 2.39 -19.48 4.88
C GLU F 186 3.03 -19.11 6.22
N TRP F 187 2.20 -18.72 7.20
CA TRP F 187 2.73 -18.42 8.53
C TRP F 187 3.40 -19.66 9.13
N GLN F 188 2.79 -20.83 8.90
CA GLN F 188 3.32 -22.10 9.38
CA GLN F 188 3.32 -22.09 9.39
C GLN F 188 4.73 -22.31 8.85
N ALA F 189 4.90 -22.11 7.54
CA ALA F 189 6.18 -22.25 6.87
C ALA F 189 7.21 -21.26 7.42
N MET F 190 6.73 -20.11 7.89
CA MET F 190 7.59 -19.05 8.45
C MET F 190 7.87 -19.25 9.94
N GLY F 191 7.37 -20.34 10.50
CA GLY F 191 7.67 -20.71 11.88
C GLY F 191 6.80 -20.02 12.91
N VAL F 192 5.75 -19.35 12.45
CA VAL F 192 4.80 -18.70 13.35
C VAL F 192 4.12 -19.78 14.18
N MET F 193 4.03 -19.55 15.49
CA MET F 193 3.56 -20.59 16.40
C MET F 193 2.05 -20.71 16.46
N ASN F 194 1.38 -19.57 16.37
CA ASN F 194 0.00 -19.49 16.84
C ASN F 194 -0.74 -18.25 16.36
N TYR F 195 -2.05 -18.31 16.52
CA TYR F 195 -2.97 -17.21 16.26
C TYR F 195 -3.58 -16.76 17.57
N GLU F 196 -3.68 -15.45 17.75
CA GLU F 196 -4.56 -14.88 18.77
C GLU F 196 -4.97 -13.49 18.26
N MET F 197 -5.60 -12.68 19.10
CA MET F 197 -6.30 -11.50 18.57
C MET F 197 -6.02 -10.14 19.21
N GLU F 198 -5.00 -10.05 20.07
CA GLU F 198 -4.73 -8.79 20.76
C GLU F 198 -3.26 -8.39 20.81
N SER F 199 -2.36 -9.34 20.57
CA SER F 199 -0.93 -9.08 20.81
C SER F 199 -0.31 -8.04 19.88
N ALA F 200 -0.69 -8.03 18.61
CA ALA F 200 -0.13 -7.04 17.67
C ALA F 200 -0.42 -5.63 18.14
N THR F 201 -1.67 -5.38 18.53
CA THR F 201 -2.06 -4.08 19.07
C THR F 201 -1.32 -3.79 20.36
N LEU F 202 -1.40 -4.73 21.31
CA LEU F 202 -0.78 -4.53 22.62
C LEU F 202 0.72 -4.26 22.49
N LEU F 203 1.41 -5.12 21.76
CA LEU F 203 2.86 -5.03 21.65
C LEU F 203 3.29 -3.80 20.89
N THR F 204 2.61 -3.48 19.80
CA THR F 204 2.97 -2.29 19.03
C THR F 204 2.72 -1.01 19.82
N MET F 205 1.56 -0.92 20.45
CA MET F 205 1.22 0.31 21.17
C MET F 205 2.12 0.51 22.38
N CYS F 206 2.55 -0.58 23.00
CA CYS F 206 3.44 -0.45 24.15
C CYS F 206 4.88 -0.14 23.72
N ALA F 207 5.39 -0.89 22.76
CA ALA F 207 6.77 -0.72 22.29
C ALA F 207 7.01 0.65 21.67
N SER F 208 5.96 1.27 21.15
CA SER F 208 6.08 2.57 20.50
C SER F 208 5.72 3.74 21.41
N GLN F 209 5.41 3.45 22.68
CA GLN F 209 5.00 4.49 23.62
C GLN F 209 5.70 4.42 24.99
N GLY F 210 6.76 3.64 25.06
CA GLY F 210 7.56 3.54 26.28
C GLY F 210 6.88 2.77 27.39
N LEU F 211 5.97 1.87 27.02
CA LEU F 211 5.33 0.96 27.96
C LEU F 211 5.89 -0.44 27.76
N ARG F 212 5.97 -1.22 28.84
CA ARG F 212 6.47 -2.58 28.73
C ARG F 212 5.30 -3.55 28.58
N ALA F 213 5.39 -4.44 27.60
CA ALA F 213 4.36 -5.44 27.42
C ALA F 213 4.95 -6.84 27.23
N GLY F 214 4.28 -7.81 27.84
CA GLY F 214 4.57 -9.21 27.63
C GLY F 214 3.30 -9.91 27.18
N MET F 215 3.46 -11.06 26.54
CA MET F 215 2.33 -11.77 25.95
C MET F 215 2.50 -13.27 26.12
N VAL F 216 1.50 -13.88 26.77
CA VAL F 216 1.49 -15.32 26.97
C VAL F 216 0.08 -15.83 26.72
N ALA F 217 -0.02 -17.04 26.19
CA ALA F 217 -1.31 -17.65 25.92
C ALA F 217 -1.26 -19.16 26.11
N GLY F 218 -2.40 -19.72 26.51
CA GLY F 218 -2.55 -21.16 26.59
C GLY F 218 -3.20 -21.67 25.32
N VAL F 219 -2.64 -22.74 24.77
CA VAL F 219 -3.13 -23.32 23.52
C VAL F 219 -4.44 -24.07 23.77
N ILE F 220 -5.51 -23.67 23.08
CA ILE F 220 -6.81 -24.34 23.24
C ILE F 220 -7.22 -25.19 22.03
N VAL F 221 -6.48 -25.04 20.94
CA VAL F 221 -6.70 -25.85 19.74
C VAL F 221 -5.41 -25.91 18.92
N ASN F 222 -5.21 -27.02 18.24
CA ASN F 222 -4.16 -27.09 17.25
C ASN F 222 -4.77 -27.08 15.86
N ARG F 223 -4.47 -26.02 15.10
CA ARG F 223 -5.12 -25.76 13.82
C ARG F 223 -4.69 -26.68 12.68
N THR F 224 -3.58 -27.41 12.87
CA THR F 224 -3.21 -28.43 11.89
C THR F 224 -4.18 -29.61 11.97
N GLN F 225 -4.87 -29.72 13.09
CA GLN F 225 -5.78 -30.83 13.38
C GLN F 225 -7.27 -30.45 13.29
N GLN F 226 -7.60 -29.24 13.73
CA GLN F 226 -9.00 -28.80 13.79
C GLN F 226 -9.14 -27.28 13.88
N GLU F 227 -10.31 -26.78 13.51
CA GLU F 227 -10.60 -25.35 13.53
C GLU F 227 -11.26 -24.89 14.82
N ILE F 228 -12.26 -25.63 15.26
CA ILE F 228 -13.03 -25.22 16.43
C ILE F 228 -12.50 -25.92 17.67
N PRO F 229 -12.07 -25.14 18.67
CA PRO F 229 -11.57 -25.71 19.91
C PRO F 229 -12.69 -26.45 20.64
N ASN F 230 -12.34 -27.58 21.25
CA ASN F 230 -13.23 -28.28 22.18
C ASN F 230 -12.55 -29.49 22.83
N GLU F 238 -6.74 -22.78 30.84
CA GLU F 238 -5.91 -21.58 30.97
C GLU F 238 -5.31 -21.38 32.37
N SER F 239 -5.48 -22.38 33.23
CA SER F 239 -4.93 -22.34 34.60
C SER F 239 -3.40 -22.30 34.61
N HIS F 240 -2.77 -23.15 33.80
CA HIS F 240 -1.31 -23.17 33.63
C HIS F 240 -0.77 -21.79 33.26
N ALA F 241 -1.35 -21.21 32.20
CA ALA F 241 -0.94 -19.91 31.70
C ALA F 241 -1.20 -18.77 32.69
N VAL F 242 -2.31 -18.85 33.42
CA VAL F 242 -2.65 -17.86 34.45
C VAL F 242 -1.63 -17.88 35.60
N LYS F 243 -1.25 -19.07 36.06
CA LYS F 243 -0.23 -19.19 37.10
C LYS F 243 1.08 -18.56 36.62
N ILE F 244 1.39 -18.80 35.35
CA ILE F 244 2.61 -18.26 34.73
C ILE F 244 2.59 -16.74 34.65
N VAL F 245 1.48 -16.17 34.20
CA VAL F 245 1.40 -14.71 34.08
C VAL F 245 1.52 -14.04 35.46
N VAL F 246 0.94 -14.65 36.49
CA VAL F 246 1.02 -14.13 37.85
C VAL F 246 2.46 -14.21 38.36
N GLU F 247 3.11 -15.35 38.12
CA GLU F 247 4.51 -15.54 38.49
C GLU F 247 5.41 -14.55 37.75
N ALA F 248 5.11 -14.29 36.48
CA ALA F 248 5.86 -13.31 35.70
C ALA F 248 5.70 -11.91 36.30
N ALA F 249 4.47 -11.56 36.68
CA ALA F 249 4.17 -10.28 37.33
C ALA F 249 5.04 -10.09 38.58
N ARG F 250 5.18 -11.16 39.37
CA ARG F 250 5.99 -11.12 40.58
CA ARG F 250 6.00 -11.15 40.58
C ARG F 250 7.43 -10.70 40.27
N ARG F 251 7.95 -11.13 39.12
CA ARG F 251 9.31 -10.85 38.70
C ARG F 251 9.50 -9.44 38.14
N LEU F 252 8.39 -8.74 37.85
CA LEU F 252 8.44 -7.46 37.15
C LEU F 252 8.01 -6.27 38.01
N LEU F 253 7.76 -6.52 39.29
CA LEU F 253 7.23 -5.48 40.18
C LEU F 253 8.32 -4.53 40.71
P PO4 G . -21.17 1.84 21.06
O1 PO4 G . -20.82 2.66 19.85
O2 PO4 G . -20.00 0.99 21.49
O3 PO4 G . -21.55 2.74 22.21
O4 PO4 G . -22.35 0.95 20.74
P PO4 H . 2.70 14.56 5.66
P PO4 H . 2.34 11.85 4.66
O1 PO4 H . 3.04 15.98 6.12
O1 PO4 H . 2.07 10.38 4.48
O2 PO4 H . 3.76 14.12 4.68
O2 PO4 H . 2.37 12.19 6.13
O3 PO4 H . 2.70 13.63 6.84
O3 PO4 H . 3.66 12.20 4.03
O4 PO4 H . 1.34 14.56 5.00
O4 PO4 H . 1.24 12.65 3.99
N1 TDR I . -17.80 6.45 20.44
N1 TDR I . -17.90 8.85 21.35
C2 TDR I . -16.75 6.33 19.61
C2 TDR I . -16.78 9.44 20.91
O2 TDR I . -16.56 5.23 19.06
O2 TDR I . -16.57 10.63 21.22
N3 TDR I . -15.90 7.35 19.38
N3 TDR I . -15.86 8.78 20.18
C4 TDR I . -16.11 8.53 19.98
C4 TDR I . -16.07 7.50 19.86
O4 TDR I . -15.34 9.49 19.79
O4 TDR I . -15.24 6.87 19.17
C5 TDR I . -17.26 8.69 20.88
C5 TDR I . -17.31 6.83 20.31
CM5 TDR I . -17.53 9.99 21.58
CM5 TDR I . -17.60 5.40 19.98
C6 TDR I . -18.10 7.59 21.08
C6 TDR I . -18.21 7.58 21.07
C1 GOL J . -26.05 4.64 -0.36
O1 GOL J . -26.62 5.89 -0.64
C2 GOL J . -26.47 4.22 1.04
O2 GOL J . -25.40 3.57 1.69
C3 GOL J . -27.67 3.27 0.96
O3 GOL J . -27.21 1.96 0.72
P PO4 K . 28.47 -2.43 10.05
O1 PO4 K . 29.59 -1.56 10.56
O2 PO4 K . 28.76 -3.85 10.46
O3 PO4 K . 27.16 -1.98 10.64
O4 PO4 K . 28.41 -2.33 8.55
N1 TDR L . 25.91 2.84 10.47
C2 TDR L . 24.70 2.83 9.89
O2 TDR L . 24.35 1.77 9.32
N3 TDR L . 23.87 3.90 9.93
C4 TDR L . 24.31 5.01 10.55
O4 TDR L . 23.60 6.04 10.64
C5 TDR L . 25.63 5.05 11.20
CM5 TDR L . 26.14 6.27 11.89
C6 TDR L . 26.41 3.91 11.11
OH2 1PE M . 19.02 22.09 11.26
C12 1PE M . 20.45 22.07 11.27
C22 1PE M . 20.94 21.66 12.66
OH3 1PE M . 22.00 20.72 12.53
C13 1PE M . 22.46 18.74 13.83
C23 1PE M . 22.45 20.27 13.81
OH4 1PE M . 21.59 18.28 14.85
C14 1PE M . 19.71 16.82 15.30
C24 1PE M . 20.98 17.03 14.50
OH5 1PE M . 18.58 17.40 14.62
C15 1PE M . 16.60 16.90 13.33
C25 1PE M . 18.04 16.54 13.63
OH6 1PE M . 16.00 15.84 12.58
C16 1PE M . 14.01 14.59 13.11
C26 1PE M . 14.58 15.90 12.58
OH7 1PE M . 12.89 14.20 12.33
C1 GOL N . 20.08 19.19 -7.02
O1 GOL N . 19.61 17.87 -6.86
C2 GOL N . 21.12 19.51 -5.96
O2 GOL N . 22.38 19.10 -6.39
C3 GOL N . 21.13 21.02 -5.70
O3 GOL N . 22.26 21.35 -4.92
P PO4 O . -4.01 15.98 -25.02
O1 PO4 O . -4.19 17.43 -25.41
O2 PO4 O . -3.64 15.19 -26.25
O3 PO4 O . -2.92 15.85 -23.98
O4 PO4 O . -5.31 15.48 -24.44
N1 TDR P . -2.68 18.95 -20.08
N1 TDR P . -2.19 21.59 -19.40
C2 TDR P . -2.73 18.24 -18.93
C2 TDR P . -1.95 21.50 -18.09
O2 TDR P . -2.96 17.01 -19.00
O2 TDR P . -1.57 22.52 -17.49
N3 TDR P . -2.52 18.80 -17.74
N3 TDR P . -2.11 20.36 -17.41
C4 TDR P . -2.26 20.12 -17.65
C4 TDR P . -2.52 19.24 -18.04
O4 TDR P . -2.06 20.67 -16.55
O4 TDR P . -2.67 18.17 -17.42
C5 TDR P . -2.21 20.92 -18.89
C5 TDR P . -2.79 19.32 -19.49
CM5 TDR P . -1.93 22.39 -18.83
CM5 TDR P . -3.27 18.13 -20.28
C6 TDR P . -2.44 20.27 -20.10
C6 TDR P . -2.61 20.54 -20.13
C1 GOL Q . 16.08 5.57 -21.33
O1 GOL Q . 16.17 6.98 -21.40
C2 GOL Q . 14.71 5.10 -21.81
O2 GOL Q . 13.71 6.01 -21.41
C3 GOL Q . 14.70 4.95 -23.32
O3 GOL Q . 13.39 4.63 -23.74
P PO4 R . 27.58 -6.96 -10.46
O1 PO4 R . 28.27 -5.70 -10.91
O2 PO4 R . 28.36 -8.15 -10.93
O3 PO4 R . 27.51 -6.97 -8.96
O4 PO4 R . 26.18 -7.00 -11.03
N1 TDR S . 23.48 -11.16 -10.69
N1 TDR S . 23.28 -13.29 -12.06
C2 TDR S . 22.26 -10.84 -10.22
C2 TDR S . 22.08 -13.78 -11.69
O2 TDR S . 22.14 -9.74 -9.63
O2 TDR S . 21.73 -14.87 -12.15
N3 TDR S . 21.19 -11.63 -10.37
N3 TDR S . 21.28 -13.13 -10.84
C4 TDR S . 21.33 -12.81 -11.02
C4 TDR S . 21.65 -11.95 -10.33
O4 TDR S . 20.38 -13.59 -11.19
O4 TDR S . 20.92 -11.32 -9.54
C5 TDR S . 22.67 -13.19 -11.54
C5 TDR S . 22.97 -11.40 -10.73
CM5 TDR S . 22.85 -14.49 -12.26
CM5 TDR S . 23.45 -10.07 -10.18
C6 TDR S . 23.72 -12.31 -11.34
C6 TDR S . 23.75 -12.12 -11.61
P PO4 T . -21.26 4.83 -20.39
O1 PO4 T . -19.92 5.31 -20.86
O2 PO4 T . -21.93 4.07 -21.50
O3 PO4 T . -21.08 3.93 -19.19
O4 PO4 T . -22.13 6.00 -20.02
N1 TDR U . -19.30 -0.63 -19.72
N1 TDR U . -20.16 -2.85 -20.59
C2 TDR U . -18.21 -0.80 -18.94
C2 TDR U . -19.25 -3.76 -20.18
O2 TDR U . -17.71 0.21 -18.40
O2 TDR U . -19.44 -4.95 -20.48
N3 TDR U . -17.65 -2.01 -18.73
N3 TDR U . -18.17 -3.43 -19.47
C4 TDR U . -18.20 -3.10 -19.32
C4 TDR U . -17.96 -2.14 -19.14
O4 TDR U . -17.72 -4.24 -19.17
O4 TDR U . -16.96 -1.80 -18.48
C5 TDR U . -19.38 -2.93 -20.18
C5 TDR U . -18.93 -1.12 -19.59
CM5 TDR U . -20.01 -4.11 -20.85
CM5 TDR U . -18.75 0.33 -19.26
C6 TDR U . -19.90 -1.66 -20.34
C6 TDR U . -20.03 -1.55 -20.32
C1 GOL V . -16.09 -16.37 -18.50
O1 GOL V . -16.65 -16.38 -17.21
C2 GOL V . -17.21 -16.36 -19.54
O2 GOL V . -17.79 -17.65 -19.60
C3 GOL V . -16.64 -15.97 -20.90
O3 GOL V . -16.14 -17.11 -21.57
P PO4 W . -8.39 -14.27 25.42
O1 PO4 W . -7.87 -13.66 26.70
O2 PO4 W . -7.27 -14.45 24.43
O3 PO4 W . -8.99 -15.60 25.75
O4 PO4 W . -9.46 -13.38 24.82
P PO4 X . -1.96 -12.96 -4.67
P PO4 X . -1.67 -12.68 -4.44
O1 PO4 X . -1.93 -11.55 -4.09
O1 PO4 X . -1.77 -14.12 -4.90
O2 PO4 X . -0.83 -13.76 -4.07
O2 PO4 X . -0.42 -12.50 -3.62
O3 PO4 X . -3.27 -13.62 -4.33
O3 PO4 X . -1.64 -11.76 -5.63
O4 PO4 X . -1.80 -12.90 -6.17
O4 PO4 X . -2.87 -12.35 -3.58
N1 TDR Y . -8.34 -17.20 20.48
N1 TDR Y . -7.87 -19.46 19.85
C2 TDR Y . -8.00 -16.55 19.35
C2 TDR Y . -8.15 -19.72 18.57
O2 TDR Y . -7.80 -15.32 19.42
O2 TDR Y . -8.16 -20.90 18.18
N3 TDR Y . -7.86 -17.18 18.17
N3 TDR Y . -8.44 -18.74 17.69
C4 TDR Y . -8.07 -18.51 18.10
C4 TDR Y . -8.43 -17.46 18.08
O4 TDR Y . -7.97 -19.14 17.04
O4 TDR Y . -8.69 -16.54 17.30
C5 TDR Y . -8.46 -19.24 19.33
C5 TDR Y . -8.11 -17.16 19.49
CM5 TDR Y . -8.70 -20.73 19.26
CM5 TDR Y . -8.10 -15.73 19.98
C6 TDR Y . -8.57 -18.52 20.50
C6 TDR Y . -7.83 -18.21 20.34
C1 GOL Z . 13.31 -10.69 20.94
O1 GOL Z . 13.62 -11.92 21.54
C2 GOL Z . 12.69 -9.74 21.95
O2 GOL Z . 13.57 -9.57 23.04
C3 GOL Z . 11.34 -10.26 22.43
O3 GOL Z . 11.07 -9.78 23.74
#